data_6O7I
#
_entry.id   6O7I
#
loop_
_entity.id
_entity.type
_entity.pdbx_description
1 polymer 'CRISPR system single-strand-specific deoxyribonuclease Cas10/Csm1 (subtype III-A)'
2 polymer Csm2
3 polymer Csm3
4 polymer Csm4
5 polymer 'RNA (38-MER)'
6 polymer 'RNA (40-MER)'
7 polymer "RNA (5'-R(P*AP*AP*AP*A)-3')"
8 polymer Csm5
9 non-polymer 'ZINC ION'
#
loop_
_entity_poly.entity_id
_entity_poly.type
_entity_poly.pdbx_seq_one_letter_code
_entity_poly.pdbx_strand_id
1 'polypeptide(L)'
;MGSSHHHHHHSQDPMEIDELTALGGLLHDIGKPVQRAGLYSGDHSTQGARFLRDLAENTGRAEYELLSLFSEFHHKGHMK
NDELMIRRIKELSPERFGLTMEDVLNALWIVYEADNLASGEREEGQPQASRPLYSVFNPGKAYPWAELDFEKELPVPGDV
FSIRSQDYRELVKRLWEELSKAKLRSDRLLPVLEKYLTFVSSVTSEGNIISLYDHMRMTSAIALAMLRAGCTAEDVRSGR
CRKEKRFLLIEGDFSGIQDFIYRVSGKGTLKYLRARSAYLELIGWDVVLEILSRLGLTRANVVFNAGGHFMIIAQNTPDA
VKELEEIRAKAVEWLYREFESDLYLAIEWEPVSGREFGREGGKNLFAEARKRLKHKLTVRKLKRFGEIKGLFEHGHTERL
AECPVCGRELPEGKLEPSASDPETKVCPTCNRLVSLGGNLPKLLGFGRTAKNDAGVLVEGPFSGFVPYLQGGRPVGEQIL
VKNTLNPGEIPESAQFVPYFVADYFKKDPKGGVATFEELSMASTGTRRLGVMKGDVDRLGEFFSSMDSPSKLATASRFMD
YFFKGYIGAIIEGKFGYIIGDVPSLRDWPEEPDIVVVYAGGDAFFIVGAWDQIFELAFRVRRAFNAYTGGKLTLSVGLGY
FDERTPIYRMADVVSERLDTAKDEGRNRVFVVGRSRPLDGKHKLSYEWNHYEELWRTYAPRIYAGNGRLKGKLESKKGLL
WKLLEIRELYVRDPNDVRWAYLTAYLLGRHGLSDLFPELVGIDTKAVERKEPQPVYWVDGVLKIVLMAVRR
;
A
2 'polypeptide(L)'
;SMAYHQKHGGYGRGGYGRQDRPQVDASRLFGESPDVVGIKKMLEGKGKQWEAIQPYFDNVVREAKNFLEWSPNKRLANAV
TVAAYLTSQGLKTNQVRKILDMARTTELKVKRGEGDIKDDLVKMRYLLAYTVGKATGQSKYSLDAFHRILDPMLEVLMGS
PKKENFEKFYDFLQAVVAYHKFFGGGD
;
B,J
3 'polypeptide(L)'
;SMDRRFYGKIVIKGKIKAVTGLHIGSQRDISEIGGIDNPVIKDPHTGLPYIPGSSLKGRLRSLFEILVNSRLGEWREKYP
SLANYSPGSCRPDNQENCGKFFNRKINRGWIHVCPDYETALACPVCRLFGASGKESNFPSRIIVRDAFLTKEWEEKWRAG
EAITEAKIEVGIDRVTSQANPRTNERVVAGAEFEFEIIYNVENTTHWRDDIKNLLTAMALLEDSYLGGSGSRGYGKVKFI
FDSFEFRPLDYYRTGKDEDIVSIDAREKSVSDILSGFDSLFSEVEGKLEAG
;
C,D,K
4 'polypeptide(L)'
;MPKFIAVKLIPKGPFRDIPRADTLFGAIGNAISAIHGQSAVEELVDAFVGGARISSAFPYSGDTYYLPKPLSVEPALEGI
LTGLDEEERYTTAKRLRKAKYLDLKNFELALRLRPFTIPEEIPYARVDVPRVVLDRVTQDSSIYFWEEIRFREKSGVYFL
YSGPREVFDGYIAPAMRFLGDTGIGGKSTWGAGLFEVEFHEMKIDAPGSEYSVTLSNALPTKTPVLWRLLRKGGWSFGRR
KPRMTFIAEGSIVKNDPGGMERLELGLSHEVYVYGLTFPLGVELPEGLE
;
E
5 'polyribonucleotide' GUGGAAAGGCGGGCAGAGGCGGUUUGCGUAUUGGGCGC G
6 'polyribonucleotide' CCCUGGCGCCCAAUACGCAAACCGCCUCUGCCCGCGGGCG H
7 'polyribonucleotide' AAAA I
8 'polypeptide(L)'
;MTERTLKVLSPLHIGTGNELTPVDIYPRENIIHVLDTER(UNK)(UNK)(UNK)(UNK)(UNK)(UNK)(UNK)(UNK)
(UNK)(UNK)(UNK)(UNK)(UNK)(UNK)(UNK)(UNK)(UNK)(UNK)(UNK)(UNK)(UNK)(UNK)(UNK)(UNK)
(UNK)(UNK)(UNK)(UNK)(UNK)(UNK)(UNK)(UNK)(UNK)(UNK)(UNK)(UNK)(UNK)(UNK)(UNK)(UNK)
(UNK)(UNK)(UNK)(UNK)(UNK)(UNK)(UNK)(UNK)(UNK)RKSMQIKEFIKLNGRPYIPGSSLKGAIRTAVLYKA
LKEC(UNK)(UNK)(UNK)(UNK)(UNK)(UNK)(UNK)(UNK)(UNK)(UNK)(UNK)(UNK)(UNK)(UNK)(UNK)
(UNK)(UNK)(UNK)(UNK)(UNK)(UNK)(UNK)(UNK)(UNK)(UNK)(UNK)(UNK)(UNK)(UNK)(UNK)(UNK)
(UNK)(UNK)(UNK)(UNK)(UNK)(UNK)(UNK)(UNK)(UNK)(UNK)(UNK)(UNK)(UNK)IRYEPKRDPMKALIV
RDSKPVGRKHLAVYHVEVIGNPQPIPIWVEAIEPGAATDVEIHVDTEALRLNADYFNGLLWECLKERGEPGEVFEDFLWE
AVDEFYTAVMKYETIEVQKFGRYTSQVRSFYASLEDHSGHVLRLGWGSGWLAMTIGLLLVEKGYKWENVRKKLGLGKKPG
GSGFSREFPKTRRLADGMPMGWVVLEHHHHHH
;
F
#
loop_
_chem_comp.id
_chem_comp.type
_chem_comp.name
_chem_comp.formula
A RNA linking ADENOSINE-5'-MONOPHOSPHATE 'C10 H14 N5 O7 P'
C RNA linking CYTIDINE-5'-MONOPHOSPHATE 'C9 H14 N3 O8 P'
G RNA linking GUANOSINE-5'-MONOPHOSPHATE 'C10 H14 N5 O8 P'
U RNA linking URIDINE-5'-MONOPHOSPHATE 'C9 H13 N2 O9 P'
ZN non-polymer 'ZINC ION' 'Zn 2'
#
# COMPACT_ATOMS: atom_id res chain seq x y z
N GLU A 16 -71.57 -31.34 12.64
CA GLU A 16 -70.63 -32.40 12.29
C GLU A 16 -69.71 -32.76 13.44
N ILE A 17 -69.52 -34.07 13.67
CA ILE A 17 -68.73 -34.50 14.81
C ILE A 17 -67.24 -34.29 14.55
N ASP A 18 -66.81 -34.35 13.28
CA ASP A 18 -65.40 -34.25 12.96
C ASP A 18 -64.86 -32.83 13.09
N GLU A 19 -65.73 -31.84 13.20
CA GLU A 19 -65.28 -30.51 13.54
C GLU A 19 -65.66 -30.10 14.95
N LEU A 20 -66.70 -30.70 15.51
CA LEU A 20 -67.03 -30.52 16.91
C LEU A 20 -65.95 -31.07 17.82
N THR A 21 -65.31 -32.16 17.40
CA THR A 21 -64.25 -32.76 18.21
C THR A 21 -63.03 -31.85 18.25
N ALA A 22 -62.64 -31.29 17.11
CA ALA A 22 -61.49 -30.40 17.07
C ALA A 22 -61.78 -29.09 17.78
N LEU A 23 -63.01 -28.58 17.68
CA LEU A 23 -63.36 -27.38 18.44
C LEU A 23 -63.46 -27.65 19.93
N GLY A 24 -63.91 -28.84 20.33
CA GLY A 24 -64.00 -29.14 21.74
C GLY A 24 -62.63 -29.34 22.37
N GLY A 25 -61.71 -29.97 21.62
CA GLY A 25 -60.34 -30.04 22.07
C GLY A 25 -59.60 -28.74 21.89
N LEU A 26 -60.18 -27.77 21.21
CA LEU A 26 -59.52 -26.49 21.07
C LEU A 26 -60.04 -25.47 22.08
N LEU A 27 -61.15 -25.74 22.76
CA LEU A 27 -61.77 -24.78 23.66
C LEU A 27 -62.12 -25.44 24.99
N HIS A 28 -61.24 -26.29 25.49
CA HIS A 28 -61.52 -26.96 26.76
C HIS A 28 -60.65 -26.47 27.90
N ASP A 29 -59.43 -26.03 27.60
CA ASP A 29 -58.59 -25.33 28.55
C ASP A 29 -58.66 -23.83 28.34
N ILE A 30 -59.78 -23.32 27.83
CA ILE A 30 -60.00 -21.89 27.67
C ILE A 30 -60.51 -21.38 29.00
N GLY A 31 -60.87 -22.30 29.89
CA GLY A 31 -61.30 -21.91 31.21
C GLY A 31 -60.14 -21.55 32.12
N LYS A 32 -58.91 -21.69 31.64
CA LYS A 32 -57.79 -21.32 32.47
C LYS A 32 -57.54 -19.80 32.51
N PRO A 33 -57.53 -19.04 31.40
CA PRO A 33 -57.39 -17.58 31.56
C PRO A 33 -58.55 -16.93 32.29
N VAL A 34 -59.78 -17.45 32.15
CA VAL A 34 -60.88 -16.85 32.91
C VAL A 34 -60.85 -17.23 34.37
N GLN A 35 -60.04 -18.20 34.76
CA GLN A 35 -59.87 -18.53 36.17
C GLN A 35 -58.67 -17.85 36.80
N ARG A 36 -57.59 -17.62 36.03
CA ARG A 36 -56.54 -16.73 36.51
C ARG A 36 -57.05 -15.30 36.67
N ALA A 37 -58.01 -14.90 35.82
CA ALA A 37 -58.61 -13.58 35.94
C ALA A 37 -59.48 -13.45 37.18
N GLY A 38 -60.03 -14.56 37.66
CA GLY A 38 -60.85 -14.52 38.85
C GLY A 38 -62.20 -13.87 38.64
N LEU A 39 -62.89 -14.20 37.55
CA LEU A 39 -64.22 -13.67 37.34
C LEU A 39 -65.25 -14.45 38.14
N TYR A 40 -65.35 -15.74 37.87
CA TYR A 40 -66.47 -16.53 38.34
C TYR A 40 -66.15 -17.39 39.54
N ASP A 43 -63.41 -23.33 40.53
CA ASP A 43 -63.47 -24.79 40.40
C ASP A 43 -62.73 -25.16 39.12
N HIS A 44 -62.23 -24.12 38.43
CA HIS A 44 -61.30 -24.14 37.31
C HIS A 44 -61.92 -24.65 36.01
N SER A 45 -63.06 -25.32 36.10
CA SER A 45 -63.76 -25.85 34.95
C SER A 45 -65.19 -25.34 34.87
N THR A 46 -65.95 -25.44 35.96
CA THR A 46 -67.27 -24.85 36.01
C THR A 46 -67.18 -23.34 35.94
N GLN A 47 -66.16 -22.78 36.58
CA GLN A 47 -65.78 -21.38 36.45
C GLN A 47 -65.03 -21.09 35.16
N GLY A 48 -64.94 -22.07 34.26
CA GLY A 48 -64.48 -21.82 32.92
C GLY A 48 -65.56 -22.14 31.92
N ALA A 49 -66.52 -22.96 32.33
CA ALA A 49 -67.66 -23.24 31.48
C ALA A 49 -68.75 -22.17 31.60
N ARG A 50 -68.74 -21.39 32.69
CA ARG A 50 -69.59 -20.20 32.74
C ARG A 50 -69.26 -19.22 31.63
N PHE A 51 -68.00 -19.18 31.20
CA PHE A 51 -67.57 -18.34 30.09
C PHE A 51 -68.28 -18.72 28.79
N LEU A 52 -68.20 -20.00 28.42
CA LEU A 52 -68.83 -20.45 27.18
C LEU A 52 -70.35 -20.39 27.28
N ARG A 53 -70.89 -20.76 28.44
CA ARG A 53 -72.33 -20.76 28.65
C ARG A 53 -72.88 -19.34 28.54
N ASP A 54 -72.16 -18.37 29.10
CA ASP A 54 -72.57 -16.98 29.03
C ASP A 54 -72.40 -16.43 27.62
N LEU A 55 -71.34 -16.86 26.91
CA LEU A 55 -71.11 -16.36 25.57
C LEU A 55 -72.07 -16.97 24.55
N ALA A 56 -72.68 -18.11 24.87
CA ALA A 56 -73.53 -18.78 23.89
C ALA A 56 -74.83 -18.03 23.64
N GLU A 57 -75.34 -17.30 24.62
CA GLU A 57 -76.60 -16.60 24.43
C GLU A 57 -76.42 -15.39 23.53
N ASN A 58 -75.62 -14.43 23.97
CA ASN A 58 -75.42 -13.20 23.22
C ASN A 58 -74.26 -13.33 22.25
N THR A 59 -74.45 -12.75 21.06
CA THR A 59 -73.47 -12.67 19.98
C THR A 59 -72.98 -14.07 19.59
N GLY A 60 -73.92 -14.82 19.04
CA GLY A 60 -73.67 -16.17 18.63
C GLY A 60 -74.92 -17.01 18.77
N ARG A 61 -74.72 -18.32 18.69
CA ARG A 61 -75.84 -19.25 18.74
C ARG A 61 -75.59 -20.29 19.82
N ALA A 62 -76.38 -21.35 19.81
CA ALA A 62 -76.15 -22.47 20.71
C ALA A 62 -74.97 -23.34 20.31
N GLU A 63 -74.25 -22.97 19.23
CA GLU A 63 -72.99 -23.62 18.87
C GLU A 63 -72.01 -23.59 20.03
N TYR A 64 -71.87 -22.43 20.68
CA TYR A 64 -71.02 -22.31 21.86
C TYR A 64 -71.61 -22.98 23.08
N GLU A 65 -72.91 -23.29 23.07
CA GLU A 65 -73.51 -23.86 24.27
C GLU A 65 -73.11 -25.31 24.45
N LEU A 66 -73.01 -26.06 23.36
CA LEU A 66 -72.61 -27.45 23.46
C LEU A 66 -71.13 -27.60 23.74
N LEU A 67 -70.33 -26.59 23.41
CA LEU A 67 -68.90 -26.65 23.62
C LEU A 67 -68.48 -26.40 25.06
N SER A 68 -69.41 -26.15 25.96
CA SER A 68 -69.08 -26.09 27.37
C SER A 68 -69.03 -27.46 28.01
N LEU A 69 -69.55 -28.48 27.32
CA LEU A 69 -69.41 -29.85 27.79
C LEU A 69 -67.95 -30.26 27.89
N PHE A 70 -67.14 -29.85 26.91
CA PHE A 70 -65.73 -30.19 26.89
C PHE A 70 -64.92 -29.49 27.96
N SER A 71 -65.44 -28.41 28.54
CA SER A 71 -64.78 -27.75 29.65
C SER A 71 -65.29 -28.23 30.99
N GLU A 72 -66.58 -28.57 31.08
CA GLU A 72 -67.10 -29.18 32.30
C GLU A 72 -66.53 -30.56 32.55
N PHE A 73 -66.13 -31.27 31.50
CA PHE A 73 -65.87 -32.69 31.61
C PHE A 73 -64.51 -33.07 31.05
N HIS A 74 -63.47 -32.39 31.53
CA HIS A 74 -62.10 -32.85 31.33
C HIS A 74 -61.37 -32.69 32.66
N HIS A 75 -60.12 -33.19 32.70
CA HIS A 75 -59.23 -33.13 33.86
C HIS A 75 -59.84 -33.75 35.11
N LYS A 76 -60.62 -34.82 34.93
CA LYS A 76 -61.02 -35.76 35.98
C LYS A 76 -61.84 -35.08 37.08
N GLY A 77 -62.51 -33.98 36.78
CA GLY A 77 -63.22 -33.22 37.77
C GLY A 77 -64.67 -33.63 37.89
N HIS A 78 -65.32 -33.89 36.75
CA HIS A 78 -66.74 -34.17 36.73
C HIS A 78 -67.15 -35.37 35.89
N MET A 79 -66.28 -35.92 35.05
CA MET A 79 -66.66 -37.05 34.21
C MET A 79 -66.47 -38.36 34.99
N LYS A 80 -67.32 -38.52 36.00
CA LYS A 80 -67.36 -39.69 36.85
C LYS A 80 -68.68 -40.41 36.68
N ASN A 81 -68.62 -41.75 36.77
CA ASN A 81 -69.75 -42.67 36.89
C ASN A 81 -70.66 -42.74 35.67
N ASP A 82 -70.39 -41.90 34.67
CA ASP A 82 -71.19 -41.74 33.45
C ASP A 82 -72.66 -41.51 33.76
N GLU A 83 -72.93 -40.58 34.68
CA GLU A 83 -74.33 -40.15 34.80
C GLU A 83 -74.50 -38.64 34.92
N LEU A 84 -73.54 -37.90 35.48
CA LEU A 84 -73.67 -36.44 35.55
C LEU A 84 -73.62 -35.81 34.18
N MET A 85 -72.98 -36.48 33.22
CA MET A 85 -73.04 -36.02 31.84
C MET A 85 -74.45 -36.16 31.28
N ILE A 86 -75.20 -37.18 31.73
CA ILE A 86 -76.41 -37.59 31.05
C ILE A 86 -77.56 -36.64 31.32
N ARG A 87 -77.74 -36.20 32.57
CA ARG A 87 -78.80 -35.23 32.88
C ARG A 87 -78.53 -33.89 32.21
N ARG A 88 -77.27 -33.46 32.15
CA ARG A 88 -76.94 -32.20 31.50
C ARG A 88 -77.06 -32.30 30.00
N ILE A 89 -76.75 -33.47 29.43
CA ILE A 89 -76.77 -33.62 27.98
C ILE A 89 -78.19 -33.88 27.50
N LYS A 90 -79.07 -34.30 28.40
CA LYS A 90 -80.50 -34.26 28.10
C LYS A 90 -81.02 -32.84 28.24
N GLU A 91 -80.44 -32.09 29.17
CA GLU A 91 -80.81 -30.68 29.36
C GLU A 91 -80.44 -29.83 28.16
N LEU A 92 -79.48 -30.27 27.33
CA LEU A 92 -79.26 -29.66 26.03
C LEU A 92 -79.82 -30.55 24.93
N SER A 93 -79.84 -30.01 23.72
CA SER A 93 -80.50 -30.65 22.61
C SER A 93 -79.48 -31.16 21.61
N PRO A 94 -79.18 -32.46 21.59
CA PRO A 94 -78.29 -32.99 20.55
C PRO A 94 -78.94 -33.04 19.18
N GLU A 95 -80.27 -33.09 19.11
CA GLU A 95 -80.94 -33.20 17.82
C GLU A 95 -81.03 -31.87 17.07
N ARG A 96 -80.91 -30.74 17.77
CA ARG A 96 -80.93 -29.45 17.09
C ARG A 96 -79.72 -29.28 16.19
N PHE A 97 -78.59 -29.83 16.59
CA PHE A 97 -77.40 -29.87 15.75
C PHE A 97 -77.30 -31.18 14.99
N GLY A 98 -78.19 -32.12 15.26
CA GLY A 98 -78.18 -33.41 14.61
C GLY A 98 -77.23 -34.41 15.21
N LEU A 99 -76.57 -34.07 16.31
CA LEU A 99 -75.64 -35.00 16.93
C LEU A 99 -76.40 -36.07 17.69
N THR A 100 -75.76 -37.24 17.79
CA THR A 100 -76.31 -38.39 18.47
C THR A 100 -75.88 -38.35 19.94
N MET A 101 -76.71 -38.97 20.79
CA MET A 101 -76.29 -39.26 22.17
C MET A 101 -75.02 -40.09 22.22
N GLU A 102 -74.80 -40.97 21.24
CA GLU A 102 -73.54 -41.69 21.15
C GLU A 102 -72.38 -40.77 20.81
N ASP A 103 -72.59 -39.86 19.86
CA ASP A 103 -71.46 -39.19 19.20
C ASP A 103 -70.79 -38.16 20.09
N VAL A 104 -71.56 -37.29 20.72
CA VAL A 104 -70.93 -36.25 21.51
C VAL A 104 -70.41 -36.80 22.84
N LEU A 105 -71.08 -37.83 23.38
CA LEU A 105 -70.56 -38.54 24.54
C LEU A 105 -69.29 -39.31 24.19
N ASN A 106 -69.12 -39.72 22.94
CA ASN A 106 -67.85 -40.27 22.48
C ASN A 106 -66.79 -39.19 22.35
N ALA A 107 -67.19 -38.02 21.84
CA ALA A 107 -66.23 -36.96 21.59
C ALA A 107 -65.67 -36.38 22.88
N LEU A 108 -66.43 -36.43 23.97
CA LEU A 108 -65.90 -36.04 25.26
C LEU A 108 -64.75 -36.92 25.71
N TRP A 109 -64.91 -38.25 25.58
CA TRP A 109 -63.84 -39.17 25.95
C TRP A 109 -62.63 -39.02 25.02
N ILE A 110 -62.89 -38.75 23.73
CA ILE A 110 -61.79 -38.60 22.79
C ILE A 110 -60.98 -37.33 23.07
N VAL A 111 -61.66 -36.21 23.35
CA VAL A 111 -60.97 -34.98 23.76
C VAL A 111 -60.23 -35.18 25.07
N TYR A 112 -60.79 -35.98 25.98
CA TYR A 112 -60.13 -36.26 27.25
C TYR A 112 -58.81 -37.00 27.06
N GLU A 113 -58.80 -38.09 26.29
CA GLU A 113 -57.53 -38.78 26.07
C GLU A 113 -56.59 -37.99 25.18
N ALA A 114 -57.13 -37.11 24.33
CA ALA A 114 -56.27 -36.24 23.54
C ALA A 114 -55.47 -35.31 24.43
N ASP A 115 -56.15 -34.65 25.37
CA ASP A 115 -55.51 -33.83 26.39
C ASP A 115 -54.56 -34.64 27.26
N ASN A 116 -54.93 -35.89 27.56
CA ASN A 116 -54.09 -36.74 28.40
C ASN A 116 -52.77 -37.03 27.74
N LEU A 117 -52.80 -37.69 26.58
CA LEU A 117 -51.55 -38.10 25.96
C LEU A 117 -50.90 -36.99 25.14
N ALA A 118 -51.48 -35.79 25.13
CA ALA A 118 -50.75 -34.65 24.61
C ALA A 118 -50.04 -33.86 25.70
N SER A 119 -50.63 -33.78 26.89
CA SER A 119 -49.97 -33.04 27.98
C SER A 119 -48.82 -33.84 28.58
N GLY A 120 -49.14 -34.98 29.19
CA GLY A 120 -48.13 -35.83 29.80
C GLY A 120 -48.69 -36.88 30.74
N PRO A 132 -47.03 -17.73 34.88
CA PRO A 132 -46.03 -17.07 34.03
C PRO A 132 -45.32 -18.03 33.09
N LEU A 133 -45.30 -17.72 31.80
CA LEU A 133 -44.73 -18.61 30.81
C LEU A 133 -43.22 -18.55 30.89
N TYR A 134 -42.60 -19.63 31.35
CA TYR A 134 -41.15 -19.68 31.36
C TYR A 134 -40.64 -19.99 29.97
N SER A 135 -39.46 -19.47 29.66
CA SER A 135 -38.96 -19.53 28.30
C SER A 135 -38.45 -20.92 27.97
N VAL A 136 -38.69 -21.36 26.74
CA VAL A 136 -38.35 -22.71 26.32
C VAL A 136 -36.84 -22.89 26.23
N PHE A 137 -36.07 -21.80 26.15
CA PHE A 137 -34.62 -21.84 26.01
C PHE A 137 -33.94 -21.81 27.38
N ASN A 138 -34.15 -20.73 28.15
CA ASN A 138 -33.88 -20.76 29.58
C ASN A 138 -35.18 -20.92 30.34
N PRO A 139 -35.46 -22.09 30.92
CA PRO A 139 -36.67 -22.24 31.73
C PRO A 139 -36.60 -21.54 33.06
N GLY A 140 -35.44 -21.02 33.46
CA GLY A 140 -35.35 -20.23 34.67
C GLY A 140 -35.87 -18.81 34.54
N LYS A 141 -36.12 -18.37 33.31
CA LYS A 141 -36.62 -17.03 33.05
C LYS A 141 -38.01 -17.09 32.44
N ALA A 142 -38.83 -16.09 32.73
CA ALA A 142 -40.23 -16.08 32.34
C ALA A 142 -40.48 -14.97 31.33
N TYR A 143 -41.69 -14.98 30.76
CA TYR A 143 -42.12 -13.94 29.86
C TYR A 143 -43.15 -13.03 30.52
N PRO A 144 -43.07 -11.73 30.30
CA PRO A 144 -44.20 -10.87 30.60
C PRO A 144 -45.33 -11.17 29.64
N TRP A 145 -46.56 -10.96 30.10
CA TRP A 145 -47.71 -11.17 29.22
C TRP A 145 -47.71 -10.13 28.11
N ALA A 146 -48.03 -10.58 26.91
CA ALA A 146 -48.22 -9.67 25.80
C ALA A 146 -49.18 -10.29 24.81
N GLU A 147 -49.56 -9.49 23.83
CA GLU A 147 -50.13 -9.99 22.60
C GLU A 147 -49.01 -10.22 21.60
N LEU A 148 -49.37 -10.80 20.47
CA LEU A 148 -48.40 -11.16 19.44
C LEU A 148 -48.72 -10.38 18.18
N ASP A 149 -47.93 -9.36 17.90
CA ASP A 149 -48.14 -8.55 16.70
C ASP A 149 -46.87 -8.16 15.95
N PHE A 150 -45.68 -8.52 16.46
CA PHE A 150 -44.37 -8.33 15.84
C PHE A 150 -44.06 -6.87 15.55
N GLU A 151 -44.65 -5.94 16.30
CA GLU A 151 -44.47 -4.53 16.02
C GLU A 151 -44.12 -3.73 17.27
N LYS A 152 -44.11 -4.35 18.44
CA LYS A 152 -43.79 -3.68 19.68
C LYS A 152 -43.43 -4.76 20.68
N GLU A 153 -42.47 -4.46 21.56
CA GLU A 153 -42.15 -5.25 22.75
C GLU A 153 -41.67 -6.67 22.39
N LEU A 154 -40.42 -6.71 21.87
CA LEU A 154 -39.63 -7.93 21.75
C LEU A 154 -39.67 -8.71 23.05
N PRO A 155 -40.24 -9.90 23.07
CA PRO A 155 -40.47 -10.63 24.33
C PRO A 155 -39.19 -11.25 24.85
N VAL A 156 -38.32 -10.39 25.36
CA VAL A 156 -37.13 -10.86 26.06
C VAL A 156 -37.54 -11.52 27.36
N PRO A 157 -37.00 -12.69 27.71
CA PRO A 157 -37.29 -13.30 29.00
C PRO A 157 -36.85 -12.43 30.17
N GLY A 158 -37.74 -12.30 31.14
CA GLY A 158 -37.45 -11.49 32.31
C GLY A 158 -37.06 -12.33 33.51
N ASP A 159 -37.47 -11.92 34.70
CA ASP A 159 -37.23 -12.71 35.89
C ASP A 159 -38.52 -12.93 36.66
N ARG A 164 -50.04 -10.37 37.40
CA ARG A 164 -51.04 -9.49 38.01
C ARG A 164 -52.45 -9.91 37.64
N SER A 165 -53.32 -9.98 38.66
CA SER A 165 -54.66 -10.52 38.56
C SER A 165 -55.68 -9.52 38.02
N GLN A 166 -55.23 -8.46 37.36
CA GLN A 166 -56.08 -7.61 36.56
C GLN A 166 -55.69 -7.58 35.09
N ASP A 167 -54.42 -7.88 34.78
CA ASP A 167 -54.02 -8.00 33.38
C ASP A 167 -54.66 -9.21 32.72
N TYR A 168 -54.86 -10.28 33.47
CA TYR A 168 -55.67 -11.39 32.99
C TYR A 168 -57.11 -11.00 32.77
N ARG A 169 -57.62 -10.04 33.54
CA ARG A 169 -59.01 -9.60 33.33
C ARG A 169 -59.14 -8.83 32.03
N GLU A 170 -58.12 -8.04 31.68
CA GLU A 170 -58.13 -7.35 30.41
C GLU A 170 -57.94 -8.33 29.26
N LEU A 171 -57.10 -9.35 29.47
CA LEU A 171 -56.96 -10.45 28.51
C LEU A 171 -58.28 -11.14 28.24
N VAL A 172 -59.02 -11.47 29.30
CA VAL A 172 -60.30 -12.14 29.15
C VAL A 172 -61.34 -11.22 28.51
N LYS A 173 -61.28 -9.92 28.79
CA LYS A 173 -62.23 -8.99 28.16
C LYS A 173 -62.00 -8.89 26.67
N ARG A 174 -60.75 -8.65 26.27
CA ARG A 174 -60.43 -8.50 24.86
C ARG A 174 -60.50 -9.84 24.13
N LEU A 175 -60.43 -10.94 24.86
CA LEU A 175 -60.68 -12.24 24.26
C LEU A 175 -62.17 -12.51 24.10
N TRP A 176 -62.98 -12.04 25.05
CA TRP A 176 -64.44 -12.16 24.98
C TRP A 176 -64.98 -11.44 23.75
N GLU A 177 -64.42 -10.26 23.47
CA GLU A 177 -64.83 -9.50 22.28
C GLU A 177 -64.53 -10.25 20.99
N GLU A 178 -63.32 -10.80 20.87
CA GLU A 178 -62.92 -11.50 19.65
C GLU A 178 -63.65 -12.81 19.49
N LEU A 179 -63.83 -13.57 20.58
CA LEU A 179 -64.59 -14.81 20.51
C LEU A 179 -66.06 -14.56 20.25
N SER A 180 -66.55 -13.36 20.58
CA SER A 180 -67.90 -12.97 20.17
C SER A 180 -67.96 -12.75 18.67
N LYS A 181 -67.01 -11.98 18.14
CA LYS A 181 -67.12 -11.51 16.75
C LYS A 181 -66.86 -12.62 15.75
N ALA A 182 -65.87 -13.47 16.01
CA ALA A 182 -65.30 -14.32 14.98
C ALA A 182 -66.19 -15.52 14.67
N LYS A 183 -65.89 -16.17 13.56
CA LYS A 183 -66.66 -17.31 13.08
C LYS A 183 -66.24 -18.57 13.82
N LEU A 184 -67.17 -19.51 13.95
CA LEU A 184 -66.93 -20.74 14.70
C LEU A 184 -66.60 -21.88 13.73
N ARG A 185 -65.35 -21.84 13.23
CA ARG A 185 -64.97 -22.67 12.09
C ARG A 185 -63.59 -23.32 12.24
N SER A 186 -62.82 -23.01 13.29
CA SER A 186 -61.56 -23.59 13.73
C SER A 186 -60.35 -23.23 12.86
N ASP A 187 -60.56 -22.63 11.71
CA ASP A 187 -59.50 -21.87 11.05
C ASP A 187 -59.65 -20.39 11.33
N ARG A 188 -60.69 -20.04 12.10
CA ARG A 188 -61.01 -18.69 12.50
C ARG A 188 -60.69 -18.43 13.96
N LEU A 189 -60.59 -19.50 14.77
CA LEU A 189 -60.19 -19.38 16.16
C LEU A 189 -58.70 -19.51 16.37
N LEU A 190 -58.03 -20.37 15.59
CA LEU A 190 -56.59 -20.49 15.69
C LEU A 190 -55.82 -19.21 15.39
N PRO A 191 -56.27 -18.29 14.53
CA PRO A 191 -55.66 -16.97 14.57
C PRO A 191 -55.99 -16.17 15.81
N VAL A 192 -57.14 -16.42 16.45
CA VAL A 192 -57.51 -15.60 17.60
C VAL A 192 -56.73 -16.03 18.83
N LEU A 193 -56.57 -17.33 19.04
CA LEU A 193 -56.00 -17.79 20.29
C LEU A 193 -54.49 -17.58 20.34
N GLU A 194 -53.81 -17.57 19.20
CA GLU A 194 -52.40 -17.24 19.27
C GLU A 194 -52.11 -15.76 19.15
N LYS A 195 -53.12 -14.91 19.06
CA LYS A 195 -52.89 -13.50 19.32
C LYS A 195 -52.76 -13.27 20.82
N TYR A 196 -53.50 -14.03 21.61
CA TYR A 196 -53.64 -13.70 23.01
C TYR A 196 -53.00 -14.70 23.95
N LEU A 197 -53.10 -15.99 23.68
CA LEU A 197 -52.69 -17.00 24.64
C LEU A 197 -51.29 -17.50 24.41
N THR A 198 -50.51 -16.86 23.54
CA THR A 198 -49.21 -17.39 23.17
C THR A 198 -48.22 -17.30 24.34
N PHE A 199 -48.23 -16.19 25.06
CA PHE A 199 -47.33 -16.00 26.18
C PHE A 199 -47.99 -16.30 27.50
N VAL A 200 -49.04 -17.11 27.49
CA VAL A 200 -49.69 -17.58 28.71
C VAL A 200 -49.26 -19.02 28.90
N SER A 201 -48.81 -19.35 30.10
CA SER A 201 -48.45 -20.73 30.40
C SER A 201 -49.70 -21.57 30.56
N SER A 202 -49.62 -22.83 30.12
CA SER A 202 -50.78 -23.71 30.20
C SER A 202 -51.04 -24.14 31.64
N VAL A 203 -50.13 -24.88 32.22
CA VAL A 203 -50.20 -25.22 33.63
C VAL A 203 -49.33 -24.23 34.38
N THR A 204 -49.91 -23.56 35.38
CA THR A 204 -49.13 -22.62 36.19
C THR A 204 -48.30 -23.43 37.17
N SER A 205 -47.09 -23.78 36.74
CA SER A 205 -46.15 -24.48 37.60
C SER A 205 -44.78 -23.88 37.39
N GLU A 206 -43.84 -24.26 38.25
CA GLU A 206 -42.49 -23.76 38.14
C GLU A 206 -41.79 -24.43 36.97
N GLY A 207 -41.18 -23.62 36.11
CA GLY A 207 -40.43 -24.15 34.99
C GLY A 207 -41.26 -24.70 33.86
N ASN A 208 -42.53 -24.32 33.77
CA ASN A 208 -43.40 -24.78 32.71
C ASN A 208 -43.15 -23.94 31.46
N ILE A 209 -42.77 -24.59 30.37
CA ILE A 209 -42.31 -23.89 29.17
C ILE A 209 -43.15 -24.27 27.97
N ILE A 210 -44.39 -24.67 28.24
CA ILE A 210 -45.34 -25.05 27.19
C ILE A 210 -46.42 -23.98 27.17
N SER A 211 -46.63 -23.39 26.00
CA SER A 211 -47.66 -22.38 25.83
C SER A 211 -49.05 -23.01 25.95
N LEU A 212 -50.03 -22.17 26.27
CA LEU A 212 -51.40 -22.67 26.35
C LEU A 212 -52.01 -22.80 24.97
N TYR A 213 -51.65 -21.89 24.06
CA TYR A 213 -52.04 -22.01 22.66
C TYR A 213 -51.59 -23.32 22.07
N ASP A 214 -50.34 -23.71 22.29
CA ASP A 214 -49.82 -24.95 21.72
C ASP A 214 -50.34 -26.19 22.41
N HIS A 215 -50.62 -26.12 23.72
CA HIS A 215 -51.29 -27.23 24.39
C HIS A 215 -52.67 -27.48 23.81
N MET A 216 -53.46 -26.43 23.61
CA MET A 216 -54.77 -26.64 23.01
C MET A 216 -54.70 -27.00 21.54
N ARG A 217 -53.73 -26.47 20.81
CA ARG A 217 -53.53 -26.81 19.41
C ARG A 217 -53.20 -28.27 19.25
N MET A 218 -52.27 -28.82 20.04
CA MET A 218 -51.95 -30.23 19.96
C MET A 218 -52.99 -31.15 20.56
N THR A 219 -53.73 -30.70 21.55
CA THR A 219 -54.87 -31.47 22.03
C THR A 219 -55.92 -31.63 20.94
N SER A 220 -56.23 -30.55 20.22
CA SER A 220 -57.16 -30.64 19.12
C SER A 220 -56.63 -31.50 17.98
N ALA A 221 -55.32 -31.40 17.71
CA ALA A 221 -54.70 -32.18 16.66
C ALA A 221 -54.78 -33.68 16.93
N ILE A 222 -54.46 -34.08 18.15
CA ILE A 222 -54.54 -35.49 18.50
C ILE A 222 -55.99 -35.95 18.63
N ALA A 223 -56.91 -35.05 18.97
CA ALA A 223 -58.33 -35.40 19.05
C ALA A 223 -58.89 -35.74 17.67
N LEU A 224 -58.63 -34.88 16.69
CA LEU A 224 -59.08 -35.16 15.33
C LEU A 224 -58.37 -36.36 14.71
N ALA A 225 -57.10 -36.59 15.08
CA ALA A 225 -56.44 -37.79 14.57
C ALA A 225 -57.01 -39.07 15.17
N MET A 226 -57.44 -39.03 16.44
CA MET A 226 -58.13 -40.17 17.03
C MET A 226 -59.47 -40.40 16.37
N LEU A 227 -60.18 -39.34 16.04
CA LEU A 227 -61.48 -39.52 15.40
C LEU A 227 -61.35 -40.02 13.97
N ARG A 228 -60.38 -39.51 13.22
CA ARG A 228 -60.20 -40.00 11.86
C ARG A 228 -59.61 -41.40 11.84
N ALA A 229 -58.90 -41.81 12.90
CA ALA A 229 -58.56 -43.22 13.01
C ALA A 229 -59.79 -44.06 13.32
N GLY A 230 -60.81 -43.47 13.91
CA GLY A 230 -62.10 -44.11 14.11
C GLY A 230 -62.34 -44.68 15.48
N CYS A 231 -61.39 -44.52 16.40
CA CYS A 231 -61.52 -45.13 17.72
C CYS A 231 -62.61 -44.43 18.52
N THR A 232 -63.16 -45.17 19.49
CA THR A 232 -64.32 -44.67 20.22
C THR A 232 -64.12 -44.75 21.73
N ALA A 233 -65.18 -44.47 22.48
CA ALA A 233 -65.09 -44.31 23.93
C ALA A 233 -64.92 -45.64 24.67
N GLU A 234 -65.37 -46.75 24.09
CA GLU A 234 -65.11 -48.03 24.74
C GLU A 234 -63.65 -48.43 24.60
N ASP A 235 -62.99 -48.01 23.52
CA ASP A 235 -61.54 -48.18 23.42
C ASP A 235 -60.79 -47.19 24.29
N VAL A 236 -61.46 -46.10 24.67
CA VAL A 236 -60.85 -45.10 25.56
C VAL A 236 -60.88 -45.57 27.00
N ARG A 237 -62.02 -46.08 27.45
CA ARG A 237 -62.12 -46.55 28.82
C ARG A 237 -61.32 -47.82 29.04
N SER A 238 -61.22 -48.69 28.04
CA SER A 238 -60.58 -49.98 28.20
C SER A 238 -59.07 -49.92 28.01
N GLY A 239 -58.51 -48.74 27.80
CA GLY A 239 -57.07 -48.58 27.66
C GLY A 239 -56.51 -49.28 26.44
N ARG A 240 -56.94 -48.86 25.27
CA ARG A 240 -56.65 -49.58 24.03
C ARG A 240 -55.98 -48.71 22.98
N CYS A 241 -56.34 -47.43 22.89
CA CYS A 241 -55.72 -46.53 21.94
C CYS A 241 -54.25 -46.28 22.28
N ARG A 242 -53.94 -46.10 23.56
CA ARG A 242 -52.57 -46.21 24.00
C ARG A 242 -52.14 -47.66 23.87
N LYS A 243 -50.86 -47.88 23.54
CA LYS A 243 -50.26 -49.19 23.23
C LYS A 243 -50.95 -49.84 22.03
N GLU A 244 -51.11 -49.06 20.97
CA GLU A 244 -51.56 -49.58 19.68
C GLU A 244 -51.18 -48.56 18.61
N LYS A 245 -50.46 -49.01 17.58
CA LYS A 245 -49.89 -48.10 16.58
C LYS A 245 -50.99 -47.48 15.73
N ARG A 246 -51.45 -46.31 16.15
CA ARG A 246 -52.70 -45.74 15.66
C ARG A 246 -52.49 -44.31 15.18
N PHE A 247 -51.44 -43.65 15.64
CA PHE A 247 -51.10 -42.34 15.12
C PHE A 247 -50.02 -42.48 14.06
N LEU A 248 -49.71 -41.39 13.37
CA LEU A 248 -48.81 -41.48 12.24
C LEU A 248 -48.08 -40.15 12.15
N LEU A 249 -46.76 -40.16 12.33
CA LEU A 249 -46.01 -38.93 12.11
C LEU A 249 -45.72 -38.80 10.64
N ILE A 250 -46.05 -37.67 10.05
CA ILE A 250 -45.63 -37.37 8.69
C ILE A 250 -44.58 -36.30 8.78
N GLU A 251 -43.46 -36.49 8.11
CA GLU A 251 -42.44 -35.47 8.10
C GLU A 251 -41.88 -35.37 6.69
N GLY A 252 -41.67 -34.14 6.24
CA GLY A 252 -41.24 -33.92 4.87
C GLY A 252 -40.23 -32.80 4.84
N ASP A 253 -39.39 -32.82 3.81
CA ASP A 253 -38.20 -31.99 3.83
C ASP A 253 -37.72 -31.74 2.41
N PHE A 254 -37.42 -30.50 2.08
CA PHE A 254 -36.95 -30.15 0.76
C PHE A 254 -35.44 -30.30 0.68
N SER A 255 -34.98 -30.92 -0.38
CA SER A 255 -33.58 -31.18 -0.61
C SER A 255 -33.16 -30.38 -1.84
N GLY A 256 -32.07 -29.65 -1.73
CA GLY A 256 -31.50 -28.99 -2.87
C GLY A 256 -32.02 -27.59 -3.10
N ILE A 257 -32.10 -26.82 -2.02
CA ILE A 257 -32.64 -25.46 -2.10
C ILE A 257 -31.57 -24.47 -2.58
N GLN A 258 -30.32 -24.68 -2.16
CA GLN A 258 -29.23 -23.77 -2.51
C GLN A 258 -28.94 -23.79 -4.00
N ASP A 259 -29.17 -24.91 -4.67
CA ASP A 259 -29.06 -24.96 -6.13
C ASP A 259 -30.38 -24.64 -6.82
N PHE A 260 -31.43 -24.37 -6.08
CA PHE A 260 -32.71 -23.98 -6.66
C PHE A 260 -32.86 -22.48 -6.71
N ILE A 261 -32.54 -21.81 -5.62
CA ILE A 261 -32.76 -20.37 -5.50
C ILE A 261 -31.54 -19.59 -5.93
N TYR A 262 -30.34 -20.07 -5.67
CA TYR A 262 -29.18 -19.23 -5.92
C TYR A 262 -28.41 -19.58 -7.17
N ARG A 263 -28.75 -20.67 -7.85
CA ARG A 263 -28.12 -20.97 -9.13
C ARG A 263 -28.85 -20.11 -10.15
N VAL A 264 -28.45 -18.84 -10.24
CA VAL A 264 -29.06 -17.81 -11.08
C VAL A 264 -27.95 -16.91 -11.61
N SER A 265 -27.91 -16.69 -12.92
CA SER A 265 -26.82 -15.95 -13.54
C SER A 265 -26.98 -14.45 -13.33
N GLY A 266 -26.18 -13.67 -14.05
CA GLY A 266 -26.20 -12.22 -13.89
C GLY A 266 -27.46 -11.57 -14.40
N LYS A 267 -28.18 -12.22 -15.30
CA LYS A 267 -29.54 -11.81 -15.60
C LYS A 267 -30.44 -12.25 -14.46
N GLY A 268 -31.32 -11.37 -14.01
CA GLY A 268 -32.10 -11.71 -12.83
C GLY A 268 -31.90 -10.72 -11.71
N THR A 269 -32.94 -9.98 -11.40
CA THR A 269 -32.85 -8.85 -10.49
C THR A 269 -32.82 -9.34 -9.06
N LEU A 270 -32.83 -8.40 -8.12
CA LEU A 270 -33.09 -8.74 -6.73
C LEU A 270 -34.51 -9.23 -6.56
N LYS A 271 -35.46 -8.61 -7.26
CA LYS A 271 -36.87 -8.99 -7.16
C LYS A 271 -37.10 -10.41 -7.68
N TYR A 272 -36.24 -10.86 -8.59
CA TYR A 272 -36.32 -12.23 -9.05
C TYR A 272 -35.92 -13.23 -7.97
N LEU A 273 -34.80 -12.99 -7.26
CA LEU A 273 -34.45 -13.83 -6.12
C LEU A 273 -35.50 -13.78 -5.04
N ARG A 274 -35.99 -12.60 -4.76
CA ARG A 274 -37.01 -12.43 -3.75
C ARG A 274 -38.36 -12.99 -4.20
N ALA A 275 -38.50 -13.33 -5.48
CA ALA A 275 -39.59 -14.18 -5.96
C ALA A 275 -39.24 -15.66 -6.00
N ARG A 276 -37.95 -16.03 -6.03
CA ARG A 276 -37.62 -17.44 -5.86
C ARG A 276 -37.83 -17.89 -4.44
N SER A 277 -37.54 -17.04 -3.47
CA SER A 277 -37.71 -17.40 -2.07
C SER A 277 -39.15 -17.38 -1.64
N ALA A 278 -40.07 -16.95 -2.48
CA ALA A 278 -41.47 -17.03 -2.17
C ALA A 278 -42.21 -17.92 -3.14
N TYR A 279 -41.51 -18.54 -4.06
CA TYR A 279 -42.09 -19.61 -4.84
C TYR A 279 -41.80 -20.96 -4.24
N LEU A 280 -40.65 -21.10 -3.55
CA LEU A 280 -40.40 -22.31 -2.79
C LEU A 280 -41.32 -22.40 -1.57
N GLU A 281 -41.60 -21.27 -0.95
CA GLU A 281 -42.53 -21.25 0.18
C GLU A 281 -43.94 -21.63 -0.25
N LEU A 282 -44.35 -21.24 -1.45
CA LEU A 282 -45.67 -21.60 -1.95
C LEU A 282 -45.77 -23.06 -2.35
N ILE A 283 -44.70 -23.65 -2.89
CA ILE A 283 -44.68 -25.09 -3.14
C ILE A 283 -44.83 -25.86 -1.83
N GLY A 284 -44.07 -25.45 -0.81
CA GLY A 284 -44.13 -26.15 0.47
C GLY A 284 -45.49 -26.05 1.13
N TRP A 285 -46.09 -24.86 1.09
CA TRP A 285 -47.37 -24.76 1.76
C TRP A 285 -48.47 -25.40 0.94
N ASP A 286 -48.27 -25.51 -0.37
CA ASP A 286 -49.21 -26.24 -1.21
C ASP A 286 -49.23 -27.72 -0.87
N VAL A 287 -48.05 -28.32 -0.69
CA VAL A 287 -47.97 -29.74 -0.35
C VAL A 287 -48.59 -30.00 1.01
N VAL A 288 -48.30 -29.15 1.99
CA VAL A 288 -48.87 -29.31 3.35
C VAL A 288 -50.38 -29.20 3.30
N LEU A 289 -50.91 -28.22 2.55
CA LEU A 289 -52.35 -28.06 2.51
C LEU A 289 -53.05 -29.19 1.77
N GLU A 290 -52.41 -29.82 0.78
CA GLU A 290 -53.09 -30.99 0.24
C GLU A 290 -53.03 -32.18 1.16
N ILE A 291 -51.98 -32.32 1.97
CA ILE A 291 -52.00 -33.40 2.94
C ILE A 291 -53.11 -33.18 3.97
N LEU A 292 -53.31 -31.94 4.41
CA LEU A 292 -54.38 -31.64 5.35
C LEU A 292 -55.75 -31.83 4.73
N SER A 293 -55.98 -31.23 3.57
CA SER A 293 -57.30 -31.26 2.96
C SER A 293 -57.63 -32.60 2.33
N ARG A 294 -56.65 -33.44 2.05
CA ARG A 294 -56.96 -34.75 1.52
C ARG A 294 -57.10 -35.77 2.62
N LEU A 295 -56.38 -35.62 3.72
CA LEU A 295 -56.59 -36.53 4.84
C LEU A 295 -57.69 -36.09 5.78
N GLY A 296 -58.38 -35.00 5.48
CA GLY A 296 -59.48 -34.57 6.31
C GLY A 296 -59.10 -33.87 7.60
N LEU A 297 -57.87 -33.39 7.71
CA LEU A 297 -57.35 -32.81 8.93
C LEU A 297 -57.54 -31.29 8.93
N THR A 298 -57.33 -30.69 10.10
CA THR A 298 -57.30 -29.25 10.21
C THR A 298 -55.86 -28.76 10.32
N ARG A 299 -55.70 -27.45 10.46
CA ARG A 299 -54.37 -26.87 10.53
C ARG A 299 -53.76 -27.00 11.91
N ALA A 300 -54.52 -27.47 12.89
CA ALA A 300 -53.95 -27.78 14.18
C ALA A 300 -52.98 -28.95 14.12
N ASN A 301 -53.09 -29.82 13.10
CA ASN A 301 -52.21 -30.97 13.01
C ASN A 301 -50.82 -30.62 12.55
N VAL A 302 -50.61 -29.50 11.87
CA VAL A 302 -49.27 -29.16 11.42
C VAL A 302 -48.46 -28.70 12.62
N VAL A 303 -47.48 -29.50 13.03
CA VAL A 303 -46.65 -29.15 14.17
C VAL A 303 -45.75 -27.97 13.84
N PHE A 304 -45.09 -28.02 12.69
CA PHE A 304 -44.38 -26.86 12.19
C PHE A 304 -44.26 -26.97 10.68
N ASN A 305 -44.06 -25.82 10.05
CA ASN A 305 -43.72 -25.70 8.64
C ASN A 305 -42.63 -24.65 8.48
N ALA A 306 -41.57 -24.77 9.24
CA ALA A 306 -40.48 -23.81 9.20
C ALA A 306 -39.31 -24.38 8.44
N GLY A 307 -38.82 -23.64 7.46
CA GLY A 307 -37.58 -23.97 6.83
C GLY A 307 -37.65 -24.93 5.67
N GLY A 308 -38.81 -25.11 5.07
CA GLY A 308 -38.92 -26.11 4.04
C GLY A 308 -38.87 -27.50 4.63
N HIS A 309 -39.50 -27.68 5.78
CA HIS A 309 -39.40 -28.94 6.51
C HIS A 309 -40.61 -28.98 7.45
N PHE A 310 -41.63 -29.73 7.06
CA PHE A 310 -42.87 -29.74 7.81
C PHE A 310 -43.05 -31.04 8.56
N MET A 311 -43.85 -30.96 9.62
CA MET A 311 -44.14 -32.13 10.45
C MET A 311 -45.60 -32.09 10.84
N ILE A 312 -46.38 -33.11 10.50
CA ILE A 312 -47.78 -33.14 10.91
C ILE A 312 -48.12 -34.47 11.58
N ILE A 313 -49.23 -34.47 12.31
CA ILE A 313 -49.73 -35.62 13.06
C ILE A 313 -50.99 -36.10 12.39
N ALA A 314 -51.11 -37.41 12.15
CA ALA A 314 -52.24 -37.89 11.41
C ALA A 314 -52.71 -39.23 11.93
N GLN A 315 -53.80 -39.71 11.37
CA GLN A 315 -54.37 -40.99 11.73
C GLN A 315 -53.67 -42.09 10.94
N ASN A 316 -53.71 -43.30 11.45
CA ASN A 316 -53.13 -44.43 10.75
C ASN A 316 -54.27 -45.34 10.33
N THR A 317 -54.86 -45.03 9.19
CA THR A 317 -55.77 -45.91 8.52
C THR A 317 -55.17 -46.31 7.18
N PRO A 318 -55.42 -47.52 6.70
CA PRO A 318 -54.84 -47.94 5.41
C PRO A 318 -55.40 -47.18 4.22
N ASP A 319 -56.52 -46.49 4.36
CA ASP A 319 -57.04 -45.61 3.34
C ASP A 319 -56.54 -44.18 3.50
N ALA A 320 -55.52 -43.98 4.32
CA ALA A 320 -54.78 -42.73 4.41
C ALA A 320 -53.34 -42.87 3.95
N VAL A 321 -52.75 -44.04 4.14
CA VAL A 321 -51.39 -44.27 3.65
C VAL A 321 -51.37 -44.31 2.14
N LYS A 322 -52.44 -44.82 1.53
CA LYS A 322 -52.59 -44.77 0.08
C LYS A 322 -52.71 -43.34 -0.42
N GLU A 323 -53.44 -42.49 0.31
CA GLU A 323 -53.57 -41.09 -0.08
C GLU A 323 -52.25 -40.35 0.07
N LEU A 324 -51.50 -40.64 1.14
CA LEU A 324 -50.17 -40.05 1.32
C LEU A 324 -49.22 -40.49 0.23
N GLU A 325 -49.32 -41.72 -0.22
CA GLU A 325 -48.44 -42.19 -1.28
C GLU A 325 -48.82 -41.57 -2.62
N GLU A 326 -50.10 -41.28 -2.84
CA GLU A 326 -50.51 -40.54 -4.03
C GLU A 326 -49.99 -39.09 -4.01
N ILE A 327 -50.09 -38.43 -2.86
CA ILE A 327 -49.59 -37.07 -2.69
C ILE A 327 -48.08 -37.03 -2.96
N ARG A 328 -47.34 -37.99 -2.40
CA ARG A 328 -45.90 -38.04 -2.60
C ARG A 328 -45.54 -38.30 -4.05
N ALA A 329 -46.18 -39.30 -4.67
CA ALA A 329 -45.86 -39.62 -6.06
C ALA A 329 -46.29 -38.55 -7.04
N LYS A 330 -47.24 -37.70 -6.69
CA LYS A 330 -47.60 -36.61 -7.59
C LYS A 330 -46.73 -35.38 -7.39
N ALA A 331 -46.42 -35.04 -6.15
CA ALA A 331 -45.54 -33.91 -5.88
C ALA A 331 -44.15 -34.15 -6.42
N VAL A 332 -43.65 -35.38 -6.30
CA VAL A 332 -42.31 -35.68 -6.78
C VAL A 332 -42.26 -35.65 -8.30
N GLU A 333 -43.30 -36.11 -8.98
CA GLU A 333 -43.32 -36.06 -10.43
C GLU A 333 -43.45 -34.63 -10.96
N TRP A 334 -44.23 -33.79 -10.29
CA TRP A 334 -44.27 -32.40 -10.70
C TRP A 334 -42.94 -31.72 -10.47
N LEU A 335 -42.27 -32.06 -9.37
CA LEU A 335 -40.94 -31.52 -9.13
C LEU A 335 -39.92 -32.01 -10.15
N TYR A 336 -40.04 -33.24 -10.61
CA TYR A 336 -39.08 -33.75 -11.59
C TYR A 336 -39.33 -33.15 -12.95
N ARG A 337 -40.58 -33.06 -13.34
CA ARG A 337 -40.96 -32.56 -14.66
C ARG A 337 -40.74 -31.06 -14.76
N GLU A 338 -40.82 -30.36 -13.64
CA GLU A 338 -40.76 -28.91 -13.69
C GLU A 338 -39.35 -28.40 -13.48
N PHE A 339 -38.65 -28.94 -12.49
CA PHE A 339 -37.32 -28.52 -12.10
C PHE A 339 -36.48 -29.79 -12.14
N GLU A 340 -35.80 -30.06 -13.25
CA GLU A 340 -35.22 -31.38 -13.48
C GLU A 340 -34.10 -31.76 -12.51
N SER A 341 -34.47 -32.55 -11.51
CA SER A 341 -33.59 -33.08 -10.46
C SER A 341 -32.90 -31.99 -9.65
N ASP A 342 -33.54 -30.84 -9.54
CA ASP A 342 -32.97 -29.65 -8.94
C ASP A 342 -33.44 -29.45 -7.51
N LEU A 343 -34.74 -29.66 -7.28
CA LEU A 343 -35.37 -29.60 -5.97
C LEU A 343 -36.08 -30.92 -5.75
N TYR A 344 -36.10 -31.39 -4.51
CA TYR A 344 -36.76 -32.67 -4.25
C TYR A 344 -37.41 -32.65 -2.88
N LEU A 345 -38.57 -33.28 -2.77
CA LEU A 345 -39.33 -33.37 -1.54
C LEU A 345 -39.32 -34.80 -1.03
N ALA A 346 -38.89 -35.00 0.20
CA ALA A 346 -38.75 -36.32 0.78
C ALA A 346 -39.82 -36.50 1.84
N ILE A 347 -40.97 -36.99 1.45
CA ILE A 347 -42.06 -37.20 2.39
C ILE A 347 -41.96 -38.62 2.94
N GLU A 348 -41.96 -38.74 4.26
CA GLU A 348 -42.03 -40.04 4.91
C GLU A 348 -43.01 -39.97 6.05
N TRP A 349 -43.45 -41.13 6.51
CA TRP A 349 -44.34 -41.23 7.65
C TRP A 349 -43.96 -42.46 8.45
N GLU A 350 -44.47 -42.51 9.66
CA GLU A 350 -43.96 -43.48 10.60
C GLU A 350 -45.09 -43.80 11.58
N PRO A 351 -45.52 -45.05 11.68
CA PRO A 351 -46.62 -45.38 12.60
C PRO A 351 -46.13 -45.33 14.04
N VAL A 352 -46.83 -44.56 14.85
CA VAL A 352 -46.52 -44.50 16.27
C VAL A 352 -47.79 -44.85 17.02
N SER A 353 -47.66 -45.06 18.32
CA SER A 353 -48.79 -45.29 19.18
C SER A 353 -48.90 -44.11 20.13
N GLY A 354 -50.00 -44.07 20.87
CA GLY A 354 -50.27 -42.93 21.74
C GLY A 354 -49.30 -42.81 22.89
N ARG A 355 -48.70 -43.93 23.31
CA ARG A 355 -47.73 -43.90 24.39
C ARG A 355 -46.39 -43.30 24.00
N GLU A 356 -46.16 -43.03 22.72
CA GLU A 356 -44.90 -42.43 22.30
C GLU A 356 -45.04 -40.95 21.97
N PHE A 357 -45.90 -40.25 22.68
CA PHE A 357 -45.90 -38.79 22.69
C PHE A 357 -45.41 -38.23 23.99
N GLY A 358 -45.04 -39.07 24.94
CA GLY A 358 -44.61 -38.64 26.25
C GLY A 358 -43.32 -39.32 26.65
N ARG A 359 -43.11 -39.35 27.96
CA ARG A 359 -41.87 -39.85 28.54
C ARG A 359 -42.17 -41.04 29.42
N GLU A 360 -41.56 -42.18 29.12
CA GLU A 360 -41.66 -43.38 29.94
C GLU A 360 -40.28 -43.66 30.53
N GLY A 361 -40.17 -43.47 31.84
CA GLY A 361 -38.88 -43.61 32.51
C GLY A 361 -37.96 -42.44 32.22
N GLY A 362 -36.68 -42.75 32.10
CA GLY A 362 -35.69 -41.78 31.65
C GLY A 362 -35.42 -41.98 30.18
N LYS A 363 -36.33 -42.71 29.55
CA LYS A 363 -36.30 -43.00 28.12
C LYS A 363 -37.27 -42.07 27.43
N ASN A 364 -36.78 -41.29 26.49
CA ASN A 364 -37.56 -40.31 25.77
C ASN A 364 -38.20 -41.00 24.57
N LEU A 365 -39.52 -41.13 24.58
CA LEU A 365 -40.17 -41.91 23.55
C LEU A 365 -40.56 -41.08 22.34
N PHE A 366 -40.81 -39.80 22.52
CA PHE A 366 -41.11 -38.99 21.35
C PHE A 366 -39.85 -38.70 20.56
N ALA A 367 -38.71 -38.60 21.22
CA ALA A 367 -37.44 -38.36 20.57
C ALA A 367 -36.78 -39.63 20.07
N GLU A 368 -37.41 -40.78 20.29
CA GLU A 368 -36.98 -42.02 19.66
C GLU A 368 -37.83 -42.37 18.46
N ALA A 369 -39.13 -42.08 18.51
CA ALA A 369 -39.99 -42.19 17.34
C ALA A 369 -39.70 -41.12 16.32
N ARG A 370 -38.98 -40.07 16.68
CA ARG A 370 -38.57 -39.05 15.75
C ARG A 370 -37.20 -39.35 15.13
N LYS A 371 -36.35 -40.11 15.80
CA LYS A 371 -35.15 -40.64 15.15
C LYS A 371 -35.42 -41.86 14.30
N ARG A 372 -36.56 -42.53 14.44
CA ARG A 372 -36.89 -43.59 13.50
C ARG A 372 -37.45 -43.05 12.20
N LEU A 373 -37.86 -41.79 12.16
CA LEU A 373 -38.33 -41.16 10.95
C LEU A 373 -37.26 -40.34 10.27
N LYS A 374 -36.28 -39.87 11.04
CA LYS A 374 -35.18 -39.14 10.45
C LYS A 374 -34.27 -40.05 9.67
N HIS A 375 -34.20 -41.33 10.07
CA HIS A 375 -33.46 -42.31 9.28
C HIS A 375 -34.16 -42.63 7.98
N LYS A 376 -35.48 -42.66 7.97
CA LYS A 376 -36.19 -42.89 6.72
C LYS A 376 -36.07 -41.68 5.79
N LEU A 377 -36.08 -40.47 6.34
CA LEU A 377 -35.77 -39.28 5.56
C LEU A 377 -34.36 -39.34 5.00
N THR A 378 -33.39 -39.78 5.79
CA THR A 378 -32.00 -39.77 5.34
C THR A 378 -31.76 -40.84 4.29
N VAL A 379 -32.33 -42.03 4.45
CA VAL A 379 -32.11 -43.06 3.45
C VAL A 379 -33.03 -42.89 2.24
N ARG A 380 -34.04 -42.03 2.32
CA ARG A 380 -34.82 -41.61 1.17
C ARG A 380 -34.20 -40.44 0.43
N LYS A 381 -33.36 -39.65 1.08
CA LYS A 381 -32.61 -38.65 0.33
C LYS A 381 -31.49 -39.24 -0.50
N LEU A 382 -31.11 -40.49 -0.26
CA LEU A 382 -30.08 -41.14 -1.04
C LEU A 382 -30.66 -41.97 -2.17
N LYS A 383 -31.97 -42.04 -2.27
CA LYS A 383 -32.67 -42.57 -3.43
C LYS A 383 -33.46 -41.40 -3.98
N ARG A 384 -32.77 -40.57 -4.77
CA ARG A 384 -33.11 -39.15 -4.87
C ARG A 384 -34.34 -38.92 -5.73
N PHE A 385 -34.53 -39.72 -6.77
CA PHE A 385 -35.79 -39.67 -7.51
C PHE A 385 -36.27 -41.06 -7.86
N GLY A 386 -36.27 -41.96 -6.88
CA GLY A 386 -36.62 -43.35 -7.16
C GLY A 386 -38.08 -43.56 -7.49
N GLU A 387 -38.91 -42.55 -7.29
CA GLU A 387 -40.33 -42.69 -7.58
C GLU A 387 -40.63 -42.63 -9.07
N ILE A 388 -39.70 -42.12 -9.87
CA ILE A 388 -40.02 -41.77 -11.24
C ILE A 388 -40.09 -43.02 -12.11
N LYS A 389 -39.07 -43.88 -12.02
CA LYS A 389 -38.89 -45.18 -12.68
C LYS A 389 -38.66 -45.07 -14.18
N GLY A 390 -38.75 -43.85 -14.70
CA GLY A 390 -38.37 -43.50 -16.08
C GLY A 390 -37.18 -42.54 -16.05
N LEU A 391 -36.62 -42.32 -14.86
CA LEU A 391 -35.52 -41.38 -14.53
C LEU A 391 -34.20 -41.72 -15.24
N PHE A 392 -33.82 -43.01 -15.28
CA PHE A 392 -32.50 -43.39 -15.85
C PHE A 392 -32.58 -43.71 -17.34
N GLU A 393 -33.76 -43.54 -17.96
CA GLU A 393 -33.88 -43.84 -19.38
C GLU A 393 -33.45 -42.63 -20.20
N HIS A 394 -33.11 -42.88 -21.46
CA HIS A 394 -32.37 -41.92 -22.25
C HIS A 394 -33.16 -41.35 -23.42
N GLY A 395 -34.43 -41.73 -23.57
CA GLY A 395 -35.12 -41.55 -24.83
C GLY A 395 -35.48 -40.11 -25.12
N HIS A 396 -34.47 -39.33 -25.48
CA HIS A 396 -34.57 -37.88 -25.34
C HIS A 396 -35.36 -37.24 -26.46
N THR A 397 -36.02 -36.14 -26.12
CA THR A 397 -36.64 -35.27 -27.10
C THR A 397 -35.57 -34.50 -27.86
N GLU A 398 -35.98 -33.86 -28.94
CA GLU A 398 -35.04 -33.31 -29.89
C GLU A 398 -34.86 -31.80 -29.70
N ARG A 399 -33.62 -31.35 -29.89
CA ARG A 399 -33.23 -29.94 -30.02
C ARG A 399 -33.58 -29.14 -28.77
N LEU A 400 -32.88 -29.48 -27.70
CA LEU A 400 -33.00 -28.75 -26.45
C LEU A 400 -32.23 -27.43 -26.53
N ALA A 401 -32.39 -26.62 -25.49
CA ALA A 401 -31.73 -25.34 -25.37
C ALA A 401 -31.55 -25.07 -23.89
N GLU A 402 -31.29 -23.82 -23.52
CA GLU A 402 -30.90 -23.54 -22.16
C GLU A 402 -31.21 -22.10 -21.81
N CYS A 403 -32.02 -21.90 -20.77
CA CYS A 403 -32.36 -20.55 -20.33
C CYS A 403 -31.14 -19.87 -19.72
N PRO A 404 -30.93 -18.58 -20.00
CA PRO A 404 -29.74 -17.90 -19.48
C PRO A 404 -29.84 -17.39 -18.06
N VAL A 405 -31.01 -17.42 -17.42
CA VAL A 405 -31.10 -16.97 -16.04
C VAL A 405 -30.84 -18.14 -15.11
N CYS A 406 -31.70 -19.14 -15.16
CA CYS A 406 -31.46 -20.43 -14.56
C CYS A 406 -31.17 -21.42 -15.67
N GLY A 407 -30.28 -22.36 -15.44
CA GLY A 407 -29.97 -23.23 -16.56
C GLY A 407 -30.94 -24.38 -16.68
N ARG A 408 -31.95 -24.21 -17.50
CA ARG A 408 -32.95 -25.23 -17.73
C ARG A 408 -32.72 -25.90 -19.07
N GLU A 409 -33.71 -26.66 -19.52
CA GLU A 409 -33.55 -27.51 -20.69
C GLU A 409 -34.92 -27.54 -21.38
N LEU A 410 -35.12 -26.67 -22.35
CA LEU A 410 -36.44 -26.53 -22.93
C LEU A 410 -36.40 -26.82 -24.42
N PRO A 411 -37.24 -27.68 -24.92
CA PRO A 411 -37.05 -28.21 -26.28
C PRO A 411 -37.54 -27.27 -27.37
N GLU A 412 -36.60 -26.81 -28.22
CA GLU A 412 -36.79 -26.20 -29.56
C GLU A 412 -37.88 -25.12 -29.58
N GLY A 413 -37.72 -24.18 -28.69
CA GLY A 413 -38.82 -23.32 -28.40
C GLY A 413 -39.34 -23.65 -27.02
N LYS A 414 -40.52 -23.11 -26.73
CA LYS A 414 -41.16 -22.92 -25.42
C LYS A 414 -40.41 -21.94 -24.53
N LEU A 415 -39.26 -21.45 -24.98
CA LEU A 415 -38.66 -20.29 -24.36
C LEU A 415 -39.47 -19.07 -24.76
N GLU A 416 -39.81 -18.28 -23.82
CA GLU A 416 -40.54 -17.10 -24.15
C GLU A 416 -39.62 -15.90 -24.07
N PRO A 417 -39.77 -14.91 -24.94
CA PRO A 417 -38.94 -13.71 -24.82
C PRO A 417 -39.27 -12.92 -23.57
N SER A 418 -38.23 -12.41 -22.92
CA SER A 418 -38.41 -11.67 -21.68
C SER A 418 -39.08 -10.33 -21.93
N ALA A 419 -39.65 -9.76 -20.87
CA ALA A 419 -40.17 -8.41 -20.91
C ALA A 419 -39.18 -7.41 -20.33
N SER A 420 -37.97 -7.84 -20.03
CA SER A 420 -36.90 -6.94 -19.60
C SER A 420 -36.06 -6.48 -20.79
N ASP A 421 -35.44 -7.43 -21.48
CA ASP A 421 -34.82 -7.20 -22.79
C ASP A 421 -35.38 -8.25 -23.74
N PRO A 422 -36.26 -7.86 -24.67
CA PRO A 422 -36.98 -8.87 -25.45
C PRO A 422 -36.17 -9.61 -26.52
N GLU A 423 -34.86 -9.42 -26.54
CA GLU A 423 -34.01 -10.19 -27.43
C GLU A 423 -33.62 -11.54 -26.84
N THR A 424 -33.51 -11.62 -25.51
CA THR A 424 -33.08 -12.85 -24.86
C THR A 424 -34.28 -13.71 -24.51
N LYS A 425 -34.23 -14.96 -24.93
CA LYS A 425 -35.24 -15.93 -24.57
C LYS A 425 -35.01 -16.39 -23.14
N VAL A 426 -36.08 -16.55 -22.38
CA VAL A 426 -36.00 -17.18 -21.07
C VAL A 426 -37.11 -18.23 -21.00
N CYS A 427 -37.03 -19.09 -19.99
CA CYS A 427 -38.08 -20.06 -19.77
C CYS A 427 -39.30 -19.34 -19.22
N PRO A 428 -40.52 -19.87 -19.44
CA PRO A 428 -41.71 -19.09 -19.05
C PRO A 428 -41.87 -18.91 -17.56
N THR A 429 -41.41 -19.84 -16.76
CA THR A 429 -41.51 -19.67 -15.32
C THR A 429 -40.40 -18.80 -14.75
N CYS A 430 -39.58 -18.16 -15.59
CA CYS A 430 -38.85 -16.98 -15.15
C CYS A 430 -39.63 -15.70 -15.39
N ASN A 431 -40.43 -15.66 -16.46
CA ASN A 431 -41.35 -14.55 -16.67
C ASN A 431 -42.38 -14.50 -15.56
N ARG A 432 -42.87 -15.67 -15.15
CA ARG A 432 -43.84 -15.75 -14.07
C ARG A 432 -43.29 -15.30 -12.73
N LEU A 433 -41.97 -15.23 -12.58
CA LEU A 433 -41.39 -14.75 -11.33
C LEU A 433 -40.87 -13.34 -11.42
N VAL A 434 -40.47 -12.88 -12.60
CA VAL A 434 -40.23 -11.43 -12.77
C VAL A 434 -41.52 -10.67 -12.54
N SER A 435 -42.62 -11.14 -13.13
CA SER A 435 -43.90 -10.50 -12.92
C SER A 435 -44.44 -10.67 -11.51
N LEU A 436 -43.93 -11.63 -10.74
CA LEU A 436 -44.29 -11.72 -9.33
C LEU A 436 -43.41 -10.85 -8.46
N GLY A 437 -42.12 -10.71 -8.80
CA GLY A 437 -41.27 -9.74 -8.15
C GLY A 437 -41.67 -8.30 -8.39
N GLY A 438 -42.41 -8.04 -9.47
CA GLY A 438 -43.01 -6.73 -9.63
C GLY A 438 -44.14 -6.48 -8.64
N ASN A 439 -44.89 -7.52 -8.30
CA ASN A 439 -46.06 -7.39 -7.43
C ASN A 439 -45.77 -7.79 -5.99
N LEU A 440 -44.53 -7.66 -5.54
CA LEU A 440 -44.26 -7.99 -4.14
C LEU A 440 -44.84 -6.98 -3.14
N PRO A 441 -44.61 -5.66 -3.26
CA PRO A 441 -45.13 -4.77 -2.20
C PRO A 441 -46.63 -4.62 -2.20
N LYS A 442 -47.27 -4.85 -3.34
CA LYS A 442 -48.70 -4.66 -3.49
C LYS A 442 -49.52 -5.82 -2.96
N LEU A 443 -48.87 -6.81 -2.39
CA LEU A 443 -49.47 -8.11 -2.17
C LEU A 443 -49.94 -8.23 -0.73
N LEU A 444 -51.22 -8.56 -0.57
CA LEU A 444 -51.78 -8.88 0.74
C LEU A 444 -51.81 -10.37 1.04
N GLY A 445 -51.58 -11.22 0.05
CA GLY A 445 -51.61 -12.64 0.26
C GLY A 445 -51.72 -13.36 -1.07
N PHE A 446 -52.12 -14.63 -0.99
CA PHE A 446 -52.35 -15.46 -2.16
C PHE A 446 -53.65 -16.22 -1.98
N GLY A 447 -54.22 -16.62 -3.10
CA GLY A 447 -55.39 -17.46 -3.07
C GLY A 447 -55.08 -18.74 -3.83
N ARG A 448 -55.42 -19.86 -3.24
CA ARG A 448 -54.98 -21.17 -3.71
C ARG A 448 -56.16 -21.84 -4.39
N THR A 449 -56.06 -22.05 -5.70
CA THR A 449 -57.23 -22.40 -6.49
C THR A 449 -56.85 -23.55 -7.40
N ALA A 450 -57.85 -24.06 -8.13
CA ALA A 450 -57.61 -25.08 -9.14
C ALA A 450 -56.74 -24.51 -10.24
N LYS A 451 -55.90 -25.36 -10.84
CA LYS A 451 -54.67 -24.90 -11.47
C LYS A 451 -54.92 -24.09 -12.74
N ASN A 452 -56.02 -24.37 -13.44
CA ASN A 452 -56.30 -23.72 -14.72
C ASN A 452 -57.31 -22.59 -14.59
N ASP A 453 -56.98 -21.52 -13.87
CA ASP A 453 -57.94 -20.45 -13.66
C ASP A 453 -57.39 -19.09 -14.05
N ALA A 454 -58.14 -18.04 -13.73
CA ALA A 454 -57.84 -16.68 -14.14
C ALA A 454 -57.12 -15.96 -13.02
N GLY A 455 -56.05 -15.25 -13.37
CA GLY A 455 -55.23 -14.57 -12.40
C GLY A 455 -54.11 -15.39 -11.84
N VAL A 456 -54.03 -16.67 -12.21
CA VAL A 456 -53.03 -17.60 -11.69
C VAL A 456 -51.65 -17.19 -12.20
N LEU A 457 -50.80 -16.71 -11.30
CA LEU A 457 -49.43 -16.41 -11.68
C LEU A 457 -48.58 -17.69 -11.73
N VAL A 458 -48.37 -18.30 -10.57
CA VAL A 458 -47.45 -19.42 -10.46
C VAL A 458 -48.24 -20.64 -10.03
N GLU A 459 -47.66 -21.80 -10.31
CA GLU A 459 -48.31 -23.07 -10.09
C GLU A 459 -47.57 -23.81 -8.99
N GLY A 460 -48.32 -24.45 -8.11
CA GLY A 460 -47.74 -25.38 -7.19
C GLY A 460 -47.91 -26.77 -7.77
N PRO A 461 -47.46 -27.79 -7.03
CA PRO A 461 -47.64 -29.17 -7.52
C PRO A 461 -49.06 -29.67 -7.49
N PHE A 462 -49.97 -28.95 -6.85
CA PHE A 462 -51.37 -29.37 -6.79
C PHE A 462 -52.35 -28.25 -7.05
N SER A 463 -51.88 -27.03 -7.23
CA SER A 463 -52.79 -25.90 -7.28
C SER A 463 -52.13 -24.75 -8.03
N GLY A 464 -52.94 -23.77 -8.38
CA GLY A 464 -52.45 -22.52 -8.93
C GLY A 464 -52.63 -21.43 -7.88
N PHE A 465 -51.77 -20.43 -7.92
CA PHE A 465 -51.79 -19.37 -6.94
C PHE A 465 -52.07 -18.05 -7.64
N VAL A 466 -53.12 -17.38 -7.21
CA VAL A 466 -53.52 -16.09 -7.75
C VAL A 466 -53.41 -15.05 -6.64
N PRO A 467 -52.66 -13.96 -6.84
CA PRO A 467 -52.40 -13.03 -5.74
C PRO A 467 -53.64 -12.28 -5.29
N TYR A 468 -53.55 -11.78 -4.08
CA TYR A 468 -54.68 -11.24 -3.33
C TYR A 468 -54.40 -9.75 -3.14
N LEU A 469 -54.80 -8.97 -4.12
CA LEU A 469 -54.37 -7.58 -4.22
C LEU A 469 -55.24 -6.66 -3.36
N GLN A 470 -55.09 -5.37 -3.58
CA GLN A 470 -55.73 -4.34 -2.79
C GLN A 470 -57.21 -4.23 -3.11
N PRO A 474 -60.10 -11.35 -3.87
CA PRO A 474 -60.51 -12.25 -2.78
C PRO A 474 -61.03 -13.56 -3.32
N VAL A 475 -60.16 -14.35 -3.94
CA VAL A 475 -60.61 -15.50 -4.71
C VAL A 475 -59.91 -16.75 -4.20
N GLY A 476 -60.59 -17.87 -4.30
CA GLY A 476 -60.09 -19.15 -3.88
C GLY A 476 -60.88 -19.72 -2.71
N GLU A 477 -60.57 -20.97 -2.40
CA GLU A 477 -61.11 -21.62 -1.21
C GLU A 477 -60.19 -21.50 -0.01
N GLN A 478 -58.93 -21.12 -0.23
CA GLN A 478 -57.90 -21.10 0.80
C GLN A 478 -57.07 -19.86 0.55
N ILE A 479 -57.17 -18.88 1.43
CA ILE A 479 -56.53 -17.59 1.23
C ILE A 479 -55.40 -17.50 2.23
N LEU A 480 -54.18 -17.65 1.75
CA LEU A 480 -53.03 -17.40 2.57
C LEU A 480 -52.87 -15.89 2.69
N VAL A 481 -52.73 -15.37 3.91
CA VAL A 481 -52.57 -13.94 4.12
C VAL A 481 -51.33 -13.70 4.96
N LYS A 482 -50.44 -12.85 4.47
CA LYS A 482 -49.09 -12.74 5.01
C LYS A 482 -48.99 -11.69 6.11
N ASN A 483 -48.11 -11.97 7.06
CA ASN A 483 -47.64 -11.07 8.12
C ASN A 483 -48.74 -10.56 9.04
N THR A 484 -49.90 -11.22 9.10
CA THR A 484 -50.94 -10.73 9.99
C THR A 484 -51.85 -11.87 10.41
N LEU A 485 -52.66 -11.61 11.44
CA LEU A 485 -53.53 -12.61 12.03
C LEU A 485 -54.99 -12.18 12.04
N ASN A 486 -55.37 -11.18 11.26
CA ASN A 486 -56.75 -10.68 11.28
C ASN A 486 -57.36 -10.76 9.89
N PRO A 487 -58.29 -11.67 9.65
CA PRO A 487 -58.94 -11.76 8.33
C PRO A 487 -59.95 -10.66 8.03
N GLY A 488 -59.59 -9.70 7.19
CA GLY A 488 -60.48 -8.59 6.91
C GLY A 488 -61.45 -8.75 5.75
N GLU A 489 -60.94 -8.88 4.53
CA GLU A 489 -61.79 -8.91 3.34
C GLU A 489 -62.20 -10.31 2.95
N ILE A 490 -61.96 -11.27 3.83
CA ILE A 490 -61.97 -12.68 3.45
C ILE A 490 -63.39 -13.22 3.63
N PRO A 491 -63.91 -13.97 2.65
CA PRO A 491 -65.23 -14.57 2.79
C PRO A 491 -65.29 -15.53 3.96
N GLU A 492 -66.49 -15.65 4.54
CA GLU A 492 -66.73 -16.65 5.57
C GLU A 492 -66.94 -18.04 4.99
N SER A 493 -66.71 -18.22 3.68
CA SER A 493 -66.67 -19.51 3.03
C SER A 493 -65.27 -19.91 2.62
N ALA A 494 -64.26 -19.10 2.93
CA ALA A 494 -62.88 -19.39 2.55
C ALA A 494 -62.06 -19.74 3.78
N GLN A 495 -61.04 -20.58 3.57
CA GLN A 495 -60.13 -20.99 4.63
C GLN A 495 -59.00 -19.99 4.78
N PHE A 496 -58.84 -19.49 5.99
CA PHE A 496 -57.78 -18.55 6.32
C PHE A 496 -56.56 -19.32 6.81
N VAL A 497 -55.42 -19.07 6.19
CA VAL A 497 -54.15 -19.63 6.61
C VAL A 497 -53.21 -18.46 6.79
N PRO A 498 -52.85 -18.11 7.99
CA PRO A 498 -51.90 -17.02 8.16
C PRO A 498 -50.48 -17.50 8.10
N TYR A 499 -49.66 -16.84 7.31
CA TYR A 499 -48.25 -17.15 7.26
C TYR A 499 -47.49 -15.86 7.44
N PHE A 500 -46.23 -15.99 7.83
CA PHE A 500 -45.41 -14.84 8.13
C PHE A 500 -44.19 -14.89 7.24
N VAL A 501 -43.72 -13.72 6.82
CA VAL A 501 -42.49 -13.66 6.06
C VAL A 501 -41.80 -12.34 6.32
N ALA A 502 -40.54 -12.42 6.74
CA ALA A 502 -39.75 -11.23 6.98
C ALA A 502 -39.44 -10.58 5.65
N ASP A 503 -40.08 -9.45 5.39
CA ASP A 503 -40.04 -8.87 4.07
C ASP A 503 -39.75 -7.39 4.15
N TYR A 504 -38.78 -7.01 4.97
CA TYR A 504 -38.37 -5.63 4.98
C TYR A 504 -37.63 -5.33 3.68
N PHE A 505 -37.92 -4.16 3.11
CA PHE A 505 -37.13 -3.66 2.00
C PHE A 505 -37.14 -2.14 2.03
N LYS A 506 -36.09 -1.56 1.50
CA LYS A 506 -36.05 -0.16 1.15
C LYS A 506 -36.81 0.03 -0.14
N LYS A 507 -37.79 0.91 -0.14
CA LYS A 507 -38.49 1.13 -1.38
C LYS A 507 -37.76 2.17 -2.20
N ASP A 508 -37.90 2.02 -3.51
CA ASP A 508 -37.21 2.82 -4.51
C ASP A 508 -37.85 4.21 -4.59
N PRO A 509 -37.38 5.09 -5.48
CA PRO A 509 -38.21 6.26 -5.84
C PRO A 509 -39.59 5.92 -6.40
N LYS A 510 -39.80 4.74 -6.95
CA LYS A 510 -41.15 4.28 -7.30
C LYS A 510 -41.79 3.67 -6.06
N GLY A 511 -42.86 2.90 -6.24
CA GLY A 511 -43.45 2.25 -5.09
C GLY A 511 -42.99 0.84 -4.81
N GLY A 512 -41.99 0.35 -5.52
CA GLY A 512 -41.59 -1.05 -5.48
C GLY A 512 -40.35 -1.31 -4.64
N VAL A 513 -39.56 -2.30 -5.07
CA VAL A 513 -38.42 -2.81 -4.33
C VAL A 513 -37.14 -2.22 -4.92
N ALA A 514 -36.19 -1.90 -4.06
CA ALA A 514 -34.89 -1.44 -4.53
C ALA A 514 -34.13 -2.57 -5.23
N THR A 515 -33.15 -2.19 -6.03
CA THR A 515 -32.32 -3.12 -6.77
C THR A 515 -30.95 -3.07 -6.09
N PHE A 516 -29.98 -3.87 -6.56
CA PHE A 516 -28.67 -3.83 -5.94
C PHE A 516 -27.96 -2.49 -6.16
N GLU A 517 -28.29 -1.80 -7.25
CA GLU A 517 -27.66 -0.51 -7.54
C GLU A 517 -28.08 0.55 -6.54
N GLU A 518 -29.37 0.64 -6.24
CA GLU A 518 -29.83 1.61 -5.24
C GLU A 518 -29.37 1.25 -3.84
N LEU A 519 -29.06 -0.02 -3.59
CA LEU A 519 -28.59 -0.40 -2.27
C LEU A 519 -27.14 -0.05 -2.07
N SER A 520 -26.31 -0.30 -3.08
CA SER A 520 -24.90 -0.01 -2.95
C SER A 520 -24.61 1.50 -2.94
N MET A 521 -25.46 2.30 -3.58
CA MET A 521 -25.23 3.74 -3.67
C MET A 521 -25.29 4.41 -2.31
N ALA A 522 -26.19 3.96 -1.43
CA ALA A 522 -26.57 4.74 -0.26
C ALA A 522 -25.82 4.32 0.97
N SER A 523 -24.55 3.97 0.83
CA SER A 523 -23.76 3.41 1.91
C SER A 523 -22.60 4.31 2.30
N THR A 524 -22.18 4.16 3.54
CA THR A 524 -21.00 4.83 4.06
C THR A 524 -19.75 4.26 3.41
N GLY A 525 -18.83 5.11 3.03
CA GLY A 525 -17.54 4.65 2.49
C GLY A 525 -17.58 4.55 0.98
N THR A 526 -17.37 3.34 0.46
CA THR A 526 -17.39 3.13 -0.98
C THR A 526 -18.63 2.32 -1.35
N ARG A 527 -18.72 1.93 -2.61
CA ARG A 527 -19.92 1.29 -3.15
C ARG A 527 -19.68 -0.21 -3.22
N ARG A 528 -20.23 -0.92 -2.23
CA ARG A 528 -20.21 -2.37 -2.18
C ARG A 528 -21.61 -2.83 -1.74
N LEU A 529 -21.74 -4.12 -1.50
CA LEU A 529 -23.04 -4.73 -1.20
C LEU A 529 -22.84 -5.82 -0.16
N GLY A 530 -23.50 -5.69 0.98
CA GLY A 530 -23.17 -6.54 2.11
C GLY A 530 -24.14 -7.68 2.25
N VAL A 531 -23.69 -8.90 2.03
CA VAL A 531 -24.58 -10.05 1.90
C VAL A 531 -24.29 -10.99 3.06
N MET A 532 -25.21 -11.06 4.02
CA MET A 532 -25.01 -11.85 5.22
C MET A 532 -25.92 -13.08 5.19
N LYS A 533 -25.32 -14.25 5.35
CA LYS A 533 -26.06 -15.47 5.62
C LYS A 533 -25.98 -15.67 7.12
N GLY A 534 -26.36 -16.84 7.61
CA GLY A 534 -26.03 -17.15 8.98
C GLY A 534 -27.14 -17.70 9.83
N ASP A 535 -26.91 -18.82 10.51
CA ASP A 535 -28.00 -19.49 11.21
C ASP A 535 -27.70 -19.90 12.65
N VAL A 536 -28.68 -20.50 13.30
CA VAL A 536 -28.56 -20.94 14.67
C VAL A 536 -27.79 -22.24 14.71
N ASP A 537 -26.80 -22.32 15.60
CA ASP A 537 -25.87 -23.43 15.68
C ASP A 537 -26.35 -24.52 16.62
N ARG A 538 -26.17 -25.78 16.21
CA ARG A 538 -26.51 -26.97 16.99
C ARG A 538 -27.96 -26.97 17.41
N LEU A 539 -28.85 -26.71 16.47
CA LEU A 539 -30.25 -26.61 16.86
C LEU A 539 -30.93 -27.97 16.83
N GLY A 540 -30.39 -28.91 16.05
CA GLY A 540 -30.97 -30.25 16.02
C GLY A 540 -30.84 -30.98 17.34
N GLU A 541 -29.74 -30.77 18.05
CA GLU A 541 -29.59 -31.26 19.41
C GLU A 541 -30.65 -30.67 20.33
N PHE A 542 -31.07 -29.43 20.06
CA PHE A 542 -32.08 -28.78 20.88
C PHE A 542 -33.47 -29.32 20.59
N PHE A 543 -33.78 -29.57 19.32
CA PHE A 543 -35.10 -30.12 19.02
C PHE A 543 -35.19 -31.61 19.27
N SER A 544 -34.07 -32.30 19.39
CA SER A 544 -34.10 -33.72 19.70
C SER A 544 -34.20 -33.99 21.19
N SER A 545 -34.36 -32.94 22.00
CA SER A 545 -34.49 -33.07 23.44
C SER A 545 -35.90 -32.88 23.94
N MET A 546 -36.80 -32.36 23.11
CA MET A 546 -38.18 -32.19 23.51
C MET A 546 -38.87 -33.53 23.61
N ASP A 547 -39.63 -33.73 24.68
CA ASP A 547 -40.18 -35.02 25.06
C ASP A 547 -41.71 -35.03 25.00
N SER A 548 -42.29 -34.18 24.15
CA SER A 548 -43.72 -34.17 23.82
C SER A 548 -43.91 -33.35 22.56
N PRO A 549 -45.03 -33.48 21.83
CA PRO A 549 -45.27 -32.56 20.71
C PRO A 549 -45.73 -31.19 21.14
N SER A 550 -46.34 -31.07 22.31
CA SER A 550 -46.75 -29.77 22.82
C SER A 550 -45.57 -28.89 23.16
N LYS A 551 -44.44 -29.48 23.49
CA LYS A 551 -43.22 -28.77 23.81
C LYS A 551 -42.42 -28.45 22.57
N LEU A 552 -42.33 -29.40 21.65
CA LEU A 552 -41.69 -29.19 20.36
C LEU A 552 -42.40 -28.11 19.56
N ALA A 553 -43.73 -28.05 19.65
CA ALA A 553 -44.48 -27.06 18.88
C ALA A 553 -44.19 -25.65 19.36
N THR A 554 -44.06 -25.48 20.68
CA THR A 554 -43.70 -24.19 21.26
C THR A 554 -42.29 -23.78 20.86
N ALA A 555 -41.34 -24.71 20.99
CA ALA A 555 -39.95 -24.38 20.69
C ALA A 555 -39.76 -24.04 19.22
N SER A 556 -40.40 -24.80 18.34
CA SER A 556 -40.31 -24.53 16.92
C SER A 556 -41.02 -23.24 16.54
N ARG A 557 -42.15 -22.91 17.17
CA ARG A 557 -42.80 -21.64 16.84
C ARG A 557 -41.99 -20.44 17.29
N PHE A 558 -41.36 -20.51 18.46
CA PHE A 558 -40.57 -19.36 18.90
C PHE A 558 -39.33 -19.17 18.05
N MET A 559 -38.63 -20.27 17.73
CA MET A 559 -37.49 -20.15 16.84
C MET A 559 -37.90 -19.71 15.45
N ASP A 560 -39.13 -20.02 15.03
CA ASP A 560 -39.64 -19.55 13.77
C ASP A 560 -39.92 -18.06 13.81
N TYR A 561 -40.61 -17.61 14.88
CA TYR A 561 -41.08 -16.23 14.96
C TYR A 561 -39.98 -15.24 15.22
N PHE A 562 -38.81 -15.67 15.69
CA PHE A 562 -37.71 -14.72 15.76
C PHE A 562 -37.30 -14.26 14.37
N PHE A 563 -37.18 -15.18 13.43
CA PHE A 563 -36.70 -14.79 12.11
C PHE A 563 -37.82 -14.31 11.21
N LYS A 564 -39.02 -14.86 11.35
CA LYS A 564 -40.12 -14.37 10.54
C LYS A 564 -40.52 -12.97 10.99
N GLY A 565 -40.77 -12.80 12.29
CA GLY A 565 -41.25 -11.51 12.74
C GLY A 565 -40.24 -10.55 13.35
N TYR A 566 -39.47 -10.99 14.35
CA TYR A 566 -38.68 -10.06 15.13
C TYR A 566 -37.33 -9.79 14.55
N ILE A 567 -37.17 -9.92 13.23
CA ILE A 567 -35.98 -9.43 12.56
C ILE A 567 -36.27 -8.20 11.71
N GLY A 568 -37.52 -7.97 11.33
CA GLY A 568 -37.84 -6.75 10.64
C GLY A 568 -38.02 -5.61 11.62
N ALA A 569 -38.45 -5.93 12.83
CA ALA A 569 -38.61 -4.92 13.88
C ALA A 569 -37.26 -4.39 14.32
N ILE A 570 -36.21 -5.19 14.16
CA ILE A 570 -34.85 -4.73 14.39
C ILE A 570 -34.45 -3.70 13.34
N ILE A 571 -34.69 -4.03 12.06
CA ILE A 571 -34.25 -3.16 10.98
C ILE A 571 -35.10 -1.90 10.89
N GLU A 572 -36.29 -1.91 11.48
CA GLU A 572 -37.01 -0.66 11.70
C GLU A 572 -36.25 0.24 12.66
N GLY A 573 -35.55 -0.34 13.62
CA GLY A 573 -34.73 0.43 14.53
C GLY A 573 -35.17 0.34 15.98
N LYS A 574 -35.86 -0.73 16.34
CA LYS A 574 -36.36 -0.84 17.70
C LYS A 574 -35.39 -1.63 18.58
N PHE A 575 -35.77 -1.73 19.85
CA PHE A 575 -35.26 -2.63 20.89
C PHE A 575 -33.88 -2.18 21.35
N GLY A 576 -33.60 -0.88 21.23
CA GLY A 576 -32.29 -0.36 21.58
C GLY A 576 -31.98 -0.39 23.05
N TYR A 577 -32.98 -0.58 23.90
CA TYR A 577 -32.77 -0.72 25.33
C TYR A 577 -32.08 -2.03 25.67
N ILE A 578 -32.19 -3.01 24.77
CA ILE A 578 -31.69 -4.35 25.01
C ILE A 578 -30.45 -4.54 24.16
N ILE A 579 -30.39 -3.86 23.02
CA ILE A 579 -29.29 -3.99 22.09
C ILE A 579 -28.14 -3.09 22.51
N GLY A 580 -28.37 -1.79 22.50
CA GLY A 580 -27.41 -0.84 23.03
C GLY A 580 -26.16 -0.63 22.21
N ASP A 581 -24.99 -0.85 22.82
CA ASP A 581 -23.74 -0.58 22.14
C ASP A 581 -23.41 -1.67 21.12
N VAL A 582 -23.19 -1.26 19.88
CA VAL A 582 -22.83 -2.15 18.77
C VAL A 582 -21.76 -1.47 17.93
N PRO A 583 -20.97 -2.25 17.19
CA PRO A 583 -20.07 -1.63 16.23
C PRO A 583 -20.81 -1.00 15.07
N SER A 584 -20.93 0.32 15.07
CA SER A 584 -21.73 1.03 14.10
C SER A 584 -20.94 2.15 13.48
N LEU A 585 -21.03 2.28 12.16
CA LEU A 585 -20.29 3.28 11.41
C LEU A 585 -21.01 4.62 11.34
N ARG A 586 -22.31 4.64 11.63
CA ARG A 586 -23.14 5.81 11.43
C ARG A 586 -24.38 5.68 12.28
N ASP A 587 -25.00 6.83 12.56
CA ASP A 587 -26.21 6.86 13.36
C ASP A 587 -27.35 6.20 12.58
N TRP A 588 -28.13 5.36 13.28
CA TRP A 588 -29.05 4.44 12.61
C TRP A 588 -30.20 5.20 11.97
N PRO A 589 -30.43 5.02 10.67
CA PRO A 589 -31.34 5.93 9.95
C PRO A 589 -32.79 5.68 10.29
N GLU A 590 -33.67 6.51 9.76
CA GLU A 590 -35.08 6.26 9.99
C GLU A 590 -35.56 5.10 9.13
N GLU A 591 -35.23 5.11 7.84
CA GLU A 591 -35.64 4.08 6.90
C GLU A 591 -34.39 3.46 6.30
N PRO A 592 -33.87 2.38 6.89
CA PRO A 592 -32.64 1.76 6.39
C PRO A 592 -32.86 1.05 5.07
N ASP A 593 -31.74 0.79 4.39
CA ASP A 593 -31.74 0.15 3.08
C ASP A 593 -31.16 -1.25 3.16
N ILE A 594 -32.03 -2.18 3.51
CA ILE A 594 -31.73 -3.58 3.72
C ILE A 594 -32.85 -4.36 3.09
N VAL A 595 -32.52 -5.39 2.33
CA VAL A 595 -33.51 -6.26 1.73
C VAL A 595 -33.32 -7.65 2.29
N VAL A 596 -34.35 -8.16 2.96
CA VAL A 596 -34.34 -9.52 3.49
C VAL A 596 -34.72 -10.48 2.36
N VAL A 597 -33.77 -11.31 1.92
CA VAL A 597 -34.11 -12.27 0.87
C VAL A 597 -34.91 -13.42 1.45
N TYR A 598 -34.38 -14.05 2.50
CA TYR A 598 -35.09 -15.07 3.21
C TYR A 598 -34.81 -14.91 4.69
N ALA A 599 -35.78 -15.27 5.53
CA ALA A 599 -35.55 -15.44 6.95
C ALA A 599 -36.53 -16.48 7.43
N GLY A 600 -36.04 -17.61 7.94
CA GLY A 600 -36.90 -18.75 8.14
C GLY A 600 -36.81 -19.46 9.46
N GLY A 601 -36.49 -20.75 9.42
CA GLY A 601 -36.53 -21.53 10.64
C GLY A 601 -35.36 -21.25 11.56
N ASP A 602 -34.16 -21.32 11.03
CA ASP A 602 -32.96 -20.91 11.76
C ASP A 602 -32.09 -19.93 11.02
N ALA A 603 -32.23 -19.78 9.71
CA ALA A 603 -31.27 -19.05 8.91
C ALA A 603 -31.87 -17.79 8.35
N PHE A 604 -31.01 -17.01 7.69
CA PHE A 604 -31.45 -15.93 6.85
C PHE A 604 -30.44 -15.73 5.74
N PHE A 605 -30.77 -14.81 4.84
CA PHE A 605 -29.89 -14.37 3.77
C PHE A 605 -30.37 -12.95 3.50
N ILE A 606 -29.52 -11.96 3.76
CA ILE A 606 -29.94 -10.57 3.81
C ILE A 606 -28.92 -9.78 3.04
N VAL A 607 -29.39 -8.84 2.21
CA VAL A 607 -28.50 -7.96 1.45
C VAL A 607 -28.85 -6.54 1.86
N GLY A 608 -28.06 -5.60 1.38
CA GLY A 608 -28.36 -4.22 1.68
C GLY A 608 -27.13 -3.35 1.55
N ALA A 609 -27.25 -2.14 2.10
CA ALA A 609 -26.14 -1.19 2.10
C ALA A 609 -25.04 -1.75 2.97
N TRP A 610 -23.88 -2.01 2.36
CA TRP A 610 -22.84 -2.90 2.87
C TRP A 610 -22.20 -2.41 4.15
N ASP A 611 -22.46 -1.18 4.56
CA ASP A 611 -22.01 -0.73 5.87
C ASP A 611 -23.18 -0.32 6.74
N GLN A 612 -24.41 -0.72 6.37
CA GLN A 612 -25.49 -0.88 7.32
C GLN A 612 -25.79 -2.34 7.63
N ILE A 613 -25.35 -3.24 6.76
CA ILE A 613 -25.37 -4.67 7.05
C ILE A 613 -24.44 -5.01 8.20
N PHE A 614 -23.32 -4.28 8.30
CA PHE A 614 -22.33 -4.54 9.34
C PHE A 614 -22.90 -4.29 10.73
N GLU A 615 -23.63 -3.19 10.90
CA GLU A 615 -24.27 -2.96 12.19
C GLU A 615 -25.39 -3.96 12.43
N LEU A 616 -26.05 -4.39 11.35
CA LEU A 616 -27.21 -5.26 11.52
C LEU A 616 -26.82 -6.66 11.94
N ALA A 617 -25.65 -7.16 11.54
CA ALA A 617 -25.23 -8.49 11.97
C ALA A 617 -25.03 -8.57 13.47
N PHE A 618 -24.29 -7.62 14.03
CA PHE A 618 -24.07 -7.59 15.47
C PHE A 618 -25.33 -7.21 16.21
N ARG A 619 -26.21 -6.44 15.58
CA ARG A 619 -27.45 -6.07 16.24
C ARG A 619 -28.43 -7.24 16.31
N VAL A 620 -28.46 -8.07 15.26
CA VAL A 620 -29.29 -9.27 15.29
C VAL A 620 -28.73 -10.29 16.25
N ARG A 621 -27.39 -10.37 16.37
CA ARG A 621 -26.81 -11.25 17.39
C ARG A 621 -27.16 -10.81 18.80
N ARG A 622 -27.06 -9.51 19.06
CA ARG A 622 -27.40 -9.00 20.38
C ARG A 622 -28.89 -9.14 20.69
N ALA A 623 -29.74 -9.18 19.67
CA ALA A 623 -31.15 -9.46 19.90
C ALA A 623 -31.47 -10.95 19.99
N PHE A 624 -30.66 -11.83 19.39
CA PHE A 624 -30.89 -13.26 19.52
C PHE A 624 -30.35 -13.79 20.83
N ASN A 625 -29.30 -13.16 21.35
CA ASN A 625 -28.86 -13.43 22.70
C ASN A 625 -29.97 -13.11 23.71
N ALA A 626 -30.73 -12.08 23.44
CA ALA A 626 -31.77 -11.65 24.36
C ALA A 626 -33.07 -12.41 24.16
N TYR A 627 -33.36 -12.84 22.93
CA TYR A 627 -34.60 -13.58 22.68
C TYR A 627 -34.54 -14.96 23.29
N THR A 628 -33.49 -15.71 22.99
CA THR A 628 -33.10 -16.84 23.82
C THR A 628 -32.66 -16.36 25.20
N GLY A 629 -32.41 -17.30 26.09
CA GLY A 629 -31.89 -16.84 27.35
C GLY A 629 -30.39 -16.68 27.38
N GLY A 630 -29.73 -16.72 26.23
CA GLY A 630 -28.30 -16.88 26.14
C GLY A 630 -27.88 -18.29 25.80
N LYS A 631 -28.83 -19.21 25.70
CA LYS A 631 -28.56 -20.62 25.52
C LYS A 631 -28.18 -20.98 24.10
N LEU A 632 -28.61 -20.21 23.12
CA LEU A 632 -28.35 -20.52 21.72
C LEU A 632 -27.60 -19.39 21.06
N THR A 633 -26.87 -19.72 20.00
CA THR A 633 -25.95 -18.81 19.35
C THR A 633 -26.21 -18.83 17.85
N LEU A 634 -25.60 -17.91 17.12
CA LEU A 634 -25.66 -17.93 15.67
C LEU A 634 -24.34 -17.52 15.05
N SER A 635 -24.00 -18.15 13.94
CA SER A 635 -22.85 -17.79 13.13
C SER A 635 -23.31 -16.83 12.05
N VAL A 636 -22.40 -16.02 11.52
CA VAL A 636 -22.68 -15.15 10.38
C VAL A 636 -21.47 -15.14 9.48
N GLY A 637 -21.66 -15.51 8.20
CA GLY A 637 -20.68 -15.26 7.17
C GLY A 637 -21.06 -13.99 6.42
N LEU A 638 -20.08 -13.10 6.27
CA LEU A 638 -20.29 -11.84 5.60
C LEU A 638 -19.54 -11.75 4.28
N GLY A 639 -20.10 -10.99 3.34
CA GLY A 639 -19.45 -10.75 2.08
C GLY A 639 -19.76 -9.34 1.63
N TYR A 640 -18.77 -8.62 1.13
CA TYR A 640 -18.98 -7.26 0.64
C TYR A 640 -18.67 -7.29 -0.84
N PHE A 641 -19.71 -7.24 -1.66
CA PHE A 641 -19.59 -7.49 -3.09
C PHE A 641 -19.84 -6.20 -3.87
N ASP A 642 -19.24 -6.11 -5.04
CA ASP A 642 -19.61 -5.05 -5.96
C ASP A 642 -21.01 -5.33 -6.46
N GLU A 643 -21.79 -4.27 -6.67
CA GLU A 643 -23.24 -4.33 -6.78
C GLU A 643 -23.72 -5.13 -7.98
N ARG A 644 -22.86 -5.40 -8.96
CA ARG A 644 -23.29 -5.98 -10.22
C ARG A 644 -22.36 -7.17 -10.43
N THR A 645 -22.76 -8.28 -9.80
CA THR A 645 -22.00 -9.49 -9.59
C THR A 645 -23.01 -10.62 -9.72
N PRO A 646 -22.66 -11.73 -10.35
CA PRO A 646 -23.60 -12.85 -10.47
C PRO A 646 -23.96 -13.41 -9.10
N ILE A 647 -25.14 -14.01 -9.01
CA ILE A 647 -25.68 -14.33 -7.70
C ILE A 647 -25.31 -15.73 -7.24
N TYR A 648 -24.92 -16.62 -8.15
CA TYR A 648 -24.37 -17.90 -7.73
C TYR A 648 -23.04 -17.71 -7.02
N ARG A 649 -22.21 -16.78 -7.50
CA ARG A 649 -20.93 -16.58 -6.86
C ARG A 649 -21.08 -15.73 -5.61
N MET A 650 -21.96 -14.74 -5.67
CA MET A 650 -22.30 -13.93 -4.51
C MET A 650 -22.92 -14.77 -3.40
N ALA A 651 -23.56 -15.88 -3.74
CA ALA A 651 -24.05 -16.80 -2.72
C ALA A 651 -23.04 -17.82 -2.26
N ASP A 652 -22.17 -18.33 -3.14
CA ASP A 652 -21.21 -19.33 -2.75
C ASP A 652 -19.98 -18.76 -2.07
N VAL A 653 -19.80 -17.45 -2.08
CA VAL A 653 -18.79 -16.88 -1.20
C VAL A 653 -19.30 -16.83 0.23
N VAL A 654 -20.51 -16.34 0.42
CA VAL A 654 -21.07 -16.21 1.76
C VAL A 654 -21.41 -17.57 2.35
N SER A 655 -21.87 -18.51 1.53
CA SER A 655 -22.19 -19.84 2.04
C SER A 655 -20.95 -20.64 2.35
N GLU A 656 -19.81 -20.27 1.79
CA GLU A 656 -18.55 -20.89 2.17
C GLU A 656 -17.98 -20.24 3.42
N ARG A 657 -18.12 -18.92 3.54
CA ARG A 657 -17.66 -18.24 4.73
C ARG A 657 -18.53 -18.55 5.95
N LEU A 658 -19.76 -19.00 5.74
CA LEU A 658 -20.54 -19.48 6.88
C LEU A 658 -20.06 -20.83 7.38
N ASP A 659 -19.72 -21.76 6.48
CA ASP A 659 -19.11 -23.01 6.91
C ASP A 659 -17.75 -22.77 7.53
N THR A 660 -17.02 -21.77 7.05
CA THR A 660 -15.74 -21.40 7.66
C THR A 660 -15.92 -20.83 9.06
N ALA A 661 -16.86 -19.92 9.23
CA ALA A 661 -17.18 -19.37 10.54
C ALA A 661 -18.01 -20.31 11.37
N LYS A 662 -18.30 -21.49 10.90
CA LYS A 662 -19.12 -22.43 11.61
C LYS A 662 -18.40 -23.68 12.06
N ASP A 663 -17.49 -24.22 11.25
CA ASP A 663 -16.76 -25.40 11.70
C ASP A 663 -15.65 -25.08 12.69
N GLU A 664 -15.27 -23.81 12.80
CA GLU A 664 -14.32 -23.41 13.82
C GLU A 664 -14.94 -23.46 15.20
N GLY A 665 -15.94 -22.63 15.44
CA GLY A 665 -16.40 -22.50 16.81
C GLY A 665 -17.89 -22.48 17.12
N ARG A 666 -18.75 -22.34 16.11
CA ARG A 666 -20.22 -22.37 16.24
C ARG A 666 -20.74 -21.26 17.17
N ASN A 667 -19.96 -20.20 17.37
CA ASN A 667 -20.45 -18.98 18.01
C ASN A 667 -19.79 -17.79 17.35
N ARG A 668 -19.51 -17.87 16.08
CA ARG A 668 -18.50 -17.01 15.55
C ARG A 668 -19.13 -15.86 14.78
N VAL A 669 -18.29 -15.08 14.11
CA VAL A 669 -18.69 -14.18 13.05
C VAL A 669 -17.51 -14.04 12.10
N PHE A 670 -17.77 -14.23 10.81
CA PHE A 670 -16.77 -13.96 9.79
C PHE A 670 -16.96 -12.49 9.46
N VAL A 671 -16.16 -11.61 10.09
CA VAL A 671 -16.42 -10.18 9.98
C VAL A 671 -16.10 -9.68 8.59
N VAL A 672 -14.90 -10.01 8.10
CA VAL A 672 -14.44 -9.55 6.81
C VAL A 672 -13.43 -10.58 6.36
N GLY A 673 -13.15 -10.62 5.06
CA GLY A 673 -12.12 -11.51 4.57
C GLY A 673 -10.75 -11.11 5.09
N ARG A 674 -9.89 -12.11 5.27
CA ARG A 674 -8.67 -11.88 6.04
C ARG A 674 -7.64 -12.93 5.66
N SER A 675 -6.37 -12.59 5.84
CA SER A 675 -5.23 -13.47 5.56
C SER A 675 -4.63 -13.99 6.87
N ARG A 676 -4.09 -15.21 6.83
CA ARG A 676 -3.64 -15.87 8.06
C ARG A 676 -2.59 -16.91 7.69
N PRO A 677 -1.75 -17.33 8.66
CA PRO A 677 -0.82 -18.42 8.33
C PRO A 677 -1.46 -19.79 8.37
N LEU A 684 -10.45 -17.96 10.74
CA LEU A 684 -10.38 -16.63 10.15
C LEU A 684 -11.46 -15.76 10.78
N SER A 685 -12.49 -16.41 11.29
CA SER A 685 -13.62 -15.73 11.89
C SER A 685 -13.27 -15.23 13.29
N TYR A 686 -14.21 -14.51 13.90
CA TYR A 686 -14.04 -14.02 15.26
C TYR A 686 -15.20 -14.50 16.11
N GLU A 687 -14.98 -14.58 17.41
CA GLU A 687 -16.11 -14.66 18.33
C GLU A 687 -16.85 -13.32 18.33
N TRP A 688 -18.12 -13.35 18.76
CA TRP A 688 -18.91 -12.12 18.86
C TRP A 688 -18.34 -11.17 19.90
N ASN A 689 -18.26 -11.63 21.15
CA ASN A 689 -17.84 -10.78 22.27
C ASN A 689 -16.39 -10.32 22.11
N HIS A 690 -15.59 -11.12 21.41
CA HIS A 690 -14.23 -10.73 21.07
C HIS A 690 -14.20 -9.47 20.20
N TYR A 691 -15.04 -9.45 19.14
CA TYR A 691 -15.07 -8.28 18.28
C TYR A 691 -15.67 -7.09 18.99
N GLU A 692 -16.71 -7.32 19.77
CA GLU A 692 -17.33 -6.19 20.45
C GLU A 692 -16.53 -5.71 21.65
N GLU A 693 -15.51 -6.46 22.07
CA GLU A 693 -14.53 -5.96 23.02
C GLU A 693 -13.38 -5.25 22.33
N LEU A 694 -13.02 -5.69 21.11
CA LEU A 694 -12.07 -4.92 20.29
C LEU A 694 -12.61 -3.54 19.95
N TRP A 695 -13.86 -3.49 19.45
CA TRP A 695 -14.41 -2.25 18.92
C TRP A 695 -14.69 -1.22 20.00
N ARG A 696 -14.79 -1.63 21.26
CA ARG A 696 -14.80 -0.63 22.33
C ARG A 696 -13.47 0.09 22.42
N THR A 697 -12.39 -0.58 22.04
CA THR A 697 -11.05 -0.06 22.29
C THR A 697 -10.42 0.56 21.06
N TYR A 698 -10.21 -0.25 20.01
CA TYR A 698 -9.39 0.20 18.89
C TYR A 698 -10.15 1.21 18.03
N ALA A 699 -11.47 1.09 17.98
CA ALA A 699 -12.24 1.95 17.08
C ALA A 699 -12.48 3.37 17.60
N PRO A 700 -12.93 3.62 18.84
CA PRO A 700 -13.29 5.01 19.20
C PRO A 700 -12.12 5.95 19.36
N ARG A 701 -10.88 5.46 19.26
CA ARG A 701 -9.71 6.32 19.29
C ARG A 701 -9.25 6.73 17.90
N ILE A 702 -9.72 6.07 16.84
CA ILE A 702 -9.33 6.43 15.48
C ILE A 702 -10.50 6.87 14.61
N TYR A 703 -11.74 6.64 15.03
CA TYR A 703 -12.91 6.89 14.20
C TYR A 703 -13.86 7.80 14.96
N ALA A 704 -14.18 8.95 14.38
CA ALA A 704 -15.08 9.88 15.06
C ALA A 704 -16.53 9.48 14.84
N GLY A 705 -17.01 9.52 13.60
CA GLY A 705 -18.37 9.16 13.31
C GLY A 705 -18.81 9.63 11.94
N ASN A 706 -19.69 8.86 11.31
CA ASN A 706 -20.24 9.12 9.97
C ASN A 706 -19.13 9.26 8.92
N GLY A 707 -18.18 8.33 8.96
CA GLY A 707 -17.17 8.28 7.92
C GLY A 707 -16.05 9.29 8.06
N ARG A 708 -15.83 9.83 9.26
CA ARG A 708 -14.77 10.80 9.50
C ARG A 708 -13.85 10.27 10.60
N LEU A 709 -12.55 10.41 10.40
CA LEU A 709 -11.59 9.98 11.39
C LEU A 709 -11.47 11.02 12.50
N LYS A 710 -10.62 10.76 13.49
CA LYS A 710 -10.48 11.66 14.62
C LYS A 710 -9.72 12.93 14.21
N GLY A 711 -9.66 13.87 15.14
CA GLY A 711 -8.84 15.06 14.93
C GLY A 711 -7.36 14.70 14.96
N LYS A 712 -6.63 15.24 13.98
CA LYS A 712 -5.17 15.14 13.78
C LYS A 712 -4.72 13.73 13.39
N LEU A 713 -5.63 12.76 13.40
CA LEU A 713 -5.40 11.51 12.69
C LEU A 713 -5.93 11.62 11.26
N GLU A 714 -6.79 12.62 11.03
CA GLU A 714 -6.91 13.20 9.70
C GLU A 714 -5.56 13.74 9.26
N SER A 715 -5.31 13.69 7.94
CA SER A 715 -4.03 13.94 7.28
C SER A 715 -2.95 12.96 7.72
N LYS A 716 -3.33 11.85 8.32
CA LYS A 716 -2.51 10.72 8.70
C LYS A 716 -3.24 9.43 8.32
N LYS A 717 -3.92 9.47 7.16
CA LYS A 717 -4.60 8.29 6.65
C LYS A 717 -3.60 7.20 6.27
N GLY A 718 -2.42 7.60 5.80
CA GLY A 718 -1.38 6.64 5.48
C GLY A 718 -0.84 5.90 6.69
N LEU A 719 -1.05 6.45 7.88
CA LEU A 719 -0.73 5.73 9.11
C LEU A 719 -1.63 4.52 9.30
N LEU A 720 -2.85 4.55 8.74
CA LEU A 720 -3.78 3.46 8.95
C LEU A 720 -3.54 2.30 7.99
N TRP A 721 -3.06 2.60 6.77
CA TRP A 721 -2.79 1.55 5.80
C TRP A 721 -1.46 0.87 6.05
N LYS A 722 -0.42 1.65 6.36
CA LYS A 722 0.91 1.09 6.58
C LYS A 722 0.98 0.26 7.85
N LEU A 723 0.10 0.51 8.83
CA LEU A 723 -0.04 -0.41 9.95
C LEU A 723 -0.50 -1.78 9.48
N LEU A 724 -1.36 -1.82 8.46
CA LEU A 724 -1.71 -3.10 7.84
C LEU A 724 -0.57 -3.66 7.00
N GLU A 725 0.48 -2.88 6.73
CA GLU A 725 1.73 -3.46 6.27
C GLU A 725 2.45 -4.15 7.42
N ILE A 726 2.45 -3.51 8.59
CA ILE A 726 3.09 -4.09 9.75
C ILE A 726 2.28 -5.26 10.27
N ARG A 727 0.97 -5.24 10.03
CA ARG A 727 0.15 -6.42 10.28
C ARG A 727 0.53 -7.55 9.33
N GLU A 728 1.00 -7.25 8.14
CA GLU A 728 1.29 -8.28 7.15
C GLU A 728 2.74 -8.74 7.16
N LEU A 729 3.57 -8.25 8.07
CA LEU A 729 4.81 -8.96 8.34
C LEU A 729 4.61 -10.03 9.39
N TYR A 730 3.40 -10.15 9.91
CA TYR A 730 3.05 -11.16 10.91
C TYR A 730 2.55 -12.44 10.29
N VAL A 731 1.84 -12.34 9.17
CA VAL A 731 1.38 -13.53 8.45
C VAL A 731 2.54 -14.15 7.68
N ARG A 732 3.50 -13.34 7.25
CA ARG A 732 4.66 -13.84 6.53
C ARG A 732 5.57 -14.68 7.43
N ASP A 733 5.76 -14.25 8.67
CA ASP A 733 6.30 -15.13 9.70
C ASP A 733 5.78 -14.70 11.06
N PRO A 734 4.98 -15.54 11.73
CA PRO A 734 4.55 -15.23 13.10
C PRO A 734 5.67 -15.34 14.12
N ASN A 735 6.77 -15.98 13.74
CA ASN A 735 7.88 -16.26 14.65
C ASN A 735 8.84 -15.10 14.77
N ASP A 736 9.00 -14.33 13.69
CA ASP A 736 9.87 -13.16 13.71
C ASP A 736 9.21 -12.05 14.51
N VAL A 737 9.99 -11.37 15.33
CA VAL A 737 9.47 -10.39 16.27
C VAL A 737 9.71 -8.97 15.74
N ARG A 738 9.93 -8.83 14.43
CA ARG A 738 10.26 -7.53 13.87
C ARG A 738 9.08 -6.57 13.87
N TRP A 739 7.85 -7.06 14.05
CA TRP A 739 6.64 -6.26 13.96
C TRP A 739 6.37 -5.42 15.19
N ALA A 740 7.17 -5.54 16.24
CA ALA A 740 6.93 -4.77 17.46
C ALA A 740 7.62 -3.42 17.41
N TYR A 741 8.92 -3.41 17.09
CA TYR A 741 9.66 -2.16 17.03
C TYR A 741 9.28 -1.35 15.80
N LEU A 742 8.79 -1.99 14.74
CA LEU A 742 8.31 -1.24 13.60
C LEU A 742 7.03 -0.49 13.93
N THR A 743 6.16 -1.09 14.74
CA THR A 743 4.98 -0.36 15.20
C THR A 743 5.37 0.74 16.18
N ALA A 744 6.33 0.47 17.05
CA ALA A 744 6.83 1.50 17.97
C ALA A 744 7.50 2.63 17.23
N TYR A 745 8.19 2.33 16.13
CA TYR A 745 8.77 3.37 15.30
C TYR A 745 7.70 4.17 14.57
N LEU A 746 6.69 3.49 14.00
CA LEU A 746 5.72 4.18 13.16
C LEU A 746 4.74 4.99 14.01
N LEU A 747 4.41 4.54 15.21
CA LEU A 747 3.66 5.38 16.13
C LEU A 747 4.57 6.44 16.74
N GLY A 748 5.87 6.19 16.81
CA GLY A 748 6.77 7.24 17.23
C GLY A 748 7.00 8.29 16.17
N ARG A 749 6.83 7.92 14.91
CA ARG A 749 7.09 8.83 13.81
C ARG A 749 5.79 9.48 13.32
N LEU A 759 -0.07 -3.72 20.77
CA LEU A 759 0.40 -3.65 19.39
C LEU A 759 1.90 -3.49 19.33
N VAL A 760 2.46 -2.68 20.22
CA VAL A 760 3.88 -2.36 20.17
C VAL A 760 4.74 -3.38 20.91
N GLY A 761 4.16 -4.19 21.77
CA GLY A 761 4.92 -5.14 22.56
C GLY A 761 4.28 -6.51 22.53
N ILE A 762 5.10 -7.51 22.75
CA ILE A 762 4.65 -8.89 22.68
C ILE A 762 4.32 -9.33 24.10
N ASP A 763 3.54 -10.41 24.19
CA ASP A 763 3.17 -10.99 25.48
C ASP A 763 3.22 -12.50 25.34
N THR A 764 3.74 -13.16 26.38
CA THR A 764 3.72 -14.61 26.46
C THR A 764 2.37 -15.16 26.88
N LYS A 765 1.40 -14.29 27.16
CA LYS A 765 0.00 -14.71 27.25
C LYS A 765 -0.48 -15.26 25.91
N ALA A 766 0.09 -14.77 24.80
CA ALA A 766 -0.16 -15.41 23.52
C ALA A 766 0.72 -16.64 23.35
N VAL A 767 1.91 -16.63 23.96
CA VAL A 767 2.91 -17.64 23.66
C VAL A 767 2.89 -18.67 24.79
N GLU A 768 1.86 -18.60 25.64
CA GLU A 768 1.67 -19.66 26.62
C GLU A 768 1.20 -20.95 25.97
N ARG A 769 0.46 -20.84 24.85
CA ARG A 769 -0.06 -22.00 24.14
C ARG A 769 0.03 -21.83 22.63
N LYS A 770 0.71 -20.76 22.16
CA LYS A 770 0.76 -20.33 20.76
C LYS A 770 -0.65 -20.07 20.22
N GLU A 771 -1.29 -19.06 20.79
CA GLU A 771 -2.37 -18.37 20.11
C GLU A 771 -1.82 -17.11 19.47
N PRO A 772 -2.45 -16.59 18.42
CA PRO A 772 -1.85 -15.46 17.69
C PRO A 772 -1.85 -14.15 18.48
N GLN A 773 -0.89 -13.30 18.12
CA GLN A 773 -0.57 -12.07 18.82
C GLN A 773 -1.68 -11.03 18.62
N PRO A 774 -1.69 -9.96 19.44
CA PRO A 774 -2.67 -8.89 19.23
C PRO A 774 -2.51 -8.06 17.96
N VAL A 775 -1.40 -8.18 17.23
CA VAL A 775 -1.31 -7.48 15.95
C VAL A 775 -2.12 -8.17 14.87
N TYR A 776 -2.52 -9.41 15.10
CA TYR A 776 -3.35 -10.18 14.19
C TYR A 776 -4.83 -9.87 14.33
N TRP A 777 -5.25 -9.35 15.49
CA TRP A 777 -6.65 -9.05 15.72
C TRP A 777 -6.93 -7.58 15.48
N VAL A 778 -6.32 -6.99 14.45
CA VAL A 778 -6.56 -5.61 14.10
C VAL A 778 -6.89 -5.44 12.63
N ASP A 779 -6.86 -6.52 11.84
CA ASP A 779 -7.24 -6.42 10.44
C ASP A 779 -8.72 -6.14 10.28
N GLY A 780 -9.57 -6.90 10.95
CA GLY A 780 -11.00 -6.70 10.83
C GLY A 780 -11.56 -5.54 11.62
N VAL A 781 -10.72 -4.78 12.33
CA VAL A 781 -11.14 -3.57 13.01
C VAL A 781 -10.64 -2.33 12.30
N LEU A 782 -9.41 -2.36 11.80
CA LEU A 782 -8.93 -1.26 10.97
C LEU A 782 -9.54 -1.29 9.60
N LYS A 783 -9.83 -2.48 9.07
CA LYS A 783 -10.22 -2.61 7.68
C LYS A 783 -11.65 -2.14 7.44
N ILE A 784 -12.53 -2.30 8.42
CA ILE A 784 -13.87 -1.73 8.32
C ILE A 784 -13.80 -0.21 8.31
N VAL A 785 -13.01 0.37 9.22
CA VAL A 785 -12.88 1.82 9.35
C VAL A 785 -12.23 2.41 8.10
N LEU A 786 -11.35 1.65 7.47
CA LEU A 786 -10.80 2.11 6.20
C LEU A 786 -11.80 2.01 5.07
N MET A 787 -12.60 0.94 5.05
CA MET A 787 -13.59 0.82 3.99
C MET A 787 -14.74 1.80 4.14
N ALA A 788 -15.00 2.28 5.35
CA ALA A 788 -16.10 3.21 5.58
C ALA A 788 -15.61 4.62 5.88
N VAL A 789 -14.33 4.89 5.65
CA VAL A 789 -13.80 6.26 5.55
C VAL A 789 -13.01 6.31 4.25
N ARG A 790 -13.66 6.77 3.19
CA ARG A 790 -13.02 7.32 2.00
C ARG A 790 -12.14 6.33 1.26
N ARG A 791 -12.76 5.25 0.79
CA ARG A 791 -12.06 4.40 -0.16
C ARG A 791 -12.93 4.07 -1.36
N LYS B 40 6.40 -0.67 29.75
CA LYS B 40 6.85 0.37 30.65
C LYS B 40 7.12 1.67 29.91
N LYS B 41 6.04 2.33 29.47
CA LYS B 41 6.17 3.58 28.75
C LYS B 41 6.50 4.76 29.65
N MET B 42 6.19 4.67 30.95
CA MET B 42 6.46 5.74 31.90
C MET B 42 7.81 5.58 32.58
N LEU B 43 8.62 4.60 32.16
CA LEU B 43 9.92 4.39 32.78
C LEU B 43 10.96 5.37 32.24
N GLU B 44 11.17 5.36 30.93
CA GLU B 44 12.21 6.17 30.31
C GLU B 44 11.88 7.65 30.22
N LYS B 46 11.72 6.56 37.01
CA LYS B 46 11.36 7.70 36.16
C LYS B 46 12.60 8.44 35.70
N GLY B 47 12.92 9.55 36.38
CA GLY B 47 14.16 10.25 36.10
C GLY B 47 15.38 9.49 36.57
N LYS B 48 15.20 8.63 37.57
CA LYS B 48 16.23 7.72 38.06
C LYS B 48 16.25 6.40 37.33
N GLN B 49 15.76 6.35 36.08
CA GLN B 49 15.82 5.11 35.32
C GLN B 49 17.23 4.80 34.85
N TRP B 50 18.10 5.80 34.78
CA TRP B 50 19.52 5.53 34.59
C TRP B 50 20.09 4.79 35.78
N GLU B 51 19.60 5.11 36.97
CA GLU B 51 19.94 4.41 38.20
C GLU B 51 18.96 3.28 38.52
N ALA B 52 18.18 2.85 37.55
CA ALA B 52 17.26 1.71 37.70
C ALA B 52 17.45 0.66 36.63
N ILE B 53 17.76 1.07 35.39
CA ILE B 53 17.92 0.14 34.28
C ILE B 53 19.40 -0.16 34.01
N GLN B 54 20.26 0.04 35.00
CA GLN B 54 21.64 -0.43 34.90
C GLN B 54 21.84 -1.43 36.02
N PRO B 55 20.86 -2.30 36.25
CA PRO B 55 21.03 -3.38 37.23
C PRO B 55 22.02 -4.43 36.74
N TYR B 56 21.81 -4.91 35.52
CA TYR B 56 22.69 -5.90 34.89
C TYR B 56 22.88 -5.58 33.43
N PHE B 57 23.08 -4.29 33.12
CA PHE B 57 22.99 -3.83 31.74
C PHE B 57 24.18 -4.28 30.92
N ASP B 58 25.38 -4.25 31.50
CA ASP B 58 26.59 -4.58 30.75
C ASP B 58 27.09 -6.00 30.97
N ASN B 59 26.56 -6.71 31.98
CA ASN B 59 27.02 -8.07 32.25
C ASN B 59 26.56 -9.02 31.16
N VAL B 60 25.26 -9.04 30.87
CA VAL B 60 24.74 -9.86 29.79
C VAL B 60 25.15 -9.31 28.43
N VAL B 61 25.49 -8.02 28.36
CA VAL B 61 25.99 -7.43 27.13
C VAL B 61 27.37 -7.98 26.80
N ARG B 62 28.25 -8.03 27.82
CA ARG B 62 29.56 -8.65 27.66
C ARG B 62 29.45 -10.17 27.53
N GLU B 63 28.38 -10.76 28.05
CA GLU B 63 28.11 -12.17 27.78
C GLU B 63 27.69 -12.38 26.32
N ALA B 64 27.13 -11.35 25.70
CA ALA B 64 26.93 -11.35 24.24
C ALA B 64 28.14 -10.69 23.59
N LYS B 65 29.29 -11.36 23.74
CA LYS B 65 30.54 -10.93 23.13
C LYS B 65 30.72 -11.49 21.73
N ASN B 66 29.72 -12.19 21.21
CA ASN B 66 29.61 -12.55 19.80
C ASN B 66 28.27 -12.04 19.29
N PHE B 67 28.08 -12.15 17.98
CA PHE B 67 26.88 -11.60 17.36
C PHE B 67 25.67 -12.48 17.62
N LEU B 68 25.78 -13.78 17.32
CA LEU B 68 24.64 -14.69 17.39
C LEU B 68 24.45 -15.16 18.83
N GLU B 69 23.99 -14.22 19.67
CA GLU B 69 23.81 -14.52 21.09
C GLU B 69 22.57 -15.39 21.31
N TRP B 70 21.39 -14.86 20.98
CA TRP B 70 20.14 -15.60 21.17
C TRP B 70 19.10 -15.05 20.23
N SER B 71 18.64 -15.88 19.28
CA SER B 71 17.71 -15.51 18.22
C SER B 71 16.34 -15.08 18.76
N PRO B 72 16.00 -15.49 19.96
CA PRO B 72 14.63 -15.28 20.47
C PRO B 72 14.32 -13.84 20.85
N ASN B 73 13.19 -13.69 21.56
CA ASN B 73 12.72 -12.43 22.14
C ASN B 73 13.70 -11.77 23.10
N LYS B 74 14.81 -12.43 23.46
CA LYS B 74 15.85 -11.80 24.25
C LYS B 74 16.53 -10.65 23.52
N ARG B 75 16.56 -10.69 22.17
CA ARG B 75 17.08 -9.56 21.39
C ARG B 75 16.26 -8.30 21.63
N LEU B 76 14.95 -8.37 21.39
CA LEU B 76 14.06 -7.24 21.64
C LEU B 76 14.00 -6.88 23.12
N ALA B 77 14.09 -7.89 23.99
CA ALA B 77 13.99 -7.64 25.42
C ALA B 77 15.22 -6.93 25.96
N ASN B 78 16.39 -7.22 25.39
CA ASN B 78 17.58 -6.45 25.72
C ASN B 78 17.54 -5.08 25.07
N ALA B 79 17.02 -5.01 23.83
CA ALA B 79 17.05 -3.77 23.06
C ALA B 79 16.10 -2.72 23.62
N VAL B 80 15.06 -3.12 24.35
CA VAL B 80 14.22 -2.14 25.04
C VAL B 80 14.97 -1.56 26.23
N THR B 81 15.59 -2.42 27.05
CA THR B 81 16.26 -1.95 28.26
C THR B 81 17.54 -1.19 27.97
N VAL B 82 18.14 -1.38 26.79
CA VAL B 82 19.31 -0.58 26.42
C VAL B 82 18.91 0.87 26.21
N ALA B 83 17.83 1.11 25.46
CA ALA B 83 17.34 2.45 25.24
C ALA B 83 16.49 2.98 26.38
N ALA B 84 16.17 2.14 27.37
CA ALA B 84 15.32 2.58 28.46
C ALA B 84 16.01 3.55 29.41
N TYR B 85 17.33 3.53 29.49
CA TYR B 85 18.04 4.44 30.38
C TYR B 85 19.02 5.32 29.64
N LEU B 86 19.14 5.17 28.32
CA LEU B 86 19.74 6.22 27.49
C LEU B 86 18.87 7.47 27.52
N THR B 87 17.54 7.27 27.59
CA THR B 87 16.58 8.33 27.34
C THR B 87 16.57 9.35 28.48
N SER B 88 16.89 8.92 29.70
CA SER B 88 17.04 9.84 30.82
C SER B 88 18.24 10.77 30.64
N GLN B 89 19.22 10.37 29.84
CA GLN B 89 20.33 11.23 29.45
C GLN B 89 20.04 11.78 28.06
N GLY B 90 21.03 12.42 27.45
CA GLY B 90 20.82 13.09 26.18
C GLY B 90 20.60 12.20 24.98
N LEU B 91 21.65 11.49 24.55
CA LEU B 91 21.66 10.62 23.37
C LEU B 91 21.25 11.39 22.11
N LYS B 92 22.18 12.25 21.68
CA LYS B 92 22.08 12.88 20.36
C LYS B 92 21.94 11.81 19.28
N THR B 93 20.82 11.83 18.57
CA THR B 93 20.34 10.66 17.84
C THR B 93 20.92 10.52 16.44
N ASN B 94 20.93 11.59 15.64
CA ASN B 94 21.15 11.47 14.20
C ASN B 94 22.62 11.37 13.79
N GLN B 95 23.52 10.98 14.70
CA GLN B 95 24.92 10.71 14.36
C GLN B 95 25.18 9.23 14.13
N VAL B 96 24.17 8.48 13.67
CA VAL B 96 24.28 7.03 13.51
C VAL B 96 24.22 6.60 12.04
N ARG B 97 23.55 7.36 11.17
CA ARG B 97 23.12 6.94 9.83
C ARG B 97 24.26 6.55 8.88
N LYS B 98 25.51 6.88 9.20
CA LYS B 98 26.63 6.37 8.42
C LYS B 98 26.75 4.85 8.57
N ILE B 99 26.50 4.33 9.77
CA ILE B 99 26.49 2.89 9.99
C ILE B 99 25.29 2.25 9.29
N LEU B 100 24.17 2.98 9.20
CA LEU B 100 22.99 2.49 8.47
C LEU B 100 23.30 2.37 6.98
N ASP B 101 23.92 3.39 6.40
CA ASP B 101 24.34 3.32 5.00
C ASP B 101 25.42 2.25 4.79
N MET B 102 26.31 2.06 5.76
CA MET B 102 27.34 1.04 5.62
C MET B 102 26.75 -0.36 5.69
N ALA B 103 25.77 -0.56 6.56
CA ALA B 103 25.06 -1.83 6.61
C ALA B 103 24.23 -2.05 5.37
N ARG B 104 23.75 -0.97 4.75
CA ARG B 104 23.09 -1.07 3.45
C ARG B 104 24.06 -1.51 2.37
N THR B 105 25.30 -1.02 2.42
CA THR B 105 26.30 -1.45 1.45
C THR B 105 26.65 -2.91 1.63
N THR B 106 26.86 -3.33 2.89
CA THR B 106 27.13 -4.74 3.16
C THR B 106 25.94 -5.63 2.83
N GLU B 107 24.72 -5.08 2.92
CA GLU B 107 23.53 -5.84 2.57
C GLU B 107 23.34 -5.95 1.06
N LEU B 108 23.77 -4.92 0.31
CA LEU B 108 23.83 -5.06 -1.15
C LEU B 108 24.88 -6.07 -1.54
N LYS B 109 25.97 -6.15 -0.78
CA LYS B 109 26.98 -7.19 -0.98
C LYS B 109 26.50 -8.55 -0.53
N VAL B 110 25.51 -8.61 0.36
CA VAL B 110 24.78 -9.86 0.56
C VAL B 110 23.98 -10.20 -0.69
N LYS B 111 23.34 -9.21 -1.29
CA LYS B 111 22.55 -9.40 -2.51
C LYS B 111 23.43 -9.39 -3.77
N ARG B 112 24.48 -10.23 -3.76
CA ARG B 112 25.42 -10.42 -4.87
C ARG B 112 26.09 -9.12 -5.31
N GLY B 113 26.56 -8.34 -4.33
CA GLY B 113 27.20 -7.07 -4.64
C GLY B 113 28.70 -7.14 -4.75
N GLU B 114 29.37 -7.62 -3.71
CA GLU B 114 30.80 -7.88 -3.73
C GLU B 114 31.09 -9.17 -2.97
N GLY B 115 32.15 -9.87 -3.40
CA GLY B 115 32.57 -11.07 -2.70
C GLY B 115 33.34 -10.81 -1.44
N ASP B 116 33.91 -9.61 -1.30
CA ASP B 116 34.65 -9.21 -0.11
C ASP B 116 33.74 -8.31 0.72
N ILE B 117 33.16 -8.88 1.78
CA ILE B 117 32.24 -8.17 2.66
C ILE B 117 32.99 -7.99 4.00
N LYS B 118 34.31 -7.93 3.92
CA LYS B 118 35.16 -7.86 5.10
C LYS B 118 35.64 -6.44 5.41
N ASP B 119 35.89 -5.64 4.38
CA ASP B 119 36.50 -4.32 4.58
C ASP B 119 35.54 -3.32 5.20
N ASP B 120 34.27 -3.34 4.78
CA ASP B 120 33.28 -2.44 5.37
C ASP B 120 32.94 -2.82 6.82
N LEU B 121 33.14 -4.08 7.21
CA LEU B 121 32.93 -4.44 8.61
C LEU B 121 34.05 -3.89 9.48
N VAL B 122 35.24 -3.70 8.89
CA VAL B 122 36.36 -3.09 9.59
C VAL B 122 36.27 -1.56 9.56
N LYS B 123 35.67 -0.99 8.53
CA LYS B 123 35.53 0.47 8.44
C LYS B 123 34.60 1.04 9.51
N MET B 124 33.70 0.21 10.05
CA MET B 124 32.93 0.64 11.22
C MET B 124 33.82 0.74 12.45
N ARG B 125 34.77 -0.18 12.59
CA ARG B 125 35.73 -0.12 13.68
C ARG B 125 36.71 1.03 13.50
N TYR B 126 36.97 1.40 12.26
CA TYR B 126 37.72 2.61 11.95
C TYR B 126 36.98 3.86 12.43
N LEU B 127 35.64 3.80 12.42
CA LEU B 127 34.80 4.96 12.82
C LEU B 127 34.11 4.67 14.17
N LEU B 128 34.59 3.66 14.89
CA LEU B 128 33.94 3.21 16.17
C LEU B 128 33.91 4.33 17.23
N ALA B 129 35.02 5.05 17.45
CA ALA B 129 35.02 6.08 18.51
C ALA B 129 35.34 7.49 17.98
N TYR B 130 35.55 7.63 16.66
CA TYR B 130 35.91 8.93 16.10
C TYR B 130 34.86 9.98 16.44
N THR B 131 33.63 9.54 16.70
CA THR B 131 32.56 10.47 17.07
C THR B 131 32.82 11.06 18.45
N VAL B 132 33.09 10.19 19.44
CA VAL B 132 33.58 10.67 20.74
C VAL B 132 35.03 11.11 20.68
N GLY B 133 35.73 10.82 19.58
CA GLY B 133 37.00 11.41 19.24
C GLY B 133 36.91 12.68 18.43
N LYS B 134 35.73 13.29 18.33
CA LYS B 134 35.55 14.55 17.62
C LYS B 134 35.12 15.68 18.55
N ALA B 135 34.05 15.48 19.32
CA ALA B 135 33.54 16.50 20.23
C ALA B 135 32.73 15.82 21.33
N THR B 136 32.81 16.39 22.53
CA THR B 136 32.08 15.90 23.68
C THR B 136 31.08 16.96 24.14
N GLY B 137 30.22 16.59 25.08
CA GLY B 137 29.21 17.50 25.58
C GLY B 137 28.40 16.98 26.75
N GLN B 138 27.10 17.25 26.73
CA GLN B 138 26.23 16.88 27.84
C GLN B 138 25.78 15.42 27.77
N SER B 139 25.57 14.90 26.57
CA SER B 139 25.04 13.55 26.37
C SER B 139 26.12 12.47 26.42
N LYS B 140 27.30 12.78 26.97
CA LYS B 140 28.41 11.84 26.92
C LYS B 140 28.18 10.63 27.81
N TYR B 141 27.44 10.81 28.91
CA TYR B 141 27.17 9.71 29.85
C TYR B 141 26.31 8.64 29.22
N SER B 142 25.35 9.03 28.36
CA SER B 142 24.63 8.06 27.55
C SER B 142 25.56 7.37 26.57
N LEU B 143 26.57 8.09 26.08
CA LEU B 143 27.63 7.45 25.32
C LEU B 143 28.42 6.47 26.16
N ASP B 144 28.46 6.68 27.48
CA ASP B 144 29.03 5.68 28.37
C ASP B 144 28.18 4.42 28.40
N ALA B 145 26.87 4.57 28.17
CA ALA B 145 25.99 3.42 27.97
C ALA B 145 25.89 3.03 26.51
N PHE B 146 26.72 3.61 25.65
CA PHE B 146 26.77 3.24 24.24
C PHE B 146 28.12 2.64 23.83
N HIS B 147 29.22 3.11 24.41
CA HIS B 147 30.54 2.60 24.03
C HIS B 147 30.83 1.24 24.66
N ARG B 148 30.23 0.94 25.82
CA ARG B 148 30.51 -0.33 26.48
C ARG B 148 29.87 -1.51 25.76
N ILE B 149 28.89 -1.26 24.89
CA ILE B 149 28.22 -2.33 24.16
C ILE B 149 28.75 -2.41 22.72
N LEU B 150 29.74 -1.59 22.36
CA LEU B 150 30.28 -1.63 21.00
C LEU B 150 31.18 -2.84 20.80
N ASP B 151 32.31 -2.88 21.50
CA ASP B 151 33.31 -3.94 21.39
C ASP B 151 32.86 -5.37 21.72
N PRO B 152 31.83 -5.61 22.56
CA PRO B 152 31.23 -6.95 22.54
C PRO B 152 30.67 -7.35 21.18
N MET B 153 30.10 -6.40 20.43
CA MET B 153 29.49 -6.71 19.15
C MET B 153 30.27 -6.13 17.98
N LEU B 154 31.55 -5.82 18.15
CA LEU B 154 32.34 -5.31 17.05
C LEU B 154 33.66 -6.03 16.80
N GLU B 155 34.21 -6.74 17.77
CA GLU B 155 35.47 -7.44 17.57
C GLU B 155 35.28 -8.82 16.97
N VAL B 156 34.08 -9.15 16.50
CA VAL B 156 33.72 -10.53 16.20
C VAL B 156 34.03 -10.88 14.74
N LEU B 157 33.89 -9.93 13.84
CA LEU B 157 33.55 -10.21 12.45
C LEU B 157 34.75 -10.48 11.54
N MET B 158 35.93 -10.75 12.10
CA MET B 158 37.08 -11.03 11.23
C MET B 158 37.01 -12.43 10.64
N GLY B 159 36.69 -13.43 11.46
CA GLY B 159 36.56 -14.79 10.98
C GLY B 159 35.12 -15.28 10.99
N SER B 160 34.21 -14.41 10.58
CA SER B 160 32.77 -14.63 10.67
C SER B 160 32.19 -14.98 9.30
N PRO B 161 30.98 -15.55 9.28
CA PRO B 161 30.20 -15.52 8.03
C PRO B 161 29.85 -14.08 7.68
N LYS B 162 29.92 -13.77 6.39
CA LYS B 162 29.68 -12.39 5.97
C LYS B 162 28.19 -12.15 5.75
N LYS B 163 27.51 -13.08 5.09
CA LYS B 163 26.06 -12.98 4.94
C LYS B 163 25.36 -13.32 6.24
N GLU B 164 25.71 -14.46 6.83
CA GLU B 164 25.14 -14.86 8.11
C GLU B 164 25.87 -14.15 9.24
N ASN B 165 25.51 -14.51 10.49
CA ASN B 165 26.12 -14.04 11.74
C ASN B 165 26.01 -12.51 11.89
N PHE B 166 25.04 -11.91 11.21
CA PHE B 166 24.97 -10.46 11.05
C PHE B 166 23.59 -9.87 11.27
N GLU B 167 22.52 -10.66 11.15
CA GLU B 167 21.16 -10.12 11.22
C GLU B 167 20.77 -9.75 12.64
N LYS B 168 21.42 -10.31 13.66
CA LYS B 168 20.97 -10.07 15.02
C LYS B 168 21.52 -8.75 15.56
N PHE B 169 22.78 -8.44 15.25
CA PHE B 169 23.27 -7.08 15.43
C PHE B 169 22.53 -6.09 14.53
N TYR B 170 22.11 -6.54 13.35
CA TYR B 170 21.33 -5.71 12.44
C TYR B 170 19.93 -5.42 12.98
N ASP B 171 19.39 -6.28 13.84
CA ASP B 171 18.12 -6.06 14.50
C ASP B 171 18.24 -5.23 15.77
N PHE B 172 19.27 -5.50 16.57
CA PHE B 172 19.55 -4.68 17.75
C PHE B 172 19.91 -3.26 17.35
N LEU B 173 20.49 -3.09 16.16
CA LEU B 173 20.87 -1.79 15.65
C LEU B 173 19.65 -0.93 15.32
N GLN B 174 18.50 -1.54 15.06
CA GLN B 174 17.31 -0.78 14.73
C GLN B 174 16.29 -0.73 15.85
N ALA B 175 16.21 -1.77 16.69
CA ALA B 175 15.19 -1.77 17.73
C ALA B 175 15.48 -0.75 18.82
N VAL B 176 16.76 -0.45 19.06
CA VAL B 176 17.12 0.58 20.03
C VAL B 176 16.70 1.94 19.52
N VAL B 177 16.99 2.23 18.24
CA VAL B 177 16.56 3.46 17.58
C VAL B 177 15.04 3.57 17.57
N ALA B 178 14.36 2.45 17.32
CA ALA B 178 12.91 2.42 17.22
C ALA B 178 12.24 2.71 18.56
N TYR B 179 12.57 1.93 19.59
CA TYR B 179 12.00 2.18 20.89
C TYR B 179 12.48 3.49 21.49
N HIS B 180 13.65 4.00 21.11
CA HIS B 180 14.05 5.31 21.57
C HIS B 180 13.23 6.42 20.93
N LYS B 181 12.81 6.23 19.69
CA LYS B 181 11.85 7.15 19.10
C LYS B 181 10.50 7.03 19.79
N PHE B 182 10.12 5.81 20.16
CA PHE B 182 8.81 5.58 20.76
C PHE B 182 8.73 6.12 22.19
N PHE B 183 9.83 6.09 22.95
CA PHE B 183 9.81 6.74 24.26
C PHE B 183 9.81 8.25 24.14
N GLY B 184 10.28 8.80 23.02
CA GLY B 184 10.17 10.22 22.80
C GLY B 184 11.49 10.94 22.63
N GLY B 185 12.50 10.25 22.10
CA GLY B 185 13.78 10.88 21.88
C GLY B 185 14.29 10.74 20.46
N GLY B 186 14.62 11.85 19.82
CA GLY B 186 15.13 11.82 18.46
C GLY B 186 15.55 13.18 17.92
N ARG C 5 -6.56 -32.87 -40.01
CA ARG C 5 -5.72 -33.95 -39.52
C ARG C 5 -4.72 -33.49 -38.50
N PHE C 6 -3.59 -34.20 -38.43
CA PHE C 6 -2.60 -33.96 -37.40
C PHE C 6 -1.27 -34.58 -37.82
N TYR C 7 -0.19 -33.81 -37.70
CA TYR C 7 1.13 -34.22 -38.15
C TYR C 7 2.20 -34.01 -37.09
N GLY C 8 1.84 -33.73 -35.85
CA GLY C 8 2.80 -33.41 -34.82
C GLY C 8 2.57 -32.05 -34.22
N LYS C 9 3.35 -31.74 -33.19
CA LYS C 9 3.19 -30.50 -32.44
C LYS C 9 4.52 -29.84 -32.21
N ILE C 10 4.68 -28.62 -32.68
CA ILE C 10 5.91 -27.88 -32.50
C ILE C 10 5.89 -27.12 -31.18
N VAL C 11 6.80 -27.43 -30.28
CA VAL C 11 6.84 -26.83 -28.96
C VAL C 11 7.95 -25.81 -28.94
N ILE C 12 7.63 -24.56 -28.61
CA ILE C 12 8.59 -23.47 -28.51
C ILE C 12 8.79 -23.18 -27.03
N LYS C 13 10.01 -23.24 -26.56
CA LYS C 13 10.26 -22.98 -25.14
C LYS C 13 11.25 -21.85 -24.98
N GLY C 14 11.31 -21.30 -23.78
CA GLY C 14 12.27 -20.24 -23.54
C GLY C 14 12.00 -19.55 -22.24
N LYS C 15 12.34 -18.26 -22.20
CA LYS C 15 12.16 -17.43 -21.03
C LYS C 15 11.69 -16.06 -21.44
N ILE C 16 10.94 -15.43 -20.55
CA ILE C 16 10.55 -14.03 -20.62
C ILE C 16 11.37 -13.26 -19.59
N LYS C 17 11.84 -12.07 -19.94
CA LYS C 17 12.60 -11.23 -19.05
C LYS C 17 11.88 -9.91 -18.90
N ALA C 18 11.27 -9.67 -17.75
CA ALA C 18 10.61 -8.39 -17.50
C ALA C 18 11.67 -7.34 -17.28
N VAL C 19 12.10 -6.67 -18.35
CA VAL C 19 13.20 -5.72 -18.28
C VAL C 19 12.80 -4.47 -17.52
N THR C 20 11.54 -4.07 -17.65
CA THR C 20 10.91 -3.07 -16.82
C THR C 20 9.87 -3.82 -16.01
N GLY C 21 9.28 -3.17 -15.00
CA GLY C 21 8.30 -3.82 -14.11
C GLY C 21 7.09 -4.32 -14.89
N LEU C 22 6.59 -5.50 -14.53
CA LEU C 22 5.42 -6.12 -15.21
C LEU C 22 4.21 -6.06 -14.29
N HIS C 23 3.11 -5.44 -14.73
CA HIS C 23 1.89 -5.31 -13.90
C HIS C 23 0.67 -5.87 -14.64
N ILE C 24 -0.09 -6.78 -14.02
CA ILE C 24 -1.30 -7.36 -14.66
C ILE C 24 -2.56 -7.01 -13.84
N GLY C 25 -2.53 -7.17 -12.52
CA GLY C 25 -3.65 -6.78 -11.64
C GLY C 25 -4.63 -7.90 -11.30
N SER C 26 -5.25 -7.80 -10.12
CA SER C 26 -6.23 -8.79 -9.61
C SER C 26 -7.50 -8.09 -9.10
N GLN C 27 -8.26 -7.53 -10.03
CA GLN C 27 -9.54 -6.80 -9.79
C GLN C 27 -9.69 -6.09 -8.44
N ASP C 37 -2.34 -1.18 -3.51
CA ASP C 37 -3.75 -0.81 -3.55
C ASP C 37 -4.38 -1.28 -4.86
N ASN C 38 -3.52 -1.59 -5.83
CA ASN C 38 -3.88 -2.48 -6.93
C ASN C 38 -2.90 -3.62 -6.86
N PRO C 39 -3.33 -4.82 -6.52
CA PRO C 39 -2.42 -5.96 -6.48
C PRO C 39 -2.16 -6.49 -7.88
N VAL C 40 -1.11 -7.29 -7.98
CA VAL C 40 -0.75 -7.97 -9.21
C VAL C 40 -1.31 -9.37 -9.05
N ILE C 41 -1.43 -10.17 -10.12
CA ILE C 41 -2.03 -11.48 -9.89
C ILE C 41 -0.97 -12.47 -9.49
N LYS C 42 -1.35 -13.36 -8.59
CA LYS C 42 -0.41 -14.22 -7.93
C LYS C 42 -1.05 -15.60 -7.78
N ASP C 43 -0.21 -16.61 -7.67
CA ASP C 43 -0.64 -17.99 -7.45
C ASP C 43 -1.30 -18.10 -6.08
N PRO C 44 -2.54 -18.57 -5.97
CA PRO C 44 -3.24 -18.53 -4.67
C PRO C 44 -2.64 -19.39 -3.56
N HIS C 45 -1.72 -20.30 -3.88
CA HIS C 45 -1.17 -21.20 -2.89
C HIS C 45 0.20 -20.75 -2.41
N THR C 46 1.15 -20.61 -3.33
CA THR C 46 2.46 -20.10 -2.94
C THR C 46 2.38 -18.61 -2.63
N GLY C 47 1.99 -17.80 -3.61
CA GLY C 47 1.98 -16.37 -3.48
C GLY C 47 2.88 -15.66 -4.46
N LEU C 48 3.56 -16.39 -5.33
CA LEU C 48 4.39 -15.77 -6.34
C LEU C 48 3.53 -15.25 -7.48
N PRO C 49 4.00 -14.24 -8.20
CA PRO C 49 3.28 -13.79 -9.40
C PRO C 49 3.42 -14.80 -10.53
N TYR C 50 2.70 -14.52 -11.62
CA TYR C 50 2.84 -15.27 -12.86
C TYR C 50 2.24 -14.46 -14.00
N ILE C 51 2.65 -14.78 -15.22
CA ILE C 51 2.09 -14.18 -16.42
C ILE C 51 1.05 -15.17 -16.97
N PRO C 52 -0.21 -14.79 -17.06
CA PRO C 52 -1.23 -15.70 -17.61
C PRO C 52 -0.96 -16.08 -19.05
N GLY C 53 -1.70 -17.08 -19.51
CA GLY C 53 -1.51 -17.49 -20.86
C GLY C 53 -2.44 -16.70 -21.74
N SER C 54 -3.54 -16.26 -21.15
CA SER C 54 -4.48 -15.47 -21.89
C SER C 54 -4.03 -14.05 -22.03
N SER C 55 -3.35 -13.53 -21.02
CA SER C 55 -2.86 -12.18 -21.07
C SER C 55 -1.71 -12.05 -22.04
N LEU C 56 -0.98 -13.12 -22.27
CA LEU C 56 0.07 -13.13 -23.27
C LEU C 56 -0.49 -13.41 -24.65
N LYS C 57 -1.42 -14.35 -24.76
CA LYS C 57 -1.98 -14.73 -26.04
C LYS C 57 -2.82 -13.63 -26.66
N GLY C 58 -3.66 -12.98 -25.86
CA GLY C 58 -4.48 -11.92 -26.41
C GLY C 58 -3.70 -10.66 -26.73
N ARG C 59 -2.59 -10.44 -26.06
CA ARG C 59 -1.74 -9.33 -26.46
C ARG C 59 -1.06 -9.62 -27.77
N LEU C 60 -0.60 -10.85 -27.97
CA LEU C 60 -0.09 -11.27 -29.26
C LEU C 60 -1.15 -11.16 -30.35
N ARG C 61 -2.38 -11.54 -30.03
CA ARG C 61 -3.44 -11.49 -31.02
C ARG C 61 -3.80 -10.06 -31.38
N SER C 62 -3.85 -9.15 -30.40
CA SER C 62 -4.15 -7.75 -30.68
C SER C 62 -3.10 -7.12 -31.58
N LEU C 63 -1.82 -7.34 -31.25
CA LEU C 63 -0.72 -6.85 -32.08
C LEU C 63 -0.79 -7.38 -33.50
N PHE C 64 -1.09 -8.66 -33.66
CA PHE C 64 -1.14 -9.19 -35.02
C PHE C 64 -2.43 -8.79 -35.75
N GLU C 65 -3.50 -8.51 -35.03
CA GLU C 65 -4.71 -7.95 -35.64
C GLU C 65 -4.44 -6.61 -36.28
N ILE C 66 -3.78 -5.72 -35.53
CA ILE C 66 -3.47 -4.35 -36.03
C ILE C 66 -2.53 -4.46 -37.23
N LEU C 67 -1.57 -5.37 -37.17
CA LEU C 67 -0.60 -5.57 -38.29
C LEU C 67 -1.38 -6.03 -39.53
N VAL C 68 -2.31 -6.98 -39.36
CA VAL C 68 -3.14 -7.50 -40.50
C VAL C 68 -4.04 -6.39 -41.05
N ASN C 69 -4.65 -5.59 -40.17
CA ASN C 69 -5.53 -4.51 -40.61
C ASN C 69 -4.78 -3.47 -41.41
N SER C 70 -3.49 -3.31 -41.16
CA SER C 70 -2.70 -2.51 -42.08
C SER C 70 -2.55 -3.14 -43.46
N ARG C 71 -2.66 -4.45 -43.57
CA ARG C 71 -2.27 -5.20 -44.76
C ARG C 71 -3.42 -5.99 -45.34
N LEU C 72 -4.60 -5.39 -45.42
CA LEU C 72 -5.74 -6.01 -46.08
C LEU C 72 -5.77 -5.75 -47.56
N GLY C 73 -4.75 -5.13 -48.11
CA GLY C 73 -4.70 -4.89 -49.53
C GLY C 73 -3.55 -5.67 -50.13
N GLU C 74 -2.55 -5.91 -49.31
CA GLU C 74 -1.27 -6.44 -49.76
C GLU C 74 -1.12 -7.93 -49.53
N TRP C 75 -2.04 -8.55 -48.80
CA TRP C 75 -2.01 -10.00 -48.60
C TRP C 75 -3.23 -10.71 -49.18
N ARG C 76 -4.00 -10.05 -50.04
CA ARG C 76 -5.23 -10.64 -50.58
C ARG C 76 -4.96 -11.80 -51.52
N GLU C 77 -3.75 -11.91 -52.06
CA GLU C 77 -3.45 -13.01 -52.94
C GLU C 77 -2.83 -14.19 -52.22
N LYS C 78 -2.06 -13.94 -51.17
CA LYS C 78 -1.57 -15.04 -50.36
C LYS C 78 -2.69 -15.64 -49.52
N TYR C 79 -3.33 -14.81 -48.71
CA TYR C 79 -4.45 -15.24 -47.89
C TYR C 79 -5.73 -14.75 -48.52
N PRO C 80 -6.57 -15.60 -49.06
CA PRO C 80 -7.91 -15.15 -49.42
C PRO C 80 -8.77 -14.95 -48.18
N SER C 81 -10.00 -14.50 -48.37
CA SER C 81 -10.96 -14.13 -47.33
C SER C 81 -10.52 -12.95 -46.48
N LEU C 82 -9.39 -12.33 -46.78
CA LEU C 82 -9.18 -10.94 -46.43
C LEU C 82 -9.70 -10.03 -47.51
N ALA C 83 -10.16 -10.60 -48.62
CA ALA C 83 -10.85 -9.82 -49.62
C ALA C 83 -12.27 -9.46 -49.18
N ASN C 84 -12.81 -10.16 -48.19
CA ASN C 84 -14.15 -9.87 -47.68
C ASN C 84 -14.16 -8.77 -46.64
N TYR C 85 -13.07 -8.06 -46.44
CA TYR C 85 -12.97 -7.12 -45.33
C TYR C 85 -12.37 -5.82 -45.81
N SER C 86 -12.89 -4.75 -45.32
CA SER C 86 -12.36 -3.43 -45.56
C SER C 86 -11.66 -2.95 -44.30
N PRO C 87 -10.57 -2.21 -44.42
CA PRO C 87 -9.84 -1.80 -43.21
C PRO C 87 -10.60 -0.76 -42.42
N GLY C 88 -10.86 -1.07 -41.17
CA GLY C 88 -11.62 -0.18 -40.33
C GLY C 88 -12.15 -0.88 -39.11
N SER C 89 -13.40 -0.62 -38.78
CA SER C 89 -14.03 -1.11 -37.56
C SER C 89 -15.53 -0.94 -37.70
N CYS C 90 -16.27 -1.74 -36.94
CA CYS C 90 -17.72 -1.77 -37.06
C CYS C 90 -18.42 -1.06 -35.92
N ARG C 91 -17.70 -0.27 -35.12
CA ARG C 91 -18.35 0.42 -34.01
C ARG C 91 -19.40 1.46 -34.43
N PRO C 92 -19.16 2.38 -35.44
CA PRO C 92 -20.22 3.32 -35.78
C PRO C 92 -21.46 2.69 -36.39
N ASP C 93 -21.31 1.98 -37.49
CA ASP C 93 -22.43 1.25 -38.05
C ASP C 93 -22.56 -0.05 -37.27
N ASN C 94 -23.48 -0.08 -36.31
CA ASN C 94 -23.52 -1.18 -35.36
C ASN C 94 -24.18 -2.45 -35.89
N GLN C 95 -23.79 -2.90 -37.08
CA GLN C 95 -24.11 -4.24 -37.54
C GLN C 95 -22.83 -5.03 -37.54
N GLU C 96 -22.86 -6.21 -36.93
CA GLU C 96 -21.72 -7.09 -36.98
C GLU C 96 -21.51 -7.56 -38.41
N ASN C 97 -20.24 -7.86 -38.72
CA ASN C 97 -19.67 -8.29 -40.01
C ASN C 97 -20.37 -7.66 -41.22
N CYS C 98 -20.49 -6.34 -41.15
CA CYS C 98 -20.99 -5.56 -42.28
C CYS C 98 -19.97 -5.47 -43.38
N GLY C 99 -18.68 -5.63 -43.05
CA GLY C 99 -17.64 -5.55 -44.05
C GLY C 99 -16.35 -4.94 -43.56
N LYS C 100 -16.33 -4.44 -42.34
CA LYS C 100 -15.09 -3.94 -41.78
C LYS C 100 -14.34 -5.07 -41.08
N PHE C 101 -13.12 -4.78 -40.67
CA PHE C 101 -12.26 -5.84 -40.18
C PHE C 101 -12.62 -6.25 -38.76
N PHE C 102 -12.68 -5.30 -37.84
CA PHE C 102 -12.98 -5.67 -36.45
C PHE C 102 -14.49 -5.83 -36.34
N ASN C 103 -14.96 -7.02 -36.69
CA ASN C 103 -16.36 -7.22 -37.02
C ASN C 103 -17.22 -7.81 -35.92
N ARG C 104 -16.65 -8.54 -34.97
CA ARG C 104 -17.47 -9.15 -33.94
C ARG C 104 -17.42 -8.32 -32.67
N LYS C 105 -18.57 -8.11 -32.05
CA LYS C 105 -18.66 -7.46 -30.75
C LYS C 105 -18.86 -8.49 -29.67
N ILE C 106 -17.93 -8.59 -28.73
CA ILE C 106 -18.12 -9.60 -27.70
C ILE C 106 -19.09 -9.08 -26.64
N ASN C 107 -18.68 -8.08 -25.86
CA ASN C 107 -19.59 -7.50 -24.88
C ASN C 107 -19.79 -6.02 -25.12
N ARG C 108 -18.71 -5.26 -25.14
CA ARG C 108 -18.73 -3.84 -25.43
C ARG C 108 -17.61 -3.48 -26.41
N GLY C 109 -16.65 -4.37 -26.61
CA GLY C 109 -15.59 -4.18 -27.57
C GLY C 109 -15.68 -5.05 -28.81
N TRP C 110 -14.97 -4.62 -29.84
CA TRP C 110 -15.04 -5.12 -31.21
C TRP C 110 -13.71 -5.77 -31.59
N ILE C 111 -13.78 -7.05 -31.96
CA ILE C 111 -12.65 -7.89 -32.30
C ILE C 111 -12.89 -8.39 -33.72
N HIS C 112 -11.81 -8.67 -34.45
CA HIS C 112 -11.93 -9.47 -35.66
C HIS C 112 -11.89 -10.94 -35.31
N VAL C 113 -13.05 -11.58 -35.31
CA VAL C 113 -13.15 -13.03 -35.24
C VAL C 113 -14.03 -13.47 -36.39
N CYS C 114 -13.54 -14.41 -37.20
CA CYS C 114 -14.23 -14.84 -38.41
C CYS C 114 -15.49 -15.63 -38.06
N PRO C 115 -16.49 -15.65 -38.94
CA PRO C 115 -17.78 -16.28 -38.59
C PRO C 115 -18.00 -17.71 -39.06
N ASP C 116 -17.00 -18.39 -39.61
CA ASP C 116 -17.20 -19.67 -40.26
C ASP C 116 -15.88 -20.44 -40.19
N TYR C 117 -15.93 -21.74 -40.46
CA TYR C 117 -14.69 -22.51 -40.63
C TYR C 117 -13.97 -22.08 -41.89
N GLU C 118 -14.63 -22.25 -43.03
CA GLU C 118 -13.92 -22.17 -44.29
C GLU C 118 -13.59 -20.75 -44.73
N THR C 119 -14.01 -19.74 -43.98
CA THR C 119 -13.46 -18.41 -44.16
C THR C 119 -12.28 -18.15 -43.25
N ALA C 120 -12.18 -18.88 -42.13
CA ALA C 120 -11.12 -18.72 -41.17
C ALA C 120 -9.95 -19.65 -41.42
N LEU C 121 -10.10 -20.60 -42.33
CA LEU C 121 -8.95 -21.37 -42.79
C LEU C 121 -8.05 -20.54 -43.69
N ALA C 122 -8.53 -19.43 -44.22
CA ALA C 122 -7.71 -18.59 -45.07
C ALA C 122 -7.39 -17.23 -44.47
N CYS C 123 -7.91 -16.91 -43.35
CA CYS C 123 -7.56 -15.69 -42.65
C CYS C 123 -6.41 -15.96 -41.71
N PRO C 124 -5.30 -15.21 -41.77
CA PRO C 124 -4.11 -15.63 -41.02
C PRO C 124 -4.20 -15.41 -39.54
N VAL C 125 -5.13 -14.59 -39.05
CA VAL C 125 -5.28 -14.41 -37.62
C VAL C 125 -6.01 -15.60 -37.03
N CYS C 126 -7.20 -15.88 -37.55
CA CYS C 126 -8.06 -16.91 -36.99
C CYS C 126 -7.61 -18.31 -37.32
N ARG C 127 -6.75 -18.47 -38.32
CA ARG C 127 -6.15 -19.77 -38.58
C ARG C 127 -5.19 -20.15 -37.47
N LEU C 128 -4.55 -19.18 -36.85
CA LEU C 128 -3.57 -19.39 -35.81
C LEU C 128 -4.17 -19.19 -34.44
N PHE C 129 -4.95 -18.15 -34.25
CA PHE C 129 -5.44 -17.87 -32.92
C PHE C 129 -6.83 -18.40 -32.67
N GLY C 130 -7.61 -18.71 -33.69
CA GLY C 130 -8.87 -19.37 -33.47
C GLY C 130 -10.07 -18.47 -33.60
N ALA C 131 -11.17 -18.97 -34.11
CA ALA C 131 -12.39 -18.22 -34.34
C ALA C 131 -13.54 -18.90 -33.63
N SER C 132 -14.72 -18.31 -33.67
CA SER C 132 -15.85 -18.94 -32.99
C SER C 132 -17.05 -19.21 -33.86
N GLY C 133 -17.50 -18.24 -34.65
CA GLY C 133 -18.61 -18.41 -35.57
C GLY C 133 -19.96 -18.86 -34.98
N LYS C 134 -20.84 -19.27 -35.89
CA LYS C 134 -22.11 -19.89 -35.54
C LYS C 134 -22.29 -21.15 -36.37
N GLU C 135 -22.47 -22.29 -35.69
CA GLU C 135 -22.53 -23.67 -36.18
C GLU C 135 -21.17 -24.15 -36.71
N SER C 136 -20.10 -23.35 -36.61
CA SER C 136 -18.86 -23.66 -37.32
C SER C 136 -17.65 -23.87 -36.43
N ASN C 137 -17.18 -22.86 -35.67
CA ASN C 137 -16.13 -22.99 -34.65
C ASN C 137 -14.79 -23.55 -35.10
N PHE C 138 -13.95 -22.78 -35.80
CA PHE C 138 -12.54 -23.13 -35.99
C PHE C 138 -11.73 -22.98 -34.70
N PRO C 139 -11.28 -24.04 -34.04
CA PRO C 139 -10.50 -23.87 -32.81
C PRO C 139 -9.08 -23.42 -33.10
N SER C 140 -8.38 -23.00 -32.05
CA SER C 140 -7.07 -22.40 -32.22
C SER C 140 -6.05 -23.44 -32.60
N ARG C 141 -4.86 -22.97 -32.79
CA ARG C 141 -3.81 -23.78 -33.35
C ARG C 141 -2.53 -23.52 -32.59
N ILE C 142 -2.54 -22.61 -31.62
CA ILE C 142 -1.49 -22.48 -30.63
C ILE C 142 -2.08 -22.72 -29.25
N ILE C 143 -1.21 -23.16 -28.33
CA ILE C 143 -1.51 -23.24 -26.91
C ILE C 143 -0.45 -22.38 -26.24
N VAL C 144 -0.85 -21.22 -25.72
CA VAL C 144 0.08 -20.37 -25.02
C VAL C 144 0.05 -20.80 -23.57
N ARG C 145 1.02 -21.61 -23.19
CA ARG C 145 1.06 -22.17 -21.85
C ARG C 145 1.41 -21.08 -20.87
N ASP C 146 0.88 -21.22 -19.66
CA ASP C 146 1.00 -20.24 -18.59
C ASP C 146 2.45 -20.06 -18.16
N ALA C 147 2.86 -18.88 -17.74
CA ALA C 147 4.28 -18.57 -17.52
C ALA C 147 4.55 -18.32 -16.04
N PHE C 148 5.42 -19.15 -15.46
CA PHE C 148 5.77 -19.06 -14.01
C PHE C 148 7.24 -18.64 -13.84
N LEU C 149 7.59 -18.15 -12.65
CA LEU C 149 8.96 -17.65 -12.34
C LEU C 149 9.98 -18.78 -12.53
N THR C 150 11.17 -18.46 -13.08
CA THR C 150 12.26 -19.46 -13.25
C THR C 150 12.77 -19.86 -11.87
N LYS C 151 13.22 -21.09 -11.71
CA LYS C 151 13.59 -21.57 -10.38
C LYS C 151 14.68 -20.74 -9.72
N GLU C 152 15.50 -20.02 -10.50
CA GLU C 152 16.41 -19.04 -9.94
C GLU C 152 15.67 -17.97 -9.16
N TRP C 153 14.53 -17.55 -9.69
CA TRP C 153 13.71 -16.53 -9.07
C TRP C 153 12.72 -17.08 -8.07
N GLU C 154 12.65 -18.40 -7.90
CA GLU C 154 12.07 -18.91 -6.68
C GLU C 154 13.11 -19.01 -5.58
N GLU C 155 14.36 -19.30 -5.95
CA GLU C 155 15.45 -19.28 -4.98
C GLU C 155 15.74 -17.87 -4.49
N LYS C 156 15.55 -16.85 -5.34
CA LYS C 156 15.66 -15.49 -4.87
C LYS C 156 14.47 -15.11 -4.00
N TRP C 157 13.32 -15.72 -4.24
CA TRP C 157 12.16 -15.53 -3.40
C TRP C 157 12.34 -16.20 -2.04
N ARG C 158 13.13 -17.26 -1.97
CA ARG C 158 13.41 -17.89 -0.69
C ARG C 158 14.63 -17.32 0.01
N ALA C 159 15.34 -16.40 -0.62
CA ALA C 159 16.37 -15.63 0.07
C ALA C 159 15.81 -14.39 0.73
N GLY C 160 14.49 -14.26 0.78
CA GLY C 160 13.86 -13.10 1.37
C GLY C 160 13.78 -11.88 0.48
N GLU C 161 14.28 -11.94 -0.76
CA GLU C 161 14.28 -10.78 -1.63
C GLU C 161 12.87 -10.44 -2.09
N ALA C 162 12.63 -9.16 -2.32
CA ALA C 162 11.33 -8.70 -2.77
C ALA C 162 11.12 -9.11 -4.20
N ILE C 163 9.98 -9.75 -4.47
CA ILE C 163 9.64 -10.18 -5.81
C ILE C 163 8.64 -9.23 -6.46
N THR C 164 7.88 -8.47 -5.68
CA THR C 164 7.13 -7.34 -6.21
C THR C 164 7.52 -6.09 -5.44
N GLU C 165 7.17 -4.95 -6.01
CA GLU C 165 7.43 -3.67 -5.39
C GLU C 165 6.11 -2.98 -5.10
N ALA C 166 6.20 -1.72 -4.71
CA ALA C 166 5.00 -0.90 -4.52
C ALA C 166 5.36 0.49 -4.98
N LYS C 167 4.93 0.86 -6.17
CA LYS C 167 5.33 2.10 -6.80
C LYS C 167 4.23 3.13 -6.58
N ILE C 168 4.58 4.27 -6.00
CA ILE C 168 3.65 5.33 -5.74
C ILE C 168 3.76 6.34 -6.86
N GLU C 169 2.64 6.58 -7.54
CA GLU C 169 2.56 7.59 -8.56
C GLU C 169 1.58 8.64 -8.09
N VAL C 170 1.49 9.73 -8.85
CA VAL C 170 0.72 10.88 -8.41
C VAL C 170 0.14 11.53 -9.65
N GLY C 171 -0.99 12.21 -9.50
CA GLY C 171 -1.54 13.07 -10.53
C GLY C 171 -1.49 14.50 -10.04
N ILE C 172 -1.27 15.43 -10.94
CA ILE C 172 -0.92 16.79 -10.54
C ILE C 172 -1.73 17.81 -11.31
N ASP C 173 -2.36 18.73 -10.57
CA ASP C 173 -3.13 19.84 -11.13
C ASP C 173 -2.23 20.70 -12.00
N ARG C 174 -2.76 21.09 -13.16
CA ARG C 174 -1.94 21.82 -14.12
C ARG C 174 -1.73 23.27 -13.75
N VAL C 175 -2.53 23.82 -12.84
CA VAL C 175 -2.40 25.21 -12.43
C VAL C 175 -1.86 25.32 -11.02
N THR C 176 -2.37 24.51 -10.09
CA THR C 176 -2.01 24.64 -8.70
C THR C 176 -1.13 23.50 -8.18
N SER C 177 -0.73 22.54 -9.01
CA SER C 177 0.26 21.51 -8.68
C SER C 177 -0.09 20.67 -7.46
N GLN C 178 -1.32 20.17 -7.43
CA GLN C 178 -1.82 19.43 -6.28
C GLN C 178 -1.58 17.95 -6.49
N ALA C 179 -0.87 17.33 -5.53
CA ALA C 179 -0.61 15.91 -5.60
C ALA C 179 -1.86 15.10 -5.31
N ASN C 180 -2.05 14.05 -6.11
CA ASN C 180 -3.19 13.14 -5.97
C ASN C 180 -2.66 11.73 -6.18
N PRO C 181 -2.18 11.08 -5.13
CA PRO C 181 -1.39 9.85 -5.33
C PRO C 181 -2.19 8.56 -5.32
N ARG C 182 -1.66 7.59 -6.06
CA ARG C 182 -2.14 6.20 -6.04
C ARG C 182 -0.93 5.28 -6.08
N THR C 183 -1.13 4.01 -5.71
CA THR C 183 -0.05 3.04 -5.73
C THR C 183 -0.40 1.87 -6.63
N ASN C 184 0.63 1.32 -7.28
CA ASN C 184 0.48 0.12 -8.10
C ASN C 184 1.51 -0.88 -7.65
N GLU C 185 1.17 -2.16 -7.71
CA GLU C 185 2.08 -3.22 -7.29
C GLU C 185 2.66 -3.85 -8.53
N ARG C 186 3.92 -3.61 -8.77
CA ARG C 186 4.59 -3.97 -9.99
C ARG C 186 5.60 -5.06 -9.70
N VAL C 187 5.81 -5.97 -10.65
CA VAL C 187 6.83 -7.00 -10.46
C VAL C 187 8.19 -6.33 -10.58
N VAL C 188 9.16 -6.81 -9.80
CA VAL C 188 10.48 -6.24 -9.81
C VAL C 188 11.10 -6.41 -11.19
N ALA C 189 11.62 -5.31 -11.73
CA ALA C 189 12.27 -5.32 -13.03
C ALA C 189 13.48 -6.22 -13.01
N GLY C 190 13.65 -6.99 -14.07
CA GLY C 190 14.70 -7.98 -14.14
C GLY C 190 14.23 -9.38 -13.93
N ALA C 191 12.94 -9.58 -13.66
CA ALA C 191 12.42 -10.90 -13.36
C ALA C 191 12.42 -11.79 -14.59
N GLU C 192 12.33 -13.08 -14.35
CA GLU C 192 12.39 -14.10 -15.38
C GLU C 192 11.20 -15.02 -15.21
N PHE C 193 10.47 -15.27 -16.29
CA PHE C 193 9.38 -16.22 -16.34
C PHE C 193 9.72 -17.24 -17.41
N GLU C 194 8.97 -18.33 -17.47
CA GLU C 194 9.37 -19.43 -18.33
C GLU C 194 8.19 -19.84 -19.19
N PHE C 195 8.23 -19.51 -20.47
CA PHE C 195 7.05 -19.67 -21.32
C PHE C 195 7.14 -20.92 -22.17
N GLU C 196 6.01 -21.29 -22.75
CA GLU C 196 5.91 -22.40 -23.68
C GLU C 196 4.76 -22.13 -24.62
N ILE C 197 4.98 -22.32 -25.91
CA ILE C 197 3.94 -22.09 -26.91
C ILE C 197 3.91 -23.31 -27.82
N ILE C 198 2.79 -24.01 -27.85
CA ILE C 198 2.70 -25.30 -28.52
C ILE C 198 1.82 -25.13 -29.76
N TYR C 199 2.42 -25.14 -30.93
CA TYR C 199 1.70 -25.06 -32.20
C TYR C 199 1.30 -26.46 -32.68
N ASN C 200 0.09 -26.58 -33.20
CA ASN C 200 -0.47 -27.85 -33.65
C ASN C 200 -0.41 -27.93 -35.16
N VAL C 201 0.43 -28.82 -35.69
CA VAL C 201 0.58 -28.93 -37.14
C VAL C 201 -0.62 -29.71 -37.66
N GLU C 202 -1.62 -29.01 -38.18
CA GLU C 202 -2.81 -29.64 -38.69
C GLU C 202 -2.82 -29.78 -40.19
N ASN C 203 -2.03 -28.98 -40.89
CA ASN C 203 -2.02 -28.99 -42.34
C ASN C 203 -0.64 -28.56 -42.76
N THR C 204 0.02 -29.35 -43.60
CA THR C 204 1.46 -29.21 -43.74
C THR C 204 1.83 -28.08 -44.69
N THR C 205 0.83 -27.45 -45.32
CA THR C 205 1.10 -26.24 -46.07
C THR C 205 1.23 -25.05 -45.15
N HIS C 206 0.39 -24.98 -44.11
CA HIS C 206 0.22 -23.73 -43.38
C HIS C 206 1.32 -23.47 -42.38
N TRP C 207 2.23 -24.42 -42.18
CA TRP C 207 3.12 -24.38 -41.03
C TRP C 207 4.14 -23.25 -41.11
N ARG C 208 4.77 -23.04 -42.26
CA ARG C 208 5.76 -21.97 -42.41
C ARG C 208 5.15 -20.63 -42.10
N ASP C 209 4.00 -20.35 -42.70
CA ASP C 209 3.36 -19.06 -42.53
C ASP C 209 2.84 -18.89 -41.12
N ASP C 210 2.39 -19.96 -40.48
CA ASP C 210 1.90 -19.82 -39.11
C ASP C 210 3.03 -19.53 -38.12
N ILE C 211 4.17 -20.20 -38.26
CA ILE C 211 5.26 -19.91 -37.33
C ILE C 211 5.92 -18.57 -37.64
N LYS C 212 5.92 -18.15 -38.90
CA LYS C 212 6.41 -16.81 -39.21
C LYS C 212 5.47 -15.73 -38.68
N ASN C 213 4.17 -15.97 -38.71
CA ASN C 213 3.24 -14.99 -38.16
C ASN C 213 3.29 -14.96 -36.64
N LEU C 214 3.53 -16.09 -36.02
CA LEU C 214 3.66 -16.12 -34.57
C LEU C 214 4.92 -15.41 -34.13
N LEU C 215 6.02 -15.58 -34.85
CA LEU C 215 7.22 -14.85 -34.47
C LEU C 215 7.12 -13.37 -34.80
N THR C 216 6.37 -13.00 -35.83
CA THR C 216 6.09 -11.58 -36.09
C THR C 216 5.29 -10.97 -34.96
N ALA C 217 4.28 -11.69 -34.48
CA ALA C 217 3.49 -11.23 -33.34
C ALA C 217 4.33 -11.12 -32.08
N MET C 218 5.31 -12.02 -31.90
CA MET C 218 6.19 -11.88 -30.75
C MET C 218 7.11 -10.68 -30.87
N ALA C 219 7.56 -10.38 -32.07
CA ALA C 219 8.47 -9.26 -32.26
C ALA C 219 7.79 -7.92 -32.23
N LEU C 220 6.48 -7.85 -32.45
CA LEU C 220 5.79 -6.61 -32.16
C LEU C 220 5.68 -6.37 -30.66
N LEU C 221 5.68 -7.45 -29.88
CA LEU C 221 5.60 -7.37 -28.43
C LEU C 221 6.94 -6.99 -27.79
N GLU C 222 8.03 -7.04 -28.53
CA GLU C 222 9.29 -6.57 -28.00
C GLU C 222 9.30 -5.06 -27.88
N ASP C 223 8.60 -4.38 -28.79
CA ASP C 223 8.53 -2.93 -28.81
C ASP C 223 7.24 -2.39 -28.25
N SER C 224 6.28 -3.24 -27.97
CA SER C 224 5.12 -2.90 -27.18
C SER C 224 5.35 -3.32 -25.74
N TYR C 225 4.27 -3.47 -25.00
CA TYR C 225 4.33 -3.74 -23.59
C TYR C 225 3.46 -4.95 -23.28
N LEU C 226 3.38 -5.32 -22.01
CA LEU C 226 2.56 -6.47 -21.59
C LEU C 226 1.80 -6.12 -20.32
N GLY C 227 0.56 -5.64 -20.48
CA GLY C 227 -0.33 -5.39 -19.38
C GLY C 227 0.03 -4.18 -18.55
N GLY C 228 -1.00 -3.57 -17.98
CA GLY C 228 -0.74 -2.49 -17.06
C GLY C 228 -0.38 -1.23 -17.79
N SER C 229 0.10 -0.25 -17.05
CA SER C 229 0.31 1.10 -17.56
C SER C 229 1.52 1.06 -18.46
N GLY C 230 1.34 0.71 -19.71
CA GLY C 230 2.49 0.38 -20.51
C GLY C 230 3.22 1.58 -21.04
N SER C 231 2.49 2.65 -21.32
CA SER C 231 3.13 3.81 -21.88
C SER C 231 3.77 4.66 -20.79
N ARG C 232 3.48 4.37 -19.54
CA ARG C 232 4.19 4.93 -18.40
C ARG C 232 5.37 4.07 -17.99
N GLY C 233 5.76 3.10 -18.82
CA GLY C 233 6.94 2.29 -18.59
C GLY C 233 6.74 1.03 -17.79
N TYR C 234 5.79 0.18 -18.14
CA TYR C 234 5.57 -1.07 -17.42
C TYR C 234 5.58 -2.30 -18.30
N GLY C 235 6.21 -2.27 -19.45
CA GLY C 235 6.19 -3.48 -20.22
C GLY C 235 7.58 -3.97 -20.43
N LYS C 236 8.05 -3.82 -21.66
CA LYS C 236 9.39 -4.18 -22.09
C LYS C 236 9.66 -5.64 -21.72
N VAL C 237 8.90 -6.51 -22.36
CA VAL C 237 9.13 -7.90 -22.20
C VAL C 237 10.22 -8.31 -23.19
N LYS C 238 10.88 -9.42 -22.90
CA LYS C 238 12.01 -9.82 -23.75
C LYS C 238 12.12 -11.32 -23.82
N PHE C 239 11.92 -11.87 -25.02
CA PHE C 239 11.89 -13.31 -25.23
C PHE C 239 13.30 -13.83 -25.44
N ILE C 240 13.65 -14.88 -24.72
CA ILE C 240 14.97 -15.49 -24.74
C ILE C 240 14.74 -16.96 -25.01
N PHE C 241 14.90 -17.39 -26.25
CA PHE C 241 14.53 -18.77 -26.60
C PHE C 241 15.55 -19.78 -26.08
N ASP C 242 15.04 -20.96 -25.72
CA ASP C 242 15.89 -22.11 -25.45
C ASP C 242 15.93 -23.04 -26.64
N SER C 243 14.78 -23.57 -27.04
CA SER C 243 14.76 -24.62 -28.04
C SER C 243 13.36 -24.77 -28.62
N PHE C 244 13.33 -25.29 -29.83
CA PHE C 244 12.12 -25.73 -30.49
C PHE C 244 12.14 -27.24 -30.53
N GLU C 245 10.98 -27.87 -30.62
CA GLU C 245 10.91 -29.30 -30.90
C GLU C 245 9.80 -29.54 -31.89
N PHE C 246 9.99 -30.51 -32.77
CA PHE C 246 8.94 -30.79 -33.72
C PHE C 246 7.93 -31.82 -33.22
N ARG C 247 8.36 -32.84 -32.45
CA ARG C 247 7.48 -33.87 -31.87
C ARG C 247 6.58 -34.54 -32.90
N PRO C 248 7.08 -35.40 -33.78
CA PRO C 248 6.29 -35.82 -34.94
C PRO C 248 5.10 -36.70 -34.62
N LEU C 249 4.34 -37.09 -35.65
CA LEU C 249 3.20 -37.96 -35.45
C LEU C 249 3.62 -39.31 -34.90
N ASP C 250 4.79 -39.79 -35.33
CA ASP C 250 5.25 -41.09 -34.88
C ASP C 250 5.72 -41.07 -33.44
N TYR C 251 6.10 -39.91 -32.91
CA TYR C 251 6.51 -39.81 -31.51
C TYR C 251 5.36 -40.15 -30.55
N TYR C 252 4.16 -39.65 -30.82
CA TYR C 252 3.03 -39.96 -29.97
C TYR C 252 2.55 -41.38 -30.17
N ARG C 253 2.90 -42.01 -31.29
CA ARG C 253 2.57 -43.41 -31.49
C ARG C 253 3.51 -44.32 -30.70
N THR C 254 4.82 -44.12 -30.83
CA THR C 254 5.75 -45.07 -30.26
C THR C 254 6.49 -44.59 -29.02
N GLY C 255 6.69 -43.29 -28.84
CA GLY C 255 7.34 -42.82 -27.63
C GLY C 255 8.83 -43.03 -27.56
N LYS C 256 9.51 -43.07 -28.70
CA LYS C 256 10.97 -43.06 -28.72
C LYS C 256 11.43 -41.61 -28.79
N ASP C 257 12.67 -41.37 -29.14
CA ASP C 257 13.14 -40.01 -29.39
C ASP C 257 13.34 -39.82 -30.89
N GLU C 258 12.24 -39.47 -31.58
CA GLU C 258 12.27 -39.08 -32.97
C GLU C 258 12.20 -37.57 -33.18
N ASP C 259 11.95 -36.80 -32.14
CA ASP C 259 11.68 -35.38 -32.33
C ASP C 259 12.93 -34.58 -32.64
N ILE C 260 12.87 -33.82 -33.73
CA ILE C 260 13.93 -32.90 -34.09
C ILE C 260 14.03 -31.81 -33.05
N VAL C 261 15.20 -31.66 -32.46
CA VAL C 261 15.42 -30.55 -31.53
C VAL C 261 16.34 -29.57 -32.24
N SER C 262 15.77 -28.49 -32.76
CA SER C 262 16.59 -27.34 -33.06
C SER C 262 17.09 -26.75 -31.75
N ILE C 263 18.31 -26.22 -31.77
CA ILE C 263 18.84 -25.53 -30.61
C ILE C 263 19.09 -24.09 -31.03
N ASP C 264 18.38 -23.17 -30.39
CA ASP C 264 18.67 -21.74 -30.46
C ASP C 264 18.68 -21.22 -29.04
N ALA C 265 19.80 -21.37 -28.35
CA ALA C 265 19.83 -21.02 -26.95
C ALA C 265 20.10 -19.54 -26.76
N ARG C 266 20.91 -18.93 -27.61
CA ARG C 266 21.19 -17.50 -27.49
C ARG C 266 20.75 -16.84 -28.80
N GLU C 267 19.44 -16.62 -28.94
CA GLU C 267 18.88 -15.97 -30.10
C GLU C 267 17.62 -15.20 -29.69
N LYS C 268 17.48 -14.01 -30.23
CA LYS C 268 16.29 -13.20 -30.07
C LYS C 268 15.34 -13.43 -31.24
N SER C 269 14.10 -12.97 -31.06
CA SER C 269 13.03 -13.22 -32.03
C SER C 269 13.22 -12.52 -33.36
N VAL C 270 14.20 -11.63 -33.50
CA VAL C 270 14.49 -11.00 -34.77
C VAL C 270 15.63 -11.77 -35.42
N SER C 271 16.48 -12.39 -34.59
CA SER C 271 17.59 -13.23 -35.00
C SER C 271 17.14 -14.64 -35.30
N ASP C 272 15.88 -14.90 -35.11
CA ASP C 272 15.24 -16.20 -35.21
C ASP C 272 14.35 -16.30 -36.42
N ILE C 273 13.73 -15.18 -36.77
CA ILE C 273 12.80 -15.12 -37.93
C ILE C 273 13.55 -15.31 -39.26
N LEU C 274 14.74 -14.71 -39.39
CA LEU C 274 15.52 -14.80 -40.67
C LEU C 274 16.68 -15.79 -40.58
N SER C 275 17.46 -15.75 -39.50
CA SER C 275 18.68 -16.60 -39.34
C SER C 275 18.37 -18.09 -39.31
N GLY C 276 17.32 -18.50 -38.62
CA GLY C 276 17.01 -19.89 -38.45
C GLY C 276 15.90 -20.36 -39.35
N PHE C 277 15.20 -19.47 -40.02
CA PHE C 277 14.03 -20.00 -40.70
C PHE C 277 14.40 -20.65 -42.02
N ASP C 278 15.48 -20.20 -42.65
CA ASP C 278 16.01 -20.92 -43.79
C ASP C 278 16.94 -22.05 -43.37
N SER C 279 17.43 -22.02 -42.15
CA SER C 279 18.49 -22.93 -41.72
C SER C 279 18.10 -23.84 -40.57
N LEU C 280 17.51 -23.33 -39.50
CA LEU C 280 17.17 -24.17 -38.37
C LEU C 280 15.87 -24.93 -38.57
N PHE C 281 15.17 -24.70 -39.68
CA PHE C 281 14.00 -25.47 -40.05
C PHE C 281 14.22 -26.28 -41.32
N SER C 282 15.47 -26.46 -41.73
CA SER C 282 15.73 -27.29 -42.89
C SER C 282 15.52 -28.76 -42.58
N GLU C 283 15.71 -29.15 -41.32
CA GLU C 283 15.48 -30.51 -40.90
C GLU C 283 14.00 -30.82 -40.77
N VAL C 284 13.18 -29.84 -40.43
CA VAL C 284 11.76 -30.09 -40.23
C VAL C 284 11.03 -30.17 -41.57
N GLU C 285 11.46 -29.40 -42.57
CA GLU C 285 10.85 -29.48 -43.89
C GLU C 285 11.17 -30.77 -44.61
N GLY C 286 12.21 -31.49 -44.18
CA GLY C 286 12.53 -32.81 -44.67
C GLY C 286 11.75 -33.92 -44.02
N LYS C 287 10.79 -33.57 -43.15
CA LYS C 287 9.92 -34.53 -42.50
C LYS C 287 8.47 -34.09 -42.58
N LEU C 288 8.21 -32.82 -42.88
CA LEU C 288 6.87 -32.23 -43.12
C LEU C 288 5.92 -32.38 -41.93
N MET D 2 -12.96 3.47 -34.38
CA MET D 2 -12.89 3.56 -35.83
C MET D 2 -11.46 3.64 -36.35
N ASP D 3 -11.01 2.57 -37.03
CA ASP D 3 -9.80 2.55 -37.87
C ASP D 3 -8.47 2.82 -37.18
N ARG D 4 -7.95 1.88 -36.38
CA ARG D 4 -6.56 1.94 -35.94
C ARG D 4 -5.65 1.20 -36.92
N ARG D 5 -4.67 1.89 -37.47
CA ARG D 5 -3.75 1.25 -38.39
C ARG D 5 -2.38 1.19 -37.76
N PHE D 6 -1.39 0.73 -38.52
CA PHE D 6 -0.03 0.59 -38.00
C PHE D 6 0.92 0.55 -39.17
N TYR D 7 1.86 1.48 -39.23
CA TYR D 7 2.86 1.52 -40.26
C TYR D 7 4.24 1.22 -39.74
N GLY D 8 4.52 1.55 -38.49
CA GLY D 8 5.83 1.31 -37.93
C GLY D 8 5.93 1.98 -36.58
N LYS D 9 7.16 2.18 -36.13
CA LYS D 9 7.40 2.64 -34.77
C LYS D 9 8.69 3.44 -34.71
N ILE D 10 8.64 4.76 -34.65
CA ILE D 10 9.86 5.55 -34.51
C ILE D 10 10.40 5.40 -33.10
N VAL D 11 11.66 5.00 -32.97
CA VAL D 11 12.26 4.75 -31.66
C VAL D 11 13.34 5.78 -31.40
N ILE D 12 13.24 6.47 -30.27
CA ILE D 12 14.16 7.50 -29.84
C ILE D 12 14.99 6.95 -28.71
N LYS D 13 16.30 6.90 -28.88
CA LYS D 13 17.18 6.42 -27.82
C LYS D 13 18.20 7.49 -27.47
N GLY D 14 18.82 7.34 -26.32
CA GLY D 14 19.78 8.36 -25.92
C GLY D 14 20.08 8.29 -24.44
N LYS D 15 20.43 9.43 -23.89
CA LYS D 15 20.80 9.55 -22.49
C LYS D 15 20.21 10.81 -21.91
N ILE D 16 19.89 10.73 -20.63
CA ILE D 16 19.38 11.82 -19.82
C ILE D 16 20.49 12.19 -18.85
N LYS D 17 20.91 13.45 -18.90
CA LYS D 17 22.07 13.91 -18.16
C LYS D 17 21.58 14.77 -17.01
N ALA D 18 21.74 14.29 -15.80
CA ALA D 18 21.35 15.07 -14.64
C ALA D 18 22.40 16.15 -14.46
N VAL D 19 22.17 17.28 -15.11
CA VAL D 19 23.11 18.39 -15.13
C VAL D 19 23.24 18.98 -13.75
N THR D 20 22.15 19.05 -13.02
CA THR D 20 22.19 19.34 -11.61
C THR D 20 21.73 18.07 -10.91
N GLY D 21 21.51 18.11 -9.60
CA GLY D 21 20.94 16.99 -8.89
C GLY D 21 19.54 16.70 -9.35
N LEU D 22 19.05 15.53 -8.99
CA LEU D 22 17.80 15.06 -9.57
C LEU D 22 17.04 14.36 -8.47
N HIS D 23 15.93 14.94 -8.06
CA HIS D 23 15.11 14.36 -7.01
C HIS D 23 13.80 13.88 -7.60
N ILE D 24 13.53 12.59 -7.43
CA ILE D 24 12.21 12.01 -7.67
C ILE D 24 11.89 11.15 -6.45
N GLY D 25 10.97 11.62 -5.63
CA GLY D 25 10.85 11.08 -4.29
C GLY D 25 10.15 9.73 -4.26
N SER D 26 10.14 9.13 -3.08
CA SER D 26 9.62 7.79 -2.91
C SER D 26 8.77 7.70 -1.66
N PRO D 39 13.94 10.39 0.11
CA PRO D 39 14.59 9.27 -0.56
C PRO D 39 14.25 9.18 -2.05
N VAL D 40 15.25 9.20 -2.92
CA VAL D 40 15.01 8.98 -4.34
C VAL D 40 14.56 7.54 -4.54
N ILE D 41 13.68 7.33 -5.53
CA ILE D 41 13.29 5.98 -5.93
C ILE D 41 14.48 5.18 -6.41
N LYS D 42 14.45 3.89 -6.11
CA LYS D 42 15.47 2.93 -6.51
C LYS D 42 14.75 1.66 -6.86
N ASP D 43 15.16 0.99 -7.93
CA ASP D 43 14.54 -0.29 -8.23
C ASP D 43 14.99 -1.31 -7.20
N PRO D 44 14.12 -2.28 -6.86
CA PRO D 44 14.45 -3.15 -5.74
C PRO D 44 15.53 -4.18 -6.03
N HIS D 45 15.89 -4.41 -7.28
CA HIS D 45 16.83 -5.48 -7.57
C HIS D 45 18.26 -4.99 -7.64
N THR D 46 18.55 -4.09 -8.58
CA THR D 46 19.90 -3.58 -8.72
C THR D 46 20.25 -2.56 -7.64
N GLY D 47 19.26 -1.90 -7.06
CA GLY D 47 19.47 -0.96 -6.00
C GLY D 47 19.81 0.44 -6.43
N LEU D 48 20.20 0.64 -7.68
CA LEU D 48 20.51 1.95 -8.21
C LEU D 48 19.23 2.79 -8.34
N PRO D 49 19.36 4.11 -8.40
CA PRO D 49 18.18 4.93 -8.68
C PRO D 49 17.76 4.80 -10.14
N TYR D 50 16.61 5.36 -10.47
CA TYR D 50 16.18 5.40 -11.86
C TYR D 50 15.16 6.50 -12.04
N ILE D 51 14.80 6.74 -13.29
CA ILE D 51 13.72 7.63 -13.66
C ILE D 51 12.60 6.77 -14.21
N PRO D 52 11.38 6.93 -13.76
CA PRO D 52 10.29 6.15 -14.32
C PRO D 52 9.86 6.77 -15.63
N GLY D 53 8.90 6.13 -16.26
CA GLY D 53 8.39 6.66 -17.49
C GLY D 53 7.12 7.37 -17.16
N SER D 54 6.60 7.11 -15.98
CA SER D 54 5.44 7.86 -15.54
C SER D 54 5.84 9.27 -15.19
N SER D 55 6.98 9.42 -14.50
CA SER D 55 7.50 10.71 -14.10
C SER D 55 7.96 11.55 -15.26
N LEU D 56 8.20 10.95 -16.42
CA LEU D 56 8.69 11.66 -17.58
C LEU D 56 7.60 11.93 -18.60
N LYS D 57 6.70 10.98 -18.85
CA LYS D 57 5.54 11.25 -19.69
C LYS D 57 4.64 12.28 -19.04
N GLY D 58 4.43 12.18 -17.73
CA GLY D 58 3.64 13.18 -17.07
C GLY D 58 4.28 14.53 -16.89
N ARG D 59 5.47 14.76 -17.41
CA ARG D 59 6.13 16.04 -17.37
C ARG D 59 6.41 16.57 -18.75
N LEU D 60 6.50 15.71 -19.76
CA LEU D 60 6.34 16.18 -21.12
C LEU D 60 4.90 16.63 -21.35
N ARG D 61 3.94 15.88 -20.82
CA ARG D 61 2.53 16.20 -21.03
C ARG D 61 2.18 17.52 -20.40
N SER D 62 2.36 17.61 -19.08
CA SER D 62 2.11 18.81 -18.28
C SER D 62 2.70 20.10 -18.80
N LEU D 63 3.72 20.04 -19.65
CA LEU D 63 4.25 21.23 -20.31
C LEU D 63 3.58 21.48 -21.64
N PHE D 64 3.34 20.43 -22.41
CA PHE D 64 2.66 20.64 -23.68
C PHE D 64 1.19 21.01 -23.51
N GLU D 65 0.60 20.65 -22.36
CA GLU D 65 -0.71 21.13 -21.93
C GLU D 65 -0.79 22.64 -21.93
N ILE D 66 0.09 23.27 -21.15
CA ILE D 66 0.10 24.71 -20.98
C ILE D 66 0.55 25.39 -22.26
N LEU D 67 1.38 24.72 -23.05
CA LEU D 67 1.72 25.23 -24.38
C LEU D 67 0.50 25.29 -25.29
N VAL D 68 -0.39 24.30 -25.20
CA VAL D 68 -1.61 24.33 -25.99
C VAL D 68 -2.60 25.34 -25.43
N ASN D 69 -2.71 25.39 -24.10
CA ASN D 69 -3.63 26.29 -23.41
C ASN D 69 -3.34 27.74 -23.74
N SER D 70 -2.09 28.09 -23.93
CA SER D 70 -1.77 29.45 -24.37
C SER D 70 -2.18 29.69 -25.82
N ARG D 71 -1.93 28.73 -26.71
CA ARG D 71 -2.25 28.90 -28.12
C ARG D 71 -3.56 28.23 -28.49
N LEU D 72 -4.53 28.27 -27.58
CA LEU D 72 -5.75 27.48 -27.69
C LEU D 72 -6.69 28.02 -28.76
N GLY D 73 -6.57 29.27 -29.14
CA GLY D 73 -7.42 29.79 -30.19
C GLY D 73 -6.72 29.84 -31.52
N GLU D 74 -5.40 29.79 -31.49
CA GLU D 74 -4.62 30.03 -32.71
C GLU D 74 -4.40 28.77 -33.51
N TRP D 75 -4.93 27.64 -33.09
CA TRP D 75 -4.70 26.38 -33.76
C TRP D 75 -5.95 25.69 -34.27
N ARG D 76 -7.14 26.14 -33.88
CA ARG D 76 -8.36 25.37 -34.11
C ARG D 76 -8.83 25.27 -35.56
N GLU D 77 -8.00 25.70 -36.52
CA GLU D 77 -8.17 25.35 -37.92
C GLU D 77 -7.17 24.30 -38.37
N LYS D 78 -6.10 24.08 -37.59
CA LYS D 78 -5.16 22.99 -37.77
C LYS D 78 -5.51 21.79 -36.91
N TYR D 79 -5.81 22.02 -35.64
CA TYR D 79 -6.29 20.99 -34.73
C TYR D 79 -7.73 21.34 -34.38
N PRO D 80 -8.72 20.72 -35.03
CA PRO D 80 -10.11 20.85 -34.55
C PRO D 80 -10.26 20.22 -33.17
N SER D 81 -11.44 20.43 -32.60
CA SER D 81 -11.78 20.12 -31.20
C SER D 81 -10.91 20.87 -30.19
N LEU D 82 -10.14 21.85 -30.62
CA LEU D 82 -9.68 22.91 -29.75
C LEU D 82 -10.62 24.09 -29.78
N ALA D 83 -11.55 24.10 -30.73
CA ALA D 83 -12.60 25.12 -30.74
C ALA D 83 -13.55 24.94 -29.57
N ASN D 84 -13.67 23.74 -29.04
CA ASN D 84 -14.62 23.44 -28.00
C ASN D 84 -14.08 23.71 -26.62
N TYR D 85 -12.97 24.44 -26.51
CA TYR D 85 -12.41 24.82 -25.22
C TYR D 85 -12.13 26.32 -25.22
N SER D 86 -11.94 26.85 -24.02
CA SER D 86 -11.63 28.25 -23.82
C SER D 86 -10.81 28.24 -22.54
N PRO D 87 -9.75 29.06 -22.44
CA PRO D 87 -8.65 28.74 -21.51
C PRO D 87 -9.04 28.83 -20.05
N GLY D 88 -8.39 28.01 -19.25
CA GLY D 88 -8.52 28.02 -17.82
C GLY D 88 -8.75 26.65 -17.26
N SER D 89 -9.15 26.61 -16.00
CA SER D 89 -9.48 25.41 -15.26
C SER D 89 -10.99 25.31 -15.06
N CYS D 90 -11.46 24.12 -14.72
CA CYS D 90 -12.83 23.91 -14.30
C CYS D 90 -13.00 23.96 -12.80
N ARG D 91 -12.04 24.51 -12.07
CA ARG D 91 -12.22 24.64 -10.63
C ARG D 91 -13.19 25.75 -10.21
N PRO D 92 -13.22 26.95 -10.81
CA PRO D 92 -14.24 27.93 -10.39
C PRO D 92 -15.67 27.58 -10.75
N ASP D 93 -15.92 26.50 -11.48
CA ASP D 93 -17.28 25.97 -11.65
C ASP D 93 -17.16 24.46 -11.78
N ASN D 94 -17.38 23.75 -10.67
CA ASN D 94 -17.00 22.34 -10.56
C ASN D 94 -17.93 21.49 -11.43
N GLN D 95 -17.59 21.44 -12.71
CA GLN D 95 -18.25 20.58 -13.66
C GLN D 95 -17.17 19.80 -14.39
N GLU D 96 -17.57 18.73 -15.06
CA GLU D 96 -16.57 17.93 -15.77
C GLU D 96 -16.23 18.55 -17.12
N ASN D 97 -17.20 18.60 -18.02
CA ASN D 97 -16.91 18.96 -19.40
C ASN D 97 -17.73 20.19 -19.76
N CYS D 98 -17.09 21.34 -19.71
CA CYS D 98 -17.71 22.62 -20.03
C CYS D 98 -16.70 23.34 -20.92
N GLY D 99 -16.86 24.64 -21.08
CA GLY D 99 -16.00 25.37 -21.99
C GLY D 99 -14.54 25.50 -21.61
N LYS D 100 -14.14 25.01 -20.45
CA LYS D 100 -12.78 25.18 -19.98
C LYS D 100 -11.91 24.02 -20.43
N PHE D 101 -10.62 24.30 -20.58
CA PHE D 101 -9.68 23.34 -21.16
C PHE D 101 -9.30 22.26 -20.18
N PHE D 102 -9.10 22.59 -18.91
CA PHE D 102 -8.66 21.60 -17.95
C PHE D 102 -9.89 20.92 -17.36
N ASN D 103 -10.33 19.86 -18.02
CA ASN D 103 -11.68 19.34 -17.82
C ASN D 103 -11.76 17.92 -17.25
N ARG D 104 -10.77 17.48 -16.46
CA ARG D 104 -10.97 16.26 -15.67
C ARG D 104 -10.49 16.43 -14.24
N LYS D 105 -11.35 16.06 -13.32
CA LYS D 105 -10.98 15.98 -11.93
C LYS D 105 -10.34 14.63 -11.68
N ILE D 106 -9.15 14.63 -11.08
CA ILE D 106 -8.49 13.36 -10.78
C ILE D 106 -8.89 12.88 -9.39
N ASN D 107 -8.47 13.62 -8.38
CA ASN D 107 -8.92 13.41 -7.00
C ASN D 107 -9.50 14.68 -6.43
N ARG D 108 -8.76 15.79 -6.52
CA ARG D 108 -9.26 17.13 -6.27
C ARG D 108 -8.63 18.12 -7.25
N GLY D 109 -7.97 17.66 -8.30
CA GLY D 109 -7.19 18.53 -9.14
C GLY D 109 -7.51 18.32 -10.61
N TRP D 110 -7.17 19.32 -11.41
CA TRP D 110 -7.74 19.48 -12.75
C TRP D 110 -6.70 19.32 -13.84
N ILE D 111 -7.05 18.56 -14.88
CA ILE D 111 -6.14 18.03 -15.90
C ILE D 111 -6.92 17.90 -17.20
N HIS D 112 -6.32 18.28 -18.32
CA HIS D 112 -6.99 18.16 -19.60
C HIS D 112 -6.88 16.77 -20.18
N VAL D 113 -8.00 16.05 -20.21
CA VAL D 113 -8.16 14.81 -20.98
C VAL D 113 -9.46 14.94 -21.75
N CYS D 114 -9.40 14.75 -23.06
CA CYS D 114 -10.60 14.81 -23.87
C CYS D 114 -11.50 13.61 -23.56
N PRO D 115 -12.83 13.75 -23.62
CA PRO D 115 -13.73 12.68 -23.16
C PRO D 115 -14.21 11.67 -24.20
N ASP D 116 -13.59 11.64 -25.38
CA ASP D 116 -14.17 10.78 -26.41
C ASP D 116 -13.06 10.37 -27.37
N TYR D 117 -13.40 9.50 -28.32
CA TYR D 117 -12.43 9.08 -29.31
C TYR D 117 -12.35 10.07 -30.45
N GLU D 118 -13.50 10.53 -30.96
CA GLU D 118 -13.43 11.41 -32.11
C GLU D 118 -13.08 12.83 -31.71
N THR D 119 -13.28 13.20 -30.46
CA THR D 119 -12.84 14.50 -30.00
C THR D 119 -11.34 14.51 -29.82
N ALA D 120 -10.79 13.45 -29.20
CA ALA D 120 -9.39 13.36 -28.87
C ALA D 120 -8.51 12.97 -30.04
N LEU D 121 -9.08 12.45 -31.12
CA LEU D 121 -8.30 12.21 -32.32
C LEU D 121 -7.83 13.50 -32.97
N ALA D 122 -8.50 14.62 -32.70
CA ALA D 122 -8.06 15.90 -33.21
C ALA D 122 -7.45 16.80 -32.14
N CYS D 123 -7.40 16.38 -30.91
CA CYS D 123 -6.67 17.16 -29.94
C CYS D 123 -5.18 16.92 -30.16
N PRO D 124 -4.35 17.94 -30.10
CA PRO D 124 -2.92 17.72 -30.30
C PRO D 124 -2.27 17.06 -29.10
N VAL D 125 -2.77 17.34 -27.90
CA VAL D 125 -2.25 16.71 -26.71
C VAL D 125 -2.65 15.24 -26.70
N CYS D 126 -3.91 14.97 -26.98
CA CYS D 126 -4.47 13.66 -26.77
C CYS D 126 -4.21 12.68 -27.89
N ARG D 127 -3.93 13.12 -29.11
CA ARG D 127 -3.51 12.13 -30.09
C ARG D 127 -2.11 11.61 -29.83
N LEU D 128 -1.34 12.23 -28.94
CA LEU D 128 0.05 11.86 -28.69
C LEU D 128 0.24 11.26 -27.32
N PHE D 129 -0.46 11.76 -26.30
CA PHE D 129 -0.34 11.26 -24.95
C PHE D 129 -1.56 10.47 -24.54
N GLY D 130 -2.57 10.37 -25.39
CA GLY D 130 -3.69 9.50 -25.14
C GLY D 130 -4.65 10.04 -24.12
N ALA D 131 -5.80 9.40 -24.06
CA ALA D 131 -6.91 9.93 -23.29
C ALA D 131 -7.68 8.78 -22.68
N SER D 132 -8.86 9.09 -22.17
CA SER D 132 -9.67 8.11 -21.49
C SER D 132 -11.12 8.50 -21.73
N GLY D 133 -12.02 8.02 -20.90
CA GLY D 133 -13.33 8.61 -20.90
C GLY D 133 -14.43 7.62 -20.63
N LYS D 134 -15.67 8.12 -20.75
CA LYS D 134 -16.89 7.28 -20.58
C LYS D 134 -17.54 7.07 -21.95
N GLU D 135 -17.66 5.80 -22.37
CA GLU D 135 -18.30 5.28 -23.61
C GLU D 135 -17.39 5.41 -24.85
N SER D 136 -16.19 5.97 -24.68
CA SER D 136 -15.18 6.11 -25.77
C SER D 136 -13.80 6.20 -25.13
N ASN D 137 -12.75 5.81 -25.84
CA ASN D 137 -11.41 5.87 -25.19
C ASN D 137 -10.31 6.03 -26.24
N PHE D 138 -9.44 7.04 -26.13
CA PHE D 138 -8.30 7.01 -27.05
C PHE D 138 -7.02 6.56 -26.33
N PRO D 139 -6.31 5.55 -26.81
CA PRO D 139 -5.04 5.16 -26.18
C PRO D 139 -3.86 5.85 -26.83
N SER D 140 -2.74 5.84 -26.12
CA SER D 140 -1.61 6.69 -26.48
C SER D 140 -0.93 6.24 -27.76
N ARG D 141 -0.02 7.08 -28.22
CA ARG D 141 0.86 6.71 -29.30
C ARG D 141 2.32 6.68 -28.91
N ILE D 142 2.69 7.21 -27.75
CA ILE D 142 4.06 7.11 -27.29
C ILE D 142 4.13 6.15 -26.12
N ILE D 143 5.25 5.46 -26.03
CA ILE D 143 5.59 4.59 -24.93
C ILE D 143 6.85 5.16 -24.32
N VAL D 144 6.81 5.50 -23.06
CA VAL D 144 7.93 6.13 -22.40
C VAL D 144 8.45 5.15 -21.37
N ARG D 145 9.58 4.53 -21.65
CA ARG D 145 10.05 3.44 -20.81
C ARG D 145 10.90 3.99 -19.68
N ASP D 146 11.06 3.17 -18.63
CA ASP D 146 11.85 3.57 -17.48
C ASP D 146 13.32 3.69 -17.84
N ALA D 147 14.00 4.61 -17.19
CA ALA D 147 15.34 5.01 -17.56
C ALA D 147 16.28 4.62 -16.45
N PHE D 148 17.02 3.55 -16.64
CA PHE D 148 17.99 3.07 -15.66
C PHE D 148 19.35 3.70 -15.95
N LEU D 149 20.28 3.51 -15.02
CA LEU D 149 21.62 4.07 -15.20
C LEU D 149 22.33 3.39 -16.37
N THR D 150 23.25 4.13 -16.99
CA THR D 150 23.94 3.64 -18.16
C THR D 150 24.96 2.55 -17.79
N LYS D 151 25.69 2.12 -18.82
CA LYS D 151 26.71 1.09 -18.63
C LYS D 151 27.90 1.64 -17.86
N GLU D 152 28.22 2.92 -18.07
CA GLU D 152 29.33 3.55 -17.36
C GLU D 152 29.02 3.65 -15.87
N TRP D 153 27.78 3.95 -15.52
CA TRP D 153 27.47 4.29 -14.14
C TRP D 153 27.08 3.10 -13.28
N GLU D 154 26.65 1.99 -13.89
CA GLU D 154 26.68 0.69 -13.23
C GLU D 154 28.05 0.42 -12.63
N GLU D 155 29.10 0.67 -13.41
CA GLU D 155 30.46 0.37 -12.99
C GLU D 155 31.07 1.45 -12.13
N LYS D 156 30.71 2.73 -12.33
CA LYS D 156 31.07 3.76 -11.36
C LYS D 156 30.45 3.49 -10.01
N TRP D 157 29.26 2.89 -9.98
CA TRP D 157 28.74 2.31 -8.75
C TRP D 157 29.58 1.11 -8.31
N ARG D 158 30.01 0.26 -9.25
CA ARG D 158 30.80 -0.91 -8.86
C ARG D 158 32.19 -0.53 -8.40
N ALA D 159 32.72 0.60 -8.86
CA ALA D 159 34.05 1.02 -8.43
C ALA D 159 34.05 1.74 -7.10
N GLY D 160 32.89 1.98 -6.49
CA GLY D 160 32.82 2.49 -5.15
C GLY D 160 32.36 3.92 -5.01
N GLU D 161 32.01 4.61 -6.10
CA GLU D 161 31.60 6.00 -5.98
C GLU D 161 30.23 6.14 -5.35
N ALA D 162 29.95 7.36 -4.91
CA ALA D 162 28.63 7.72 -4.43
C ALA D 162 27.75 8.03 -5.61
N ILE D 163 26.56 7.45 -5.62
CA ILE D 163 25.63 7.62 -6.73
C ILE D 163 24.58 8.65 -6.32
N THR D 164 24.32 8.76 -5.01
CA THR D 164 23.40 9.74 -4.46
C THR D 164 24.14 10.56 -3.41
N GLU D 165 23.50 11.63 -2.96
CA GLU D 165 23.99 12.45 -1.87
C GLU D 165 22.87 12.76 -0.91
N ALA D 166 23.24 13.16 0.29
CA ALA D 166 22.30 13.71 1.26
C ALA D 166 22.63 15.18 1.43
N LYS D 167 21.75 16.04 0.95
CA LYS D 167 21.90 17.47 1.02
C LYS D 167 21.12 17.96 2.21
N ILE D 168 21.66 18.96 2.91
CA ILE D 168 21.04 19.48 4.12
C ILE D 168 20.68 20.93 3.86
N GLU D 169 19.40 21.24 4.00
CA GLU D 169 18.88 22.58 3.82
C GLU D 169 18.34 23.07 5.16
N VAL D 170 17.84 24.30 5.18
CA VAL D 170 17.43 24.93 6.43
C VAL D 170 16.33 25.93 6.12
N GLY D 171 15.59 26.34 7.15
CA GLY D 171 14.59 27.38 6.97
C GLY D 171 14.67 28.47 8.01
N ILE D 172 14.98 29.70 7.59
CA ILE D 172 15.34 30.78 8.49
C ILE D 172 14.13 31.65 8.80
N ASP D 173 13.86 31.86 10.09
CA ASP D 173 12.88 32.84 10.54
C ASP D 173 13.29 34.24 10.10
N ARG D 174 12.33 34.99 9.58
CA ARG D 174 12.61 36.29 8.99
C ARG D 174 13.00 37.33 10.02
N VAL D 175 12.58 37.18 11.27
CA VAL D 175 12.76 38.20 12.29
C VAL D 175 13.98 37.94 13.14
N THR D 176 14.11 36.73 13.70
CA THR D 176 15.15 36.42 14.67
C THR D 176 16.28 35.58 14.10
N SER D 177 16.22 35.21 12.82
CA SER D 177 17.15 34.29 12.16
C SER D 177 17.25 32.96 12.91
N GLN D 178 16.10 32.43 13.31
CA GLN D 178 16.00 31.06 13.81
C GLN D 178 15.86 30.11 12.65
N ALA D 179 16.76 29.14 12.57
CA ALA D 179 16.90 28.29 11.40
C ALA D 179 16.47 26.86 11.72
N ASN D 180 15.90 26.19 10.72
CA ASN D 180 15.23 24.91 10.93
C ASN D 180 15.62 23.93 9.83
N PRO D 181 16.56 23.02 10.10
CA PRO D 181 17.11 22.18 9.04
C PRO D 181 16.24 21.02 8.65
N ARG D 182 16.51 20.50 7.45
CA ARG D 182 16.00 19.22 6.99
C ARG D 182 16.99 18.63 6.01
N THR D 183 16.78 17.35 5.69
CA THR D 183 17.68 16.62 4.80
C THR D 183 16.91 16.09 3.61
N ASN D 184 17.36 16.45 2.42
CA ASN D 184 16.93 15.83 1.17
C ASN D 184 17.98 14.83 0.73
N GLU D 185 17.57 13.95 -0.16
CA GLU D 185 18.43 12.87 -0.63
C GLU D 185 18.26 12.88 -2.12
N ARG D 186 19.31 13.16 -2.87
CA ARG D 186 19.17 13.42 -4.31
C ARG D 186 20.31 12.78 -5.08
N VAL D 187 20.00 12.39 -6.32
CA VAL D 187 21.02 11.85 -7.22
C VAL D 187 22.10 12.89 -7.47
N VAL D 188 23.35 12.44 -7.50
CA VAL D 188 24.47 13.34 -7.67
C VAL D 188 24.45 13.91 -9.08
N ALA D 189 25.04 15.10 -9.25
CA ALA D 189 25.04 15.77 -10.54
C ALA D 189 25.92 15.03 -11.52
N GLY D 190 25.60 15.17 -12.80
CA GLY D 190 26.31 14.47 -13.83
C GLY D 190 25.87 13.04 -14.08
N ALA D 191 25.04 12.46 -13.20
CA ALA D 191 24.58 11.10 -13.37
C ALA D 191 23.75 10.98 -14.64
N GLU D 192 23.82 9.83 -15.27
CA GLU D 192 23.35 9.73 -16.63
C GLU D 192 22.52 8.47 -16.74
N PHE D 193 21.29 8.62 -17.21
CA PHE D 193 20.30 7.55 -17.24
C PHE D 193 19.95 7.27 -18.70
N GLU D 194 19.60 6.05 -19.04
CA GLU D 194 19.40 5.69 -20.44
C GLU D 194 17.94 5.45 -20.74
N PHE D 195 17.36 6.25 -21.63
CA PHE D 195 15.92 6.27 -21.84
C PHE D 195 15.58 5.75 -23.22
N GLU D 196 14.28 5.67 -23.49
CA GLU D 196 13.75 5.23 -24.78
C GLU D 196 12.32 5.70 -24.92
N ILE D 197 11.97 6.24 -26.09
CA ILE D 197 10.63 6.77 -26.34
C ILE D 197 10.15 6.24 -27.68
N ILE D 198 8.99 5.59 -27.71
CA ILE D 198 8.51 4.93 -28.90
C ILE D 198 7.25 5.63 -29.38
N TYR D 199 7.29 6.23 -30.56
CA TYR D 199 6.11 6.76 -31.18
C TYR D 199 5.59 5.76 -32.20
N ASN D 200 4.33 5.41 -32.06
CA ASN D 200 3.71 4.32 -32.80
C ASN D 200 2.96 4.92 -33.97
N VAL D 201 3.42 4.71 -35.19
CA VAL D 201 2.91 5.49 -36.31
C VAL D 201 1.58 4.92 -36.74
N GLU D 202 0.51 5.42 -36.15
CA GLU D 202 -0.83 4.93 -36.46
C GLU D 202 -1.48 5.67 -37.60
N ASN D 203 -0.82 6.68 -38.18
CA ASN D 203 -1.35 7.38 -39.33
C ASN D 203 -0.19 8.09 -39.99
N THR D 204 -0.12 7.97 -41.32
CA THR D 204 0.96 8.55 -42.09
C THR D 204 0.64 9.97 -42.53
N THR D 205 -0.54 10.48 -42.19
CA THR D 205 -0.82 11.88 -42.39
C THR D 205 -0.15 12.73 -41.33
N HIS D 206 -0.39 12.41 -40.06
CA HIS D 206 0.18 13.19 -38.97
C HIS D 206 1.07 12.32 -38.11
N TRP D 207 2.32 12.19 -38.53
CA TRP D 207 3.42 11.77 -37.69
C TRP D 207 4.47 12.85 -37.55
N ARG D 208 4.57 13.76 -38.52
CA ARG D 208 5.44 14.92 -38.40
C ARG D 208 4.99 15.81 -37.28
N ASP D 209 3.69 16.03 -37.18
CA ASP D 209 3.16 16.90 -36.14
C ASP D 209 3.34 16.30 -34.77
N ASP D 210 3.25 14.98 -34.65
CA ASP D 210 3.39 14.35 -33.35
C ASP D 210 4.85 14.27 -32.93
N ILE D 211 5.76 13.95 -33.84
CA ILE D 211 7.17 14.01 -33.52
C ILE D 211 7.60 15.45 -33.24
N LYS D 212 7.02 16.44 -33.92
CA LYS D 212 7.39 17.82 -33.61
C LYS D 212 6.79 18.32 -32.31
N ASN D 213 5.61 17.83 -31.92
CA ASN D 213 5.09 18.21 -30.61
C ASN D 213 5.81 17.51 -29.49
N LEU D 214 6.27 16.29 -29.72
CA LEU D 214 7.09 15.63 -28.73
C LEU D 214 8.42 16.33 -28.57
N LEU D 215 8.96 16.88 -29.64
CA LEU D 215 10.18 17.65 -29.50
C LEU D 215 9.94 18.99 -28.82
N THR D 216 8.77 19.60 -29.02
CA THR D 216 8.42 20.80 -28.27
C THR D 216 8.34 20.52 -26.77
N ALA D 217 7.76 19.37 -26.41
CA ALA D 217 7.71 18.99 -25.00
C ALA D 217 9.11 18.69 -24.45
N MET D 218 9.98 18.08 -25.27
CA MET D 218 11.35 17.82 -24.82
C MET D 218 12.14 19.12 -24.64
N ALA D 219 11.90 20.12 -25.48
CA ALA D 219 12.61 21.39 -25.33
C ALA D 219 12.13 22.15 -24.11
N LEU D 220 10.82 22.16 -23.87
CA LEU D 220 10.29 22.81 -22.67
C LEU D 220 10.73 22.10 -21.40
N LEU D 221 10.88 20.77 -21.43
CA LEU D 221 11.47 20.08 -20.29
C LEU D 221 12.94 20.40 -20.13
N GLU D 222 13.64 20.63 -21.24
CA GLU D 222 15.06 20.93 -21.13
C GLU D 222 15.33 22.35 -20.64
N ASP D 223 14.34 23.26 -20.72
CA ASP D 223 14.50 24.52 -19.96
C ASP D 223 13.92 24.48 -18.56
N SER D 224 12.95 23.63 -18.27
CA SER D 224 12.45 23.48 -16.92
C SER D 224 13.20 22.34 -16.22
N TYR D 225 12.64 21.85 -15.13
CA TYR D 225 13.25 20.84 -14.28
C TYR D 225 12.51 19.52 -14.46
N LEU D 226 12.94 18.50 -13.73
CA LEU D 226 12.28 17.20 -13.75
C LEU D 226 12.20 16.67 -12.33
N GLY D 227 11.01 16.63 -11.75
CA GLY D 227 10.86 16.15 -10.41
C GLY D 227 11.43 17.09 -9.36
N GLY D 228 11.21 16.73 -8.11
CA GLY D 228 11.87 17.37 -6.99
C GLY D 228 11.54 18.82 -6.81
N SER D 229 12.39 19.58 -6.11
CA SER D 229 12.06 20.97 -5.86
C SER D 229 12.14 21.81 -7.12
N GLY D 230 13.25 21.76 -7.83
CA GLY D 230 13.24 22.33 -9.16
C GLY D 230 13.34 23.82 -9.24
N SER D 231 12.47 24.53 -8.52
CA SER D 231 12.63 25.96 -8.38
C SER D 231 13.80 26.33 -7.49
N ARG D 232 14.38 25.35 -6.80
CA ARG D 232 15.55 25.51 -5.96
C ARG D 232 16.78 24.80 -6.53
N GLY D 233 16.69 24.26 -7.74
CA GLY D 233 17.84 23.77 -8.48
C GLY D 233 17.88 22.28 -8.73
N TYR D 234 16.89 21.52 -8.31
CA TYR D 234 16.93 20.06 -8.23
C TYR D 234 16.51 19.39 -9.53
N GLY D 235 16.75 20.01 -10.67
CA GLY D 235 16.22 19.44 -11.89
C GLY D 235 17.25 19.33 -12.98
N LYS D 236 17.00 20.05 -14.07
CA LYS D 236 17.98 20.39 -15.10
C LYS D 236 18.49 19.13 -15.78
N VAL D 237 17.61 18.56 -16.50
CA VAL D 237 17.87 17.39 -17.33
C VAL D 237 18.30 17.85 -18.72
N LYS D 238 19.28 17.17 -19.30
CA LYS D 238 19.69 17.38 -20.67
C LYS D 238 19.55 16.09 -21.46
N PHE D 239 19.15 16.21 -22.73
CA PHE D 239 18.88 15.07 -23.59
C PHE D 239 20.02 14.90 -24.58
N ILE D 240 20.76 13.81 -24.45
CA ILE D 240 21.93 13.53 -25.27
C ILE D 240 21.52 12.42 -26.22
N PHE D 241 21.22 12.80 -27.46
CA PHE D 241 20.62 11.89 -28.41
C PHE D 241 21.60 10.88 -28.96
N ASP D 242 21.07 9.70 -29.27
CA ASP D 242 21.83 8.61 -29.85
C ASP D 242 21.28 8.20 -31.21
N SER D 243 19.98 7.93 -31.33
CA SER D 243 19.46 7.29 -32.53
C SER D 243 17.95 7.49 -32.60
N PHE D 244 17.51 8.19 -33.63
CA PHE D 244 16.17 7.98 -34.18
C PHE D 244 16.20 6.81 -35.15
N GLU D 245 15.28 5.88 -34.97
CA GLU D 245 15.16 4.76 -35.88
C GLU D 245 13.73 4.65 -36.34
N PHE D 246 13.52 3.93 -37.43
CA PHE D 246 12.15 3.87 -37.91
C PHE D 246 11.44 2.55 -37.69
N ARG D 247 12.10 1.38 -37.89
CA ARG D 247 11.49 0.05 -37.77
C ARG D 247 10.17 -0.09 -38.52
N PRO D 248 10.15 -0.19 -39.82
CA PRO D 248 8.87 -0.18 -40.52
C PRO D 248 8.04 -1.44 -40.35
N LEU D 249 6.94 -1.54 -41.09
CA LEU D 249 6.04 -2.68 -40.97
C LEU D 249 6.68 -3.98 -41.42
N ASP D 250 7.70 -3.92 -42.27
CA ASP D 250 8.35 -5.09 -42.81
C ASP D 250 9.63 -5.45 -42.06
N TYR D 251 10.08 -4.62 -41.12
CA TYR D 251 11.14 -5.05 -40.23
C TYR D 251 10.68 -6.19 -39.35
N TYR D 252 9.44 -6.14 -38.93
CA TYR D 252 8.93 -7.09 -37.96
C TYR D 252 8.61 -8.43 -38.57
N ARG D 253 8.43 -8.51 -39.88
CA ARG D 253 8.11 -9.79 -40.50
C ARG D 253 9.36 -10.50 -41.00
N THR D 254 10.24 -9.78 -41.69
CA THR D 254 11.43 -10.43 -42.20
C THR D 254 12.51 -10.55 -41.14
N GLY D 255 12.60 -9.58 -40.24
CA GLY D 255 13.63 -9.57 -39.24
C GLY D 255 14.90 -8.88 -39.66
N LYS D 256 15.13 -8.72 -40.97
CA LYS D 256 16.34 -8.13 -41.49
C LYS D 256 16.42 -6.67 -41.12
N ASP D 257 17.65 -6.16 -41.07
CA ASP D 257 17.90 -4.77 -40.72
C ASP D 257 17.48 -3.89 -41.90
N GLU D 258 16.20 -3.58 -41.92
CA GLU D 258 15.58 -2.74 -42.94
C GLU D 258 15.12 -1.41 -42.36
N ASP D 259 15.64 -1.02 -41.22
CA ASP D 259 15.16 0.16 -40.51
C ASP D 259 16.04 1.37 -40.83
N ILE D 260 15.39 2.52 -40.97
CA ILE D 260 16.04 3.75 -41.35
C ILE D 260 16.47 4.49 -40.09
N VAL D 261 17.74 4.90 -40.04
CA VAL D 261 18.30 5.56 -38.87
C VAL D 261 18.63 6.99 -39.25
N SER D 262 18.30 7.93 -38.37
CA SER D 262 18.68 9.32 -38.50
C SER D 262 19.98 9.55 -37.75
N ILE D 263 20.93 10.22 -38.39
CA ILE D 263 22.29 10.35 -37.86
C ILE D 263 22.33 11.62 -37.01
N ASP D 264 22.16 11.47 -35.70
CA ASP D 264 22.13 12.64 -34.82
C ASP D 264 22.82 12.39 -33.50
N ALA D 265 24.00 11.76 -33.55
CA ALA D 265 24.65 11.36 -32.31
C ALA D 265 25.22 12.54 -31.53
N ARG D 266 25.33 13.71 -32.13
CA ARG D 266 25.92 14.87 -31.47
C ARG D 266 25.08 16.12 -31.71
N GLU D 267 23.76 16.02 -31.48
CA GLU D 267 22.85 17.13 -31.71
C GLU D 267 21.97 17.39 -30.51
N LYS D 268 21.30 18.53 -30.57
CA LYS D 268 20.48 19.10 -29.51
C LYS D 268 19.02 18.76 -29.79
N SER D 269 18.20 18.78 -28.75
CA SER D 269 16.76 18.61 -28.93
C SER D 269 16.11 19.78 -29.64
N VAL D 270 16.78 20.92 -29.77
CA VAL D 270 16.28 22.02 -30.58
C VAL D 270 16.93 22.04 -31.95
N SER D 271 17.91 21.18 -32.16
CA SER D 271 18.59 21.04 -33.44
C SER D 271 17.94 20.01 -34.34
N ASP D 272 17.17 19.08 -33.77
CA ASP D 272 16.35 18.20 -34.56
C ASP D 272 15.16 18.94 -35.15
N ILE D 273 14.82 20.07 -34.57
CA ILE D 273 13.58 20.72 -34.92
C ILE D 273 13.81 22.16 -35.35
N PHE D 277 14.72 19.79 -39.55
CA PHE D 277 13.86 18.64 -39.33
C PHE D 277 13.59 17.92 -40.63
N ASP D 278 13.50 18.68 -41.73
CA ASP D 278 13.23 18.06 -43.01
C ASP D 278 14.45 17.34 -43.55
N SER D 279 15.65 17.77 -43.15
CA SER D 279 16.86 17.12 -43.63
C SER D 279 17.07 15.78 -42.96
N LEU D 280 16.63 15.63 -41.72
CA LEU D 280 16.90 14.42 -40.98
C LEU D 280 15.99 13.29 -41.41
N PHE D 281 14.71 13.59 -41.57
CA PHE D 281 13.66 12.57 -41.67
C PHE D 281 13.26 12.28 -43.10
N SER D 282 14.16 12.51 -44.07
CA SER D 282 13.79 12.43 -45.47
C SER D 282 13.54 11.00 -45.93
N GLU D 283 14.34 10.04 -45.45
CA GLU D 283 14.10 8.65 -45.82
C GLU D 283 12.84 8.10 -45.16
N VAL D 284 12.50 8.58 -43.97
CA VAL D 284 11.24 8.19 -43.34
C VAL D 284 10.06 8.77 -44.10
N GLU D 285 10.23 9.95 -44.71
CA GLU D 285 9.21 10.49 -45.60
C GLU D 285 9.05 9.62 -46.83
N GLY D 286 10.16 9.27 -47.48
CA GLY D 286 10.10 8.47 -48.69
C GLY D 286 9.62 7.06 -48.46
N LYS D 287 9.83 6.53 -47.25
CA LYS D 287 9.35 5.20 -46.93
C LYS D 287 7.87 5.24 -46.56
N LEU D 288 7.32 6.43 -46.31
CA LEU D 288 5.91 6.70 -46.07
C LEU D 288 5.36 5.95 -44.86
N PRO E 2 -8.15 -56.77 -7.15
CA PRO E 2 -8.08 -55.35 -7.46
C PRO E 2 -6.66 -54.80 -7.50
N LYS E 3 -5.96 -55.10 -8.57
CA LYS E 3 -4.74 -54.38 -8.94
C LYS E 3 -5.08 -53.52 -10.14
N PHE E 4 -4.92 -52.22 -10.00
CA PHE E 4 -5.27 -51.29 -11.06
C PHE E 4 -4.02 -50.55 -11.50
N ILE E 5 -3.98 -50.17 -12.75
CA ILE E 5 -2.97 -49.22 -13.20
C ILE E 5 -3.43 -47.85 -12.77
N ALA E 6 -2.53 -47.01 -12.30
CA ALA E 6 -2.89 -45.66 -11.90
C ALA E 6 -2.18 -44.67 -12.81
N VAL E 7 -2.95 -43.87 -13.53
CA VAL E 7 -2.41 -42.83 -14.38
C VAL E 7 -2.39 -41.56 -13.58
N LYS E 8 -1.23 -40.93 -13.42
CA LYS E 8 -1.11 -39.66 -12.72
C LYS E 8 -0.86 -38.54 -13.70
N LEU E 9 -1.59 -37.45 -13.52
CA LEU E 9 -1.61 -36.32 -14.40
C LEU E 9 -0.99 -35.15 -13.63
N ILE E 10 0.33 -35.07 -13.67
CA ILE E 10 1.10 -34.03 -13.01
C ILE E 10 0.82 -32.71 -13.72
N PRO E 11 0.11 -31.77 -13.12
CA PRO E 11 -0.41 -30.64 -13.88
C PRO E 11 0.66 -29.63 -14.23
N LYS E 12 0.54 -29.06 -15.42
CA LYS E 12 1.38 -27.94 -15.83
C LYS E 12 0.68 -26.62 -15.65
N GLY E 13 -0.60 -26.62 -15.35
CA GLY E 13 -1.35 -25.39 -15.19
C GLY E 13 -2.61 -25.67 -14.42
N PRO E 14 -3.59 -24.85 -14.56
CA PRO E 14 -4.85 -25.10 -13.87
C PRO E 14 -5.87 -25.87 -14.67
N PHE E 15 -6.56 -26.83 -14.10
CA PHE E 15 -7.58 -27.45 -14.92
C PHE E 15 -8.84 -26.59 -14.92
N ARG E 16 -9.78 -26.95 -15.77
CA ARG E 16 -11.08 -26.33 -15.77
C ARG E 16 -12.01 -27.00 -14.78
N ASP E 17 -11.91 -28.30 -14.65
CA ASP E 17 -12.62 -29.08 -13.66
C ASP E 17 -11.87 -30.39 -13.52
N ILE E 18 -12.00 -31.01 -12.36
CA ILE E 18 -11.58 -32.38 -12.11
C ILE E 18 -12.32 -33.30 -13.07
N PRO E 19 -11.66 -33.92 -14.05
CA PRO E 19 -12.39 -34.52 -15.17
C PRO E 19 -13.20 -35.75 -14.79
N ARG E 20 -14.45 -35.77 -15.22
CA ARG E 20 -15.32 -36.92 -15.09
C ARG E 20 -14.83 -38.04 -15.99
N ALA E 21 -15.38 -39.23 -15.82
CA ALA E 21 -15.01 -40.33 -16.70
C ALA E 21 -15.54 -40.10 -18.11
N ASP E 22 -16.61 -39.33 -18.23
CA ASP E 22 -17.24 -39.02 -19.49
C ASP E 22 -16.39 -38.11 -20.34
N THR E 23 -15.65 -37.22 -19.71
CA THR E 23 -14.68 -36.40 -20.42
C THR E 23 -13.26 -36.90 -20.35
N LEU E 24 -13.00 -38.01 -19.68
CA LEU E 24 -11.74 -38.70 -19.92
C LEU E 24 -11.86 -39.57 -21.16
N PHE E 25 -12.96 -40.29 -21.30
CA PHE E 25 -13.14 -41.17 -22.44
C PHE E 25 -13.31 -40.40 -23.74
N GLY E 26 -13.95 -39.24 -23.69
CA GLY E 26 -14.04 -38.43 -24.89
C GLY E 26 -12.69 -37.90 -25.33
N ALA E 27 -11.85 -37.52 -24.39
CA ALA E 27 -10.50 -37.07 -24.70
C ALA E 27 -9.65 -38.20 -25.26
N ILE E 28 -9.81 -39.41 -24.73
CA ILE E 28 -9.07 -40.55 -25.27
C ILE E 28 -9.52 -40.88 -26.68
N GLY E 29 -10.83 -40.82 -26.94
CA GLY E 29 -11.31 -41.08 -28.29
C GLY E 29 -10.83 -40.06 -29.29
N ASN E 30 -10.79 -38.78 -28.89
CA ASN E 30 -10.28 -37.76 -29.80
C ASN E 30 -8.78 -37.85 -29.97
N ALA E 31 -8.07 -38.40 -29.01
CA ALA E 31 -6.64 -38.65 -29.21
C ALA E 31 -6.41 -39.78 -30.19
N ILE E 32 -7.15 -40.88 -30.02
CA ILE E 32 -7.00 -42.06 -30.86
C ILE E 32 -7.41 -41.78 -32.28
N SER E 33 -8.42 -40.93 -32.48
CA SER E 33 -8.80 -40.61 -33.85
C SER E 33 -7.80 -39.69 -34.54
N ALA E 34 -6.85 -39.10 -33.82
CA ALA E 34 -5.87 -38.23 -34.42
C ALA E 34 -4.50 -38.86 -34.54
N ILE E 35 -4.17 -39.86 -33.73
CA ILE E 35 -2.89 -40.54 -33.88
C ILE E 35 -3.03 -41.90 -34.54
N HIS E 36 -4.24 -42.46 -34.61
CA HIS E 36 -4.43 -43.72 -35.31
C HIS E 36 -5.37 -43.61 -36.49
N GLY E 37 -6.61 -43.19 -36.30
CA GLY E 37 -7.55 -43.13 -37.41
C GLY E 37 -8.97 -43.35 -36.90
N GLN E 38 -9.90 -43.41 -37.85
CA GLN E 38 -11.29 -43.68 -37.49
C GLN E 38 -11.47 -45.10 -36.98
N SER E 39 -10.93 -46.06 -37.71
CA SER E 39 -11.16 -47.48 -37.45
C SER E 39 -10.47 -47.99 -36.22
N ALA E 40 -9.69 -47.17 -35.50
CA ALA E 40 -9.10 -47.59 -34.25
C ALA E 40 -9.78 -46.96 -33.04
N VAL E 41 -10.76 -46.08 -33.25
CA VAL E 41 -11.61 -45.65 -32.15
C VAL E 41 -12.68 -46.69 -31.90
N GLU E 42 -13.13 -47.37 -32.95
CA GLU E 42 -14.14 -48.39 -32.78
C GLU E 42 -13.58 -49.61 -32.08
N GLU E 43 -12.30 -49.89 -32.27
CA GLU E 43 -11.67 -50.98 -31.52
C GLU E 43 -11.45 -50.59 -30.07
N LEU E 44 -11.21 -49.31 -29.79
CA LEU E 44 -11.19 -48.81 -28.42
C LEU E 44 -12.53 -49.02 -27.74
N VAL E 45 -13.61 -48.63 -28.42
CA VAL E 45 -14.96 -48.77 -27.89
C VAL E 45 -15.30 -50.24 -27.67
N ASP E 46 -14.87 -51.11 -28.58
CA ASP E 46 -15.11 -52.53 -28.38
C ASP E 46 -14.31 -53.10 -27.21
N ALA E 47 -13.10 -52.60 -26.98
CA ALA E 47 -12.33 -53.02 -25.83
C ALA E 47 -12.97 -52.57 -24.53
N PHE E 48 -13.63 -51.41 -24.53
CA PHE E 48 -14.32 -50.99 -23.31
C PHE E 48 -15.69 -51.63 -23.15
N VAL E 49 -16.31 -52.05 -24.25
CA VAL E 49 -17.54 -52.84 -24.12
C VAL E 49 -17.23 -54.21 -23.56
N GLY E 50 -16.26 -54.91 -24.16
CA GLY E 50 -15.98 -56.26 -23.73
C GLY E 50 -15.22 -56.32 -22.42
N GLY E 51 -14.16 -55.54 -22.33
CA GLY E 51 -13.28 -55.58 -21.18
C GLY E 51 -13.25 -54.35 -20.30
N ALA E 52 -12.26 -53.51 -20.59
CA ALA E 52 -11.65 -52.57 -19.67
C ALA E 52 -12.61 -51.48 -19.24
N ARG E 53 -12.26 -50.82 -18.13
CA ARG E 53 -12.98 -49.70 -17.58
C ARG E 53 -11.97 -48.73 -17.00
N ILE E 54 -12.29 -47.43 -17.06
CA ILE E 54 -11.50 -46.41 -16.39
C ILE E 54 -12.40 -45.73 -15.37
N SER E 55 -11.78 -45.00 -14.47
CA SER E 55 -12.53 -44.31 -13.44
C SER E 55 -12.40 -42.82 -13.62
N SER E 56 -13.08 -42.08 -12.76
CA SER E 56 -13.00 -40.65 -12.78
C SER E 56 -11.66 -40.20 -12.25
N ALA E 57 -11.39 -38.92 -12.35
CA ALA E 57 -10.15 -38.39 -11.82
C ALA E 57 -10.40 -37.92 -10.41
N PHE E 58 -9.45 -38.18 -9.53
CA PHE E 58 -9.57 -37.82 -8.12
C PHE E 58 -8.27 -37.13 -7.75
N PRO E 59 -8.28 -36.27 -6.75
CA PRO E 59 -7.08 -35.50 -6.47
C PRO E 59 -6.06 -36.33 -5.71
N TYR E 60 -4.79 -36.10 -6.00
CA TYR E 60 -3.73 -36.61 -5.15
C TYR E 60 -2.96 -35.43 -4.59
N SER E 61 -2.23 -35.68 -3.51
CA SER E 61 -1.35 -34.65 -2.94
C SER E 61 -0.13 -35.31 -2.33
N GLY E 62 0.92 -35.45 -3.11
CA GLY E 62 2.20 -35.96 -2.63
C GLY E 62 2.15 -37.36 -2.05
N ASP E 63 1.94 -38.35 -2.90
CA ASP E 63 1.91 -39.78 -2.58
C ASP E 63 0.79 -40.18 -1.62
N THR E 64 -0.19 -39.34 -1.37
CA THR E 64 -1.46 -39.75 -0.80
C THR E 64 -2.51 -39.63 -1.87
N TYR E 65 -3.28 -40.69 -2.07
CA TYR E 65 -4.25 -40.75 -3.15
C TYR E 65 -5.63 -40.78 -2.56
N TYR E 66 -6.49 -39.87 -3.00
CA TYR E 66 -7.85 -39.81 -2.51
C TYR E 66 -8.78 -40.54 -3.44
N LEU E 67 -9.84 -41.10 -2.87
CA LEU E 67 -10.91 -41.82 -3.54
C LEU E 67 -12.22 -41.30 -3.00
N PRO E 68 -13.30 -41.30 -3.78
CA PRO E 68 -14.54 -40.69 -3.31
C PRO E 68 -15.14 -41.50 -2.17
N LYS E 69 -15.91 -40.85 -1.38
CA LYS E 69 -16.50 -41.52 -0.25
C LYS E 69 -17.67 -42.37 -0.73
N PRO E 70 -17.79 -43.62 -0.29
CA PRO E 70 -18.99 -44.39 -0.61
C PRO E 70 -20.18 -43.75 0.05
N LEU E 71 -21.33 -43.88 -0.60
CA LEU E 71 -22.58 -43.48 0.03
C LEU E 71 -23.10 -44.54 0.98
N SER E 72 -22.37 -45.62 1.17
CA SER E 72 -22.80 -46.69 2.05
C SER E 72 -22.66 -46.32 3.52
N VAL E 73 -21.92 -45.25 3.82
CA VAL E 73 -21.71 -44.86 5.21
C VAL E 73 -22.74 -43.87 5.73
N GLU E 74 -23.49 -43.19 4.86
CA GLU E 74 -24.50 -42.25 5.35
C GLU E 74 -25.68 -42.87 6.10
N PRO E 75 -26.33 -43.95 5.65
CA PRO E 75 -27.50 -44.43 6.40
C PRO E 75 -27.18 -45.06 7.74
N ALA E 76 -25.97 -45.52 7.95
CA ALA E 76 -25.62 -46.12 9.23
C ALA E 76 -24.33 -45.54 9.76
N LEU E 77 -24.24 -44.22 9.72
CA LEU E 77 -23.11 -43.54 10.35
C LEU E 77 -23.25 -43.49 11.86
N GLU E 78 -24.44 -43.75 12.39
CA GLU E 78 -24.63 -43.79 13.84
C GLU E 78 -24.15 -45.11 14.42
N GLY E 79 -24.39 -46.22 13.71
CA GLY E 79 -23.91 -47.51 14.15
C GLY E 79 -22.41 -47.66 14.13
N ILE E 80 -21.73 -46.86 13.31
CA ILE E 80 -20.28 -46.75 13.36
C ILE E 80 -19.85 -46.13 14.68
N LEU E 81 -20.62 -45.20 15.20
CA LEU E 81 -20.25 -44.48 16.40
C LEU E 81 -21.20 -44.81 17.56
N ARG E 89 -19.23 -35.71 19.19
CA ARG E 89 -19.38 -36.60 18.06
C ARG E 89 -20.42 -36.18 17.04
N TYR E 90 -21.41 -35.40 17.47
CA TYR E 90 -22.38 -34.86 16.53
C TYR E 90 -21.72 -33.90 15.55
N THR E 91 -20.72 -33.16 16.02
CA THR E 91 -19.83 -32.43 15.13
C THR E 91 -19.05 -33.37 14.24
N THR E 92 -18.53 -34.46 14.82
CA THR E 92 -17.80 -35.45 14.03
C THR E 92 -18.72 -36.17 13.06
N ALA E 93 -19.94 -36.49 13.50
CA ALA E 93 -20.89 -37.15 12.61
C ALA E 93 -21.32 -36.24 11.47
N LYS E 94 -21.33 -34.94 11.70
CA LYS E 94 -21.73 -34.04 10.63
C LYS E 94 -20.60 -33.79 9.64
N ARG E 95 -19.38 -33.58 10.16
CA ARG E 95 -18.23 -33.41 9.29
C ARG E 95 -17.85 -34.71 8.57
N LEU E 96 -18.29 -35.85 9.08
CA LEU E 96 -18.01 -37.15 8.51
C LEU E 96 -18.99 -37.50 7.41
N ARG E 97 -20.06 -36.72 7.30
CA ARG E 97 -21.10 -36.85 6.29
C ARG E 97 -20.97 -35.81 5.21
N LYS E 98 -20.48 -34.63 5.56
CA LYS E 98 -20.26 -33.59 4.57
C LYS E 98 -19.13 -33.92 3.60
N ALA E 99 -18.08 -34.63 4.07
CA ALA E 99 -16.84 -34.75 3.34
C ALA E 99 -17.00 -35.61 2.10
N LYS E 100 -16.16 -35.33 1.09
CA LYS E 100 -16.35 -35.84 -0.26
C LYS E 100 -15.34 -36.91 -0.63
N TYR E 101 -14.08 -36.71 -0.29
CA TYR E 101 -12.98 -37.56 -0.70
C TYR E 101 -12.35 -38.14 0.55
N LEU E 102 -12.28 -39.45 0.63
CA LEU E 102 -11.54 -40.11 1.70
C LEU E 102 -10.18 -40.50 1.20
N ASP E 103 -9.25 -40.61 2.16
CA ASP E 103 -7.86 -41.05 1.86
C ASP E 103 -7.90 -42.54 1.50
N LEU E 104 -6.88 -43.05 0.80
CA LEU E 104 -6.90 -44.46 0.36
C LEU E 104 -6.98 -45.38 1.58
N LYS E 105 -6.22 -45.09 2.64
CA LYS E 105 -6.24 -45.96 3.85
C LYS E 105 -7.63 -45.92 4.50
N ASN E 106 -8.21 -44.72 4.65
CA ASN E 106 -9.56 -44.56 5.27
C ASN E 106 -10.63 -45.20 4.39
N PHE E 107 -10.53 -45.00 3.06
CA PHE E 107 -11.50 -45.54 2.11
C PHE E 107 -11.58 -47.05 2.22
N GLU E 108 -10.43 -47.72 2.36
CA GLU E 108 -10.45 -49.16 2.59
C GLU E 108 -11.02 -49.50 3.96
N LEU E 109 -10.92 -48.59 4.92
CA LEU E 109 -11.62 -48.77 6.19
C LEU E 109 -13.13 -48.72 5.99
N ALA E 110 -13.61 -47.66 5.35
CA ALA E 110 -15.04 -47.42 5.21
C ALA E 110 -15.73 -48.37 4.26
N LEU E 111 -14.99 -49.07 3.41
CA LEU E 111 -15.62 -50.14 2.64
C LEU E 111 -16.09 -51.28 3.51
N ARG E 112 -15.52 -51.44 4.70
CA ARG E 112 -15.89 -52.52 5.61
C ARG E 112 -16.74 -52.01 6.77
N LEU E 113 -17.21 -50.77 6.70
CA LEU E 113 -18.02 -50.10 7.72
C LEU E 113 -17.30 -50.05 9.06
N ARG E 114 -16.17 -49.36 9.04
CA ARG E 114 -15.30 -49.15 10.17
C ARG E 114 -15.19 -47.66 10.43
N PRO E 115 -14.80 -47.24 11.62
CA PRO E 115 -14.58 -45.81 11.84
C PRO E 115 -13.41 -45.29 11.04
N PHE E 116 -13.58 -44.13 10.41
CA PHE E 116 -12.60 -43.57 9.51
C PHE E 116 -12.44 -42.08 9.77
N THR E 117 -11.42 -41.50 9.16
CA THR E 117 -11.11 -40.09 9.32
C THR E 117 -11.17 -39.40 7.98
N ILE E 118 -11.61 -38.14 7.97
CA ILE E 118 -11.63 -37.38 6.72
C ILE E 118 -10.33 -36.61 6.63
N PRO E 119 -9.83 -36.30 5.44
CA PRO E 119 -8.67 -35.43 5.34
C PRO E 119 -9.01 -34.02 5.75
N GLU E 120 -8.03 -33.34 6.31
CA GLU E 120 -8.22 -32.00 6.83
C GLU E 120 -7.77 -30.94 5.84
N GLU E 121 -7.65 -31.29 4.57
CA GLU E 121 -7.12 -30.40 3.55
C GLU E 121 -7.61 -30.88 2.19
N ILE E 122 -8.07 -29.95 1.35
CA ILE E 122 -8.44 -30.28 -0.02
C ILE E 122 -7.25 -29.93 -0.90
N PRO E 123 -6.91 -30.75 -1.90
CA PRO E 123 -5.68 -30.53 -2.67
C PRO E 123 -5.76 -29.46 -3.75
N TYR E 124 -6.82 -28.67 -3.85
CA TYR E 124 -6.93 -27.67 -4.90
C TYR E 124 -7.83 -26.53 -4.42
N ALA E 125 -8.02 -25.54 -5.29
CA ALA E 125 -8.88 -24.41 -4.98
C ALA E 125 -9.66 -23.99 -6.21
N ARG E 126 -10.96 -23.76 -6.06
CA ARG E 126 -11.78 -23.23 -7.14
C ARG E 126 -11.67 -21.72 -7.07
N VAL E 127 -10.84 -21.16 -7.92
CA VAL E 127 -10.65 -19.72 -7.94
C VAL E 127 -11.21 -19.19 -9.24
N ASP E 128 -11.78 -18.00 -9.20
CA ASP E 128 -12.29 -17.36 -10.39
C ASP E 128 -11.48 -16.11 -10.69
N VAL E 129 -10.75 -16.15 -11.79
CA VAL E 129 -9.90 -15.05 -12.23
C VAL E 129 -10.71 -14.11 -13.10
N PRO E 130 -10.53 -12.80 -12.94
CA PRO E 130 -11.23 -11.86 -13.82
C PRO E 130 -10.43 -11.71 -15.11
N ARG E 131 -11.11 -11.80 -16.23
CA ARG E 131 -10.47 -11.56 -17.50
C ARG E 131 -11.14 -10.37 -18.13
N VAL E 132 -10.68 -9.99 -19.31
CA VAL E 132 -11.09 -8.73 -19.89
C VAL E 132 -11.05 -8.94 -21.39
N VAL E 133 -11.83 -8.17 -22.12
CA VAL E 133 -11.84 -8.21 -23.57
C VAL E 133 -11.70 -6.79 -24.07
N LEU E 134 -10.65 -6.52 -24.80
CA LEU E 134 -10.30 -5.17 -25.21
C LEU E 134 -10.51 -5.04 -26.71
N ASP E 135 -11.24 -4.03 -27.15
CA ASP E 135 -11.28 -3.80 -28.59
C ASP E 135 -10.00 -3.18 -29.08
N ARG E 136 -9.74 -3.35 -30.36
CA ARG E 136 -8.40 -3.09 -30.85
C ARG E 136 -8.21 -1.63 -31.15
N VAL E 137 -9.30 -0.86 -31.26
CA VAL E 137 -9.14 0.55 -31.59
C VAL E 137 -9.10 1.39 -30.32
N THR E 138 -10.01 1.16 -29.39
CA THR E 138 -10.14 2.04 -28.25
C THR E 138 -9.70 1.44 -26.93
N GLN E 139 -9.25 0.19 -26.90
CA GLN E 139 -8.79 -0.51 -25.70
C GLN E 139 -9.84 -0.48 -24.59
N ASP E 140 -11.09 -0.61 -24.98
CA ASP E 140 -12.23 -0.42 -24.10
C ASP E 140 -12.70 -1.78 -23.65
N SER E 141 -12.77 -2.00 -22.35
CA SER E 141 -12.71 -3.31 -21.75
C SER E 141 -14.08 -3.86 -21.40
N SER E 142 -14.12 -5.13 -21.05
CA SER E 142 -15.35 -5.81 -20.68
C SER E 142 -14.98 -7.01 -19.83
N ILE E 143 -15.35 -7.03 -18.57
CA ILE E 143 -14.94 -8.18 -17.78
C ILE E 143 -15.96 -9.31 -17.84
N TYR E 144 -15.43 -10.50 -17.71
CA TYR E 144 -16.14 -11.69 -17.34
C TYR E 144 -15.24 -12.40 -16.36
N PHE E 145 -15.80 -13.33 -15.61
CA PHE E 145 -15.00 -14.10 -14.68
C PHE E 145 -14.90 -15.51 -15.17
N TRP E 146 -13.83 -16.20 -14.76
CA TRP E 146 -13.58 -17.54 -15.24
C TRP E 146 -13.17 -18.40 -14.06
N GLU E 147 -13.87 -19.50 -13.83
CA GLU E 147 -13.51 -20.39 -12.74
C GLU E 147 -12.49 -21.40 -13.21
N GLU E 148 -11.57 -21.79 -12.32
CA GLU E 148 -10.66 -22.87 -12.63
C GLU E 148 -10.19 -23.54 -11.34
N ILE E 149 -9.61 -24.71 -11.51
CA ILE E 149 -9.12 -25.56 -10.42
C ILE E 149 -7.62 -25.36 -10.35
N ARG E 150 -7.16 -24.66 -9.34
CA ARG E 150 -5.75 -24.34 -9.20
C ARG E 150 -5.15 -25.24 -8.12
N PHE E 151 -4.13 -25.99 -8.49
CA PHE E 151 -3.57 -27.05 -7.64
C PHE E 151 -2.40 -26.54 -6.83
N ARG E 152 -2.03 -27.31 -5.81
CA ARG E 152 -0.87 -26.99 -5.00
C ARG E 152 0.40 -27.50 -5.64
N GLU E 153 1.49 -27.56 -4.88
CA GLU E 153 2.79 -27.81 -5.50
C GLU E 153 3.00 -29.27 -5.86
N LYS E 154 2.74 -30.19 -4.94
CA LYS E 154 2.88 -31.60 -5.25
C LYS E 154 1.58 -32.26 -5.63
N SER E 155 0.48 -31.51 -5.64
CA SER E 155 -0.83 -32.09 -5.83
C SER E 155 -1.18 -32.15 -7.31
N GLY E 156 -2.18 -32.95 -7.62
CA GLY E 156 -2.61 -33.12 -8.98
C GLY E 156 -3.81 -34.02 -9.03
N VAL E 157 -3.95 -34.82 -10.08
CA VAL E 157 -5.17 -35.57 -10.29
C VAL E 157 -4.78 -36.90 -10.93
N TYR E 158 -5.61 -37.92 -10.75
CA TYR E 158 -5.23 -39.23 -11.24
C TYR E 158 -6.48 -40.02 -11.59
N PHE E 159 -6.31 -41.11 -12.33
CA PHE E 159 -7.42 -42.04 -12.49
C PHE E 159 -6.89 -43.46 -12.62
N LEU E 160 -7.80 -44.42 -12.56
CA LEU E 160 -7.46 -45.82 -12.45
C LEU E 160 -7.92 -46.55 -13.70
N TYR E 161 -7.24 -47.63 -14.02
CA TYR E 161 -7.52 -48.42 -15.20
C TYR E 161 -7.49 -49.89 -14.83
N SER E 162 -8.54 -50.62 -15.21
CA SER E 162 -8.55 -52.07 -15.15
C SER E 162 -8.58 -52.62 -16.58
N GLY E 163 -8.58 -53.93 -16.70
CA GLY E 163 -8.62 -54.54 -18.01
C GLY E 163 -7.24 -55.02 -18.44
N PRO E 164 -7.13 -55.51 -19.67
CA PRO E 164 -5.86 -56.10 -20.11
C PRO E 164 -4.79 -55.06 -20.37
N ARG E 165 -3.64 -55.52 -20.86
CA ARG E 165 -2.49 -54.64 -20.99
C ARG E 165 -2.18 -54.26 -22.43
N GLU E 166 -2.64 -55.03 -23.41
CA GLU E 166 -2.44 -54.59 -24.78
C GLU E 166 -3.36 -53.43 -25.14
N VAL E 167 -4.50 -53.30 -24.46
CA VAL E 167 -5.37 -52.15 -24.68
C VAL E 167 -4.77 -50.91 -24.05
N PHE E 168 -4.21 -51.05 -22.85
CA PHE E 168 -3.48 -49.95 -22.23
C PHE E 168 -2.25 -49.57 -23.02
N ASP E 169 -1.59 -50.53 -23.61
CA ASP E 169 -0.31 -50.28 -24.24
C ASP E 169 -0.46 -49.78 -25.67
N GLY E 170 -1.55 -50.13 -26.33
CA GLY E 170 -1.78 -49.64 -27.67
C GLY E 170 -2.68 -48.42 -27.74
N TYR E 171 -3.56 -48.24 -26.76
CA TYR E 171 -4.52 -47.15 -26.85
C TYR E 171 -4.36 -46.11 -25.75
N ILE E 172 -4.41 -46.47 -24.46
CA ILE E 172 -4.49 -45.44 -23.43
C ILE E 172 -3.14 -44.78 -23.19
N ALA E 173 -2.07 -45.54 -23.25
CA ALA E 173 -0.76 -44.91 -23.08
C ALA E 173 -0.33 -44.01 -24.23
N PRO E 174 -0.66 -44.26 -25.51
CA PRO E 174 -0.45 -43.19 -26.49
C PRO E 174 -1.41 -42.03 -26.36
N ALA E 175 -2.64 -42.29 -25.91
CA ALA E 175 -3.60 -41.22 -25.75
C ALA E 175 -3.20 -40.27 -24.65
N MET E 176 -2.52 -40.77 -23.62
CA MET E 176 -2.08 -39.89 -22.57
C MET E 176 -0.85 -39.07 -22.96
N ARG E 177 -0.03 -39.57 -23.89
CA ARG E 177 1.07 -38.75 -24.36
C ARG E 177 0.60 -37.72 -25.35
N PHE E 178 -0.50 -38.01 -26.06
CA PHE E 178 -1.07 -37.00 -26.94
C PHE E 178 -1.75 -35.91 -26.13
N LEU E 179 -2.55 -36.28 -25.13
CA LEU E 179 -3.31 -35.28 -24.40
C LEU E 179 -2.48 -34.51 -23.39
N GLY E 180 -1.22 -34.83 -23.21
CA GLY E 180 -0.39 -33.99 -22.38
C GLY E 180 -0.07 -32.66 -23.02
N ASP E 181 -0.17 -32.60 -24.34
CA ASP E 181 0.12 -31.40 -25.11
C ASP E 181 -1.12 -30.85 -25.79
N THR E 182 -2.29 -31.36 -25.43
CA THR E 182 -3.58 -30.72 -25.70
C THR E 182 -4.53 -31.18 -24.61
N GLY E 183 -4.99 -30.27 -23.78
CA GLY E 183 -5.42 -30.66 -22.47
C GLY E 183 -6.77 -31.37 -22.37
N ILE E 184 -7.14 -31.66 -21.13
CA ILE E 184 -8.42 -32.31 -20.81
C ILE E 184 -9.41 -31.19 -20.49
N GLY E 185 -10.16 -30.77 -21.49
CA GLY E 185 -11.23 -29.82 -21.30
C GLY E 185 -10.81 -28.41 -20.99
N GLY E 186 -11.71 -27.48 -21.14
CA GLY E 186 -11.45 -26.14 -20.71
C GLY E 186 -10.67 -25.37 -21.71
N LYS E 187 -10.28 -24.16 -21.32
CA LYS E 187 -9.62 -23.24 -22.23
C LYS E 187 -8.21 -23.74 -22.43
N SER E 188 -8.06 -24.76 -23.26
CA SER E 188 -6.77 -25.42 -23.31
C SER E 188 -5.81 -24.69 -24.21
N THR E 189 -6.23 -23.59 -24.82
CA THR E 189 -5.35 -22.68 -25.52
C THR E 189 -4.81 -21.60 -24.63
N TRP E 190 -5.20 -21.59 -23.35
CA TRP E 190 -4.56 -20.78 -22.33
C TRP E 190 -3.61 -21.61 -21.50
N GLY E 191 -3.29 -22.81 -21.98
CA GLY E 191 -2.49 -23.76 -21.25
C GLY E 191 -3.17 -24.20 -19.99
N ALA E 192 -4.40 -24.68 -20.08
CA ALA E 192 -5.12 -25.08 -18.90
C ALA E 192 -5.10 -26.57 -18.67
N GLY E 193 -5.61 -27.37 -19.57
CA GLY E 193 -5.71 -28.77 -19.24
C GLY E 193 -4.46 -29.61 -19.31
N LEU E 194 -3.27 -29.02 -19.39
CA LEU E 194 -2.07 -29.74 -19.80
C LEU E 194 -1.40 -30.40 -18.61
N PHE E 195 -0.59 -31.42 -18.88
CA PHE E 195 -0.03 -32.24 -17.82
C PHE E 195 1.16 -33.03 -18.32
N GLU E 196 1.83 -33.68 -17.39
CA GLU E 196 2.82 -34.71 -17.65
C GLU E 196 2.28 -36.02 -17.09
N VAL E 197 2.35 -37.06 -17.85
CA VAL E 197 1.71 -38.31 -17.49
C VAL E 197 2.75 -39.26 -16.92
N GLU E 198 2.39 -39.98 -15.85
CA GLU E 198 3.24 -41.06 -15.41
C GLU E 198 2.39 -42.15 -14.76
N PHE E 199 2.79 -43.40 -14.97
CA PHE E 199 1.94 -44.52 -14.63
C PHE E 199 2.54 -45.27 -13.45
N HIS E 200 1.70 -45.69 -12.53
CA HIS E 200 2.09 -46.57 -11.45
C HIS E 200 1.10 -47.73 -11.39
N GLU E 201 1.22 -48.51 -10.33
CA GLU E 201 0.23 -49.49 -9.95
C GLU E 201 -0.35 -49.07 -8.61
N MET E 202 -1.65 -49.24 -8.45
CA MET E 202 -2.31 -49.13 -7.16
C MET E 202 -2.95 -50.47 -6.84
N LYS E 203 -2.93 -50.86 -5.58
CA LYS E 203 -3.63 -52.03 -5.11
C LYS E 203 -4.67 -51.56 -4.11
N ILE E 204 -5.90 -52.08 -4.24
CA ILE E 204 -6.99 -51.69 -3.34
C ILE E 204 -7.51 -52.94 -2.65
N ASP E 205 -7.50 -52.91 -1.31
CA ASP E 205 -8.03 -53.99 -0.50
C ASP E 205 -9.53 -53.82 -0.37
N ALA E 206 -10.29 -54.76 -0.93
CA ALA E 206 -11.73 -54.59 -1.06
C ALA E 206 -12.48 -55.86 -0.69
N PRO E 207 -13.55 -55.73 0.09
CA PRO E 207 -14.31 -56.91 0.50
C PRO E 207 -15.15 -57.45 -0.64
N GLY E 208 -15.18 -58.77 -0.75
CA GLY E 208 -15.87 -59.39 -1.86
C GLY E 208 -17.32 -59.63 -1.52
N SER E 209 -18.18 -58.72 -1.94
CA SER E 209 -19.59 -58.77 -1.60
C SER E 209 -20.42 -58.71 -2.87
N GLU E 210 -21.73 -58.55 -2.69
CA GLU E 210 -22.63 -58.42 -3.82
C GLU E 210 -22.74 -56.99 -4.30
N TYR E 211 -22.38 -56.01 -3.47
CA TYR E 211 -22.58 -54.61 -3.76
C TYR E 211 -21.27 -53.95 -4.12
N SER E 212 -21.33 -52.99 -5.03
CA SER E 212 -20.14 -52.34 -5.53
C SER E 212 -20.34 -50.85 -5.60
N VAL E 213 -19.41 -50.10 -5.05
CA VAL E 213 -19.35 -48.68 -5.33
C VAL E 213 -18.76 -48.50 -6.71
N THR E 214 -19.20 -47.46 -7.40
CA THR E 214 -18.69 -47.16 -8.71
C THR E 214 -17.75 -45.98 -8.59
N LEU E 215 -16.54 -46.13 -9.09
CA LEU E 215 -15.61 -45.03 -9.08
C LEU E 215 -15.68 -44.19 -10.34
N SER E 216 -16.59 -44.49 -11.25
CA SER E 216 -16.82 -43.67 -12.43
C SER E 216 -18.30 -43.41 -12.55
N ASN E 217 -18.65 -42.45 -13.40
CA ASN E 217 -20.04 -42.03 -13.57
C ASN E 217 -20.86 -43.15 -14.18
N ALA E 218 -21.95 -43.51 -13.54
CA ALA E 218 -22.45 -44.84 -13.81
C ALA E 218 -23.29 -44.93 -15.07
N LEU E 219 -24.34 -44.12 -15.20
CA LEU E 219 -25.41 -44.23 -16.20
C LEU E 219 -25.99 -45.64 -16.20
N PRO E 220 -26.78 -46.01 -15.21
CA PRO E 220 -27.05 -47.42 -14.98
C PRO E 220 -28.11 -47.99 -15.91
N THR E 221 -28.17 -49.31 -15.92
CA THR E 221 -29.16 -50.06 -16.65
C THR E 221 -30.28 -50.57 -15.76
N LYS E 222 -30.21 -50.29 -14.47
CA LYS E 222 -31.25 -50.63 -13.50
C LYS E 222 -31.04 -49.75 -12.30
N THR E 223 -32.04 -49.70 -11.42
CA THR E 223 -31.96 -48.81 -10.27
C THR E 223 -30.92 -49.30 -9.28
N PRO E 224 -30.07 -48.43 -8.79
CA PRO E 224 -29.09 -48.81 -7.79
C PRO E 224 -29.63 -48.82 -6.38
N VAL E 225 -28.74 -48.96 -5.39
CA VAL E 225 -29.19 -49.01 -4.01
C VAL E 225 -29.22 -47.61 -3.42
N LEU E 226 -28.07 -46.98 -3.32
CA LEU E 226 -27.99 -45.61 -2.85
C LEU E 226 -27.24 -44.82 -3.89
N TRP E 227 -27.74 -43.65 -4.24
CA TRP E 227 -27.09 -42.95 -5.33
C TRP E 227 -27.10 -41.46 -5.10
N ARG E 228 -26.36 -40.76 -5.95
CA ARG E 228 -26.24 -39.32 -5.88
C ARG E 228 -26.24 -38.85 -7.31
N LEU E 229 -27.31 -38.18 -7.71
CA LEU E 229 -27.66 -38.02 -9.10
C LEU E 229 -26.85 -36.88 -9.69
N LEU E 230 -26.60 -36.94 -11.00
CA LEU E 230 -25.71 -35.96 -11.61
C LEU E 230 -26.08 -35.78 -13.07
N ARG E 231 -26.73 -34.66 -13.38
CA ARG E 231 -27.02 -34.33 -14.77
C ARG E 231 -25.79 -33.69 -15.37
N LYS E 232 -25.38 -34.15 -16.55
CA LYS E 232 -24.43 -33.36 -17.30
C LYS E 232 -24.60 -33.61 -18.77
N GLY E 233 -24.14 -32.63 -19.54
CA GLY E 233 -24.05 -32.79 -20.97
C GLY E 233 -22.62 -32.59 -21.39
N GLY E 234 -22.43 -32.41 -22.68
CA GLY E 234 -21.11 -32.20 -23.21
C GLY E 234 -21.20 -31.40 -24.48
N TRP E 235 -20.14 -31.47 -25.27
CA TRP E 235 -20.02 -30.75 -26.52
C TRP E 235 -19.10 -31.54 -27.41
N SER E 236 -19.63 -32.05 -28.49
CA SER E 236 -18.92 -32.99 -29.35
C SER E 236 -18.78 -32.41 -30.74
N PHE E 237 -17.58 -31.87 -31.03
CA PHE E 237 -17.27 -31.18 -32.29
C PHE E 237 -18.23 -30.02 -32.55
N GLY E 238 -18.51 -29.25 -31.51
CA GLY E 238 -19.38 -28.11 -31.65
C GLY E 238 -20.84 -28.38 -31.38
N ARG E 239 -21.26 -29.62 -31.39
CA ARG E 239 -22.67 -29.97 -31.24
C ARG E 239 -22.96 -30.24 -29.78
N ARG E 240 -24.09 -29.71 -29.31
CA ARG E 240 -24.43 -29.82 -27.89
C ARG E 240 -24.97 -31.20 -27.61
N LYS E 241 -24.41 -31.87 -26.63
CA LYS E 241 -24.97 -33.15 -26.21
C LYS E 241 -26.14 -32.92 -25.27
N PRO E 242 -27.19 -33.72 -25.37
CA PRO E 242 -28.30 -33.62 -24.43
C PRO E 242 -27.90 -34.03 -23.03
N ARG E 243 -28.59 -33.44 -22.04
CA ARG E 243 -28.23 -33.71 -20.65
C ARG E 243 -28.65 -35.10 -20.25
N MET E 244 -27.76 -35.79 -19.56
CA MET E 244 -27.93 -37.19 -19.23
C MET E 244 -27.79 -37.34 -17.73
N THR E 245 -28.55 -38.27 -17.15
CA THR E 245 -28.53 -38.50 -15.71
C THR E 245 -27.52 -39.58 -15.41
N PHE E 246 -26.28 -39.17 -15.17
CA PHE E 246 -25.30 -40.08 -14.63
C PHE E 246 -25.57 -40.27 -13.16
N ILE E 247 -25.05 -41.31 -12.63
CA ILE E 247 -24.88 -41.36 -11.19
C ILE E 247 -23.51 -40.79 -10.87
N ALA E 248 -23.40 -39.96 -9.85
CA ALA E 248 -22.06 -39.55 -9.45
C ALA E 248 -21.34 -40.70 -8.76
N GLU E 249 -20.03 -40.55 -8.60
CA GLU E 249 -19.16 -41.58 -8.07
C GLU E 249 -19.49 -41.89 -6.62
N GLY E 250 -18.92 -42.98 -6.12
CA GLY E 250 -19.16 -43.35 -4.76
C GLY E 250 -20.52 -43.91 -4.50
N SER E 251 -21.22 -44.39 -5.51
CA SER E 251 -22.59 -44.85 -5.40
C SER E 251 -22.67 -46.35 -5.53
N ILE E 252 -23.68 -46.93 -4.91
CA ILE E 252 -23.76 -48.37 -4.70
C ILE E 252 -24.70 -48.97 -5.73
N VAL E 253 -24.18 -49.81 -6.60
CA VAL E 253 -24.99 -50.65 -7.45
C VAL E 253 -24.81 -52.09 -6.98
N LYS E 254 -25.62 -53.00 -7.52
CA LYS E 254 -25.31 -54.42 -7.40
C LYS E 254 -25.39 -55.05 -8.77
N ASN E 255 -24.25 -55.59 -9.23
CA ASN E 255 -24.13 -56.37 -10.46
C ASN E 255 -24.61 -55.60 -11.68
N ASP E 256 -24.40 -54.29 -11.69
CA ASP E 256 -24.91 -53.43 -12.74
C ASP E 256 -23.76 -52.98 -13.60
N PRO E 257 -23.62 -53.49 -14.82
CA PRO E 257 -22.43 -53.22 -15.62
C PRO E 257 -22.41 -51.84 -16.27
N GLY E 258 -23.46 -51.03 -16.12
CA GLY E 258 -23.49 -49.75 -16.78
C GLY E 258 -23.71 -49.92 -18.27
N GLY E 259 -23.59 -48.82 -18.99
CA GLY E 259 -23.71 -48.95 -20.42
C GLY E 259 -23.41 -47.67 -21.16
N MET E 260 -22.58 -47.75 -22.21
CA MET E 260 -22.34 -46.59 -23.04
C MET E 260 -23.52 -46.36 -23.97
N GLU E 261 -23.72 -45.12 -24.37
CA GLU E 261 -24.81 -44.83 -25.29
C GLU E 261 -24.32 -44.06 -26.49
N ARG E 262 -24.71 -44.51 -27.68
CA ARG E 262 -24.35 -43.83 -28.90
C ARG E 262 -25.38 -42.74 -29.20
N LEU E 263 -24.88 -41.57 -29.58
CA LEU E 263 -25.69 -40.41 -29.87
C LEU E 263 -25.71 -40.17 -31.37
N GLU E 264 -26.53 -39.22 -31.79
CA GLU E 264 -26.72 -38.97 -33.21
C GLU E 264 -25.97 -37.71 -33.63
N LEU E 265 -26.39 -36.54 -33.16
CA LEU E 265 -25.64 -35.28 -33.23
C LEU E 265 -25.26 -34.76 -34.61
N GLY E 266 -25.64 -35.44 -35.68
CA GLY E 266 -25.44 -34.92 -37.02
C GLY E 266 -24.00 -34.80 -37.50
N LEU E 267 -23.18 -35.80 -37.22
CA LEU E 267 -21.76 -35.80 -37.54
C LEU E 267 -21.44 -36.89 -38.55
N SER E 268 -20.17 -36.95 -38.94
CA SER E 268 -19.70 -38.00 -39.82
C SER E 268 -19.62 -39.34 -39.12
N HIS E 269 -19.62 -39.33 -37.79
CA HIS E 269 -19.42 -40.51 -36.98
C HIS E 269 -20.36 -40.48 -35.79
N GLU E 270 -20.65 -41.65 -35.27
CA GLU E 270 -21.41 -41.78 -34.03
C GLU E 270 -20.56 -41.31 -32.85
N VAL E 271 -21.24 -40.86 -31.80
CA VAL E 271 -20.58 -40.27 -30.64
C VAL E 271 -20.99 -41.07 -29.43
N TYR E 272 -20.04 -41.79 -28.85
CA TYR E 272 -20.37 -42.60 -27.69
C TYR E 272 -20.21 -41.79 -26.41
N VAL E 273 -21.12 -42.00 -25.47
CA VAL E 273 -21.01 -41.43 -24.15
C VAL E 273 -20.72 -42.56 -23.19
N TYR E 274 -19.62 -42.44 -22.46
CA TYR E 274 -19.08 -43.50 -21.62
C TYR E 274 -19.91 -43.61 -20.35
N GLY E 275 -20.81 -44.57 -20.33
CA GLY E 275 -21.64 -44.81 -19.19
C GLY E 275 -21.39 -46.14 -18.56
N LEU E 276 -20.15 -46.52 -18.36
CA LEU E 276 -19.86 -47.81 -17.75
C LEU E 276 -19.51 -47.61 -16.28
N THR E 277 -19.66 -48.69 -15.52
CA THR E 277 -19.40 -48.66 -14.10
C THR E 277 -17.94 -49.02 -13.84
N PHE E 278 -17.47 -48.78 -12.61
CA PHE E 278 -16.14 -49.19 -12.19
C PHE E 278 -16.27 -49.81 -10.81
N PRO E 279 -16.52 -51.11 -10.71
CA PRO E 279 -16.98 -51.69 -9.45
C PRO E 279 -15.84 -51.98 -8.49
N LEU E 280 -16.01 -51.53 -7.24
CA LEU E 280 -15.27 -52.00 -6.10
C LEU E 280 -16.24 -52.60 -5.11
N GLY E 281 -15.84 -53.66 -4.42
CA GLY E 281 -16.75 -54.29 -3.49
C GLY E 281 -16.95 -53.45 -2.23
N VAL E 282 -18.15 -53.50 -1.68
CA VAL E 282 -18.49 -52.68 -0.53
C VAL E 282 -19.42 -53.49 0.38
N GLU E 283 -19.36 -53.19 1.67
CA GLU E 283 -20.18 -53.85 2.68
C GLU E 283 -21.32 -52.92 3.04
N LEU E 284 -22.54 -53.39 2.91
CA LEU E 284 -23.65 -52.51 3.24
C LEU E 284 -24.16 -52.71 4.65
N PRO E 285 -24.91 -51.75 5.16
CA PRO E 285 -25.81 -52.03 6.28
C PRO E 285 -27.10 -52.66 5.78
N GLU E 286 -28.10 -52.77 6.64
CA GLU E 286 -29.36 -53.44 6.31
C GLU E 286 -30.33 -52.55 5.52
N GLY E 287 -29.85 -51.94 4.45
CA GLY E 287 -30.66 -51.05 3.63
C GLY E 287 -29.83 -49.99 2.95
N TRP F 50 55.07 1.61 31.12
CA TRP F 50 54.62 0.91 29.92
C TRP F 50 55.79 0.68 28.96
N GLU F 51 56.85 0.05 29.45
CA GLU F 51 58.01 -0.23 28.62
C GLU F 51 57.77 -1.40 27.68
N ALA F 52 56.82 -2.28 28.01
CA ALA F 52 56.53 -3.43 27.17
C ALA F 52 55.75 -3.03 25.93
N ILE F 53 54.95 -1.96 26.03
CA ILE F 53 54.16 -1.51 24.88
C ILE F 53 55.02 -0.75 23.89
N GLN F 54 56.00 0.03 24.38
CA GLN F 54 56.92 0.77 23.53
C GLN F 54 57.82 -0.21 22.81
N PRO F 55 58.23 -1.30 23.46
CA PRO F 55 58.91 -2.37 22.72
C PRO F 55 57.99 -3.09 21.77
N TYR F 56 56.69 -3.21 22.10
CA TYR F 56 55.73 -3.81 21.18
C TYR F 56 55.52 -2.93 19.95
N PHE F 57 55.43 -1.62 20.16
CA PHE F 57 55.33 -0.68 19.04
C PHE F 57 56.62 -0.68 18.22
N ASP F 58 57.77 -0.81 18.87
CA ASP F 58 59.03 -0.84 18.14
C ASP F 58 59.16 -2.11 17.30
N ASN F 59 58.74 -3.25 17.84
CA ASN F 59 58.77 -4.49 17.09
C ASN F 59 57.73 -4.49 15.96
N VAL F 60 56.59 -3.82 16.18
CA VAL F 60 55.59 -3.76 15.14
C VAL F 60 56.02 -2.82 14.02
N VAL F 61 56.76 -1.77 14.36
CA VAL F 61 57.30 -0.88 13.35
C VAL F 61 58.47 -1.52 12.64
N ARG F 62 59.20 -2.42 13.32
CA ARG F 62 60.16 -3.26 12.61
C ARG F 62 59.46 -4.24 11.69
N GLU F 63 58.25 -4.68 12.07
CA GLU F 63 57.42 -5.48 11.19
C GLU F 63 56.62 -4.65 10.21
N ALA F 64 56.56 -3.32 10.41
CA ALA F 64 55.87 -2.46 9.46
C ALA F 64 56.84 -2.16 8.34
N LYS F 65 56.80 -2.99 7.29
CA LYS F 65 57.74 -2.89 6.18
C LYS F 65 57.19 -2.08 5.02
N ASN F 66 56.10 -2.53 4.43
CA ASN F 66 55.56 -1.95 3.21
C ASN F 66 54.17 -1.38 3.48
N PHE F 67 53.59 -0.74 2.46
CA PHE F 67 52.29 -0.09 2.61
C PHE F 67 51.15 -1.09 2.72
N LEU F 68 51.35 -2.33 2.29
CA LEU F 68 50.39 -3.40 2.56
C LEU F 68 50.82 -4.09 3.86
N GLU F 69 50.39 -3.51 4.97
CA GLU F 69 50.92 -3.91 6.28
C GLU F 69 50.39 -5.26 6.72
N TRP F 70 49.07 -5.40 6.83
CA TRP F 70 48.47 -6.66 7.26
C TRP F 70 47.07 -6.76 6.68
N SER F 71 46.61 -7.98 6.50
CA SER F 71 45.22 -8.24 6.11
C SER F 71 44.34 -8.12 7.34
N PRO F 72 44.79 -8.61 8.49
CA PRO F 72 43.96 -8.57 9.71
C PRO F 72 43.94 -7.21 10.39
N ASN F 73 43.40 -7.17 11.61
CA ASN F 73 43.29 -5.97 12.45
C ASN F 73 44.64 -5.43 12.96
N LYS F 74 45.80 -5.94 12.52
CA LYS F 74 47.09 -5.41 12.95
C LYS F 74 47.27 -3.95 12.53
N ARG F 75 46.59 -3.51 11.47
CA ARG F 75 46.46 -2.08 11.20
C ARG F 75 45.77 -1.36 12.35
N LEU F 76 44.59 -1.84 12.73
CA LEU F 76 43.89 -1.25 13.87
C LEU F 76 44.59 -1.57 15.19
N ALA F 77 45.23 -2.74 15.29
CA ALA F 77 45.92 -3.11 16.53
C ALA F 77 47.18 -2.29 16.74
N ASN F 78 47.79 -1.79 15.66
CA ASN F 78 48.88 -0.85 15.81
C ASN F 78 48.38 0.58 15.97
N ALA F 79 47.21 0.89 15.39
CA ALA F 79 46.61 2.21 15.58
C ALA F 79 46.21 2.45 17.03
N VAL F 80 45.78 1.39 17.74
CA VAL F 80 45.49 1.50 19.16
C VAL F 80 46.78 1.81 19.95
N THR F 81 47.88 1.14 19.59
CA THR F 81 49.14 1.35 20.32
C THR F 81 49.77 2.70 20.00
N VAL F 82 49.55 3.23 18.81
CA VAL F 82 50.03 4.59 18.51
C VAL F 82 49.15 5.61 19.20
N ALA F 83 47.83 5.40 19.19
CA ALA F 83 46.90 6.35 19.81
C ALA F 83 46.97 6.31 21.34
N ALA F 84 47.50 5.26 21.93
CA ALA F 84 47.63 5.18 23.38
C ALA F 84 48.77 6.05 23.88
N LYS F 92 50.10 14.88 18.59
CA LYS F 92 49.03 15.72 19.12
C LYS F 92 47.81 15.69 18.22
N THR F 93 47.12 16.82 18.11
CA THR F 93 45.94 16.95 17.27
C THR F 93 46.12 18.01 16.19
N ASN F 94 46.57 19.21 16.55
CA ASN F 94 46.74 20.27 15.56
C ASN F 94 47.97 20.08 14.67
N GLN F 95 48.94 19.28 15.11
CA GLN F 95 50.09 18.97 14.29
C GLN F 95 49.81 17.86 13.27
N VAL F 96 48.70 17.15 13.42
CA VAL F 96 48.34 16.11 12.47
C VAL F 96 47.40 16.66 11.39
N ARG F 97 46.77 17.82 11.64
CA ARG F 97 45.87 18.44 10.68
C ARG F 97 46.55 18.83 9.38
N LYS F 98 47.86 19.08 9.41
CA LYS F 98 48.60 19.38 8.20
C LYS F 98 48.75 18.15 7.30
N ILE F 99 48.63 16.95 7.87
CA ILE F 99 48.63 15.73 7.10
C ILE F 99 47.22 15.16 6.93
N LEU F 100 46.33 15.36 7.90
CA LEU F 100 44.94 14.96 7.74
C LEU F 100 44.25 15.76 6.63
N ASP F 101 44.66 17.01 6.42
CA ASP F 101 44.19 17.75 5.26
C ASP F 101 44.93 17.33 3.99
N MET F 102 46.17 16.86 4.13
CA MET F 102 46.90 16.29 3.00
C MET F 102 46.30 14.94 2.61
N ALA F 103 45.65 14.26 3.55
CA ALA F 103 44.94 13.02 3.26
C ALA F 103 43.70 13.25 2.39
N ARG F 104 43.20 14.48 2.32
CA ARG F 104 42.06 14.80 1.46
C ARG F 104 42.49 14.88 0.00
N THR F 105 43.68 15.43 -0.27
CA THR F 105 44.11 15.69 -1.64
C THR F 105 44.53 14.44 -2.40
N THR F 106 44.71 13.31 -1.72
CA THR F 106 45.10 12.07 -2.37
C THR F 106 43.90 11.27 -2.87
N GLU F 107 42.69 11.82 -2.78
CA GLU F 107 41.47 11.14 -3.20
C GLU F 107 40.84 11.75 -4.44
N LEU F 108 40.80 13.08 -4.53
CA LEU F 108 40.15 13.74 -5.67
C LEU F 108 41.00 13.62 -6.93
N LYS F 109 42.32 13.55 -6.78
CA LYS F 109 43.20 13.49 -7.95
C LYS F 109 43.86 12.11 -8.06
N ILE F 117 50.36 14.84 -8.38
CA ILE F 117 50.23 13.39 -8.25
C ILE F 117 51.59 12.78 -7.93
N LYS F 118 52.58 13.05 -8.78
CA LYS F 118 53.91 12.50 -8.56
C LYS F 118 54.65 13.25 -7.46
N ASP F 119 54.59 14.58 -7.47
CA ASP F 119 55.24 15.39 -6.46
C ASP F 119 54.45 15.48 -5.16
N ASP F 120 53.19 15.03 -5.14
CA ASP F 120 52.37 15.09 -3.94
C ASP F 120 52.88 14.15 -2.86
N LEU F 121 53.45 13.00 -3.25
CA LEU F 121 54.03 12.09 -2.26
C LEU F 121 55.28 12.68 -1.63
N VAL F 122 56.10 13.36 -2.42
CA VAL F 122 57.30 14.02 -1.89
C VAL F 122 56.92 15.18 -0.98
N LYS F 123 55.88 15.94 -1.35
CA LYS F 123 55.39 17.01 -0.49
C LYS F 123 54.77 16.46 0.80
N MET F 124 54.10 15.30 0.73
CA MET F 124 53.53 14.70 1.94
C MET F 124 54.62 14.17 2.86
N ARG F 125 55.68 13.60 2.30
CA ARG F 125 56.81 13.18 3.12
C ARG F 125 57.54 14.36 3.73
N TYR F 126 57.63 15.50 3.02
CA TYR F 126 58.22 16.68 3.62
C TYR F 126 57.33 17.24 4.72
N LEU F 127 56.01 17.20 4.55
CA LEU F 127 55.12 17.66 5.61
C LEU F 127 55.13 16.71 6.80
N LEU F 128 55.44 15.42 6.56
CA LEU F 128 55.56 14.48 7.66
C LEU F 128 56.86 14.71 8.42
N ALA F 129 57.96 14.97 7.70
CA ALA F 129 59.22 15.32 8.35
C ALA F 129 59.19 16.72 8.96
N TYR F 130 58.25 17.56 8.53
CA TYR F 130 58.09 18.91 9.05
C TYR F 130 57.57 18.93 10.47
N THR F 131 56.93 17.85 10.93
CA THR F 131 56.41 17.78 12.29
C THR F 131 57.56 17.79 13.30
N VAL F 132 58.56 16.92 13.10
CA VAL F 132 59.80 17.05 13.85
C VAL F 132 60.71 18.10 13.24
N GLY F 133 60.40 18.60 12.04
CA GLY F 133 61.10 19.66 11.37
C GLY F 133 60.62 21.06 11.70
N LYS F 134 59.75 21.20 12.70
CA LYS F 134 59.32 22.49 13.23
C LYS F 134 59.49 22.59 14.73
N ALA F 135 59.20 21.53 15.48
CA ALA F 135 59.23 21.57 16.93
C ALA F 135 60.53 20.96 17.46
N THR F 136 61.22 21.73 18.29
CA THR F 136 62.46 21.30 18.93
C THR F 136 62.25 21.26 20.45
N GLY F 137 63.33 20.96 21.16
CA GLY F 137 63.29 20.93 22.61
C GLY F 137 63.01 19.53 23.13
N GLN F 138 62.00 19.40 23.99
CA GLN F 138 61.64 18.13 24.60
C GLN F 138 60.58 17.37 23.79
N SER F 139 60.35 17.76 22.54
CA SER F 139 59.37 17.12 21.68
C SER F 139 60.01 16.11 20.74
N LYS F 140 61.10 15.46 21.16
CA LYS F 140 61.79 14.48 20.34
C LYS F 140 61.56 13.05 20.79
N TYR F 141 61.31 12.83 22.08
CA TYR F 141 61.07 11.47 22.57
C TYR F 141 59.65 11.00 22.27
N SER F 142 58.67 11.88 22.45
CA SER F 142 57.29 11.53 22.14
C SER F 142 57.00 11.51 20.65
N LEU F 143 57.82 12.19 19.84
CA LEU F 143 57.65 12.20 18.39
C LEU F 143 58.67 11.30 17.70
N ASP F 144 59.22 10.32 18.41
CA ASP F 144 60.21 9.43 17.82
C ASP F 144 59.55 8.41 16.90
N ALA F 145 58.40 7.88 17.31
CA ALA F 145 57.70 6.87 16.53
C ALA F 145 56.95 7.45 15.34
N PHE F 146 56.76 8.77 15.27
CA PHE F 146 56.00 9.38 14.19
C PHE F 146 56.70 9.24 12.85
N HIS F 147 58.03 9.24 12.85
CA HIS F 147 58.81 8.92 11.66
C HIS F 147 58.90 7.42 11.42
N ARG F 148 58.62 6.62 12.45
CA ARG F 148 59.01 5.22 12.45
C ARG F 148 58.01 4.33 11.72
N ILE F 149 56.73 4.46 12.03
CA ILE F 149 55.75 3.53 11.46
C ILE F 149 55.35 3.96 10.05
N LEU F 150 55.18 5.25 9.84
CA LEU F 150 54.46 5.73 8.66
C LEU F 150 55.29 5.62 7.38
N ASP F 151 56.49 6.20 7.39
CA ASP F 151 57.36 6.30 6.22
C ASP F 151 57.79 4.98 5.56
N PRO F 152 57.90 3.84 6.26
CA PRO F 152 57.95 2.57 5.52
C PRO F 152 56.71 2.29 4.68
N MET F 153 55.53 2.74 5.11
CA MET F 153 54.32 2.56 4.32
C MET F 153 54.14 3.65 3.25
N LEU F 154 55.21 4.34 2.88
CA LEU F 154 55.20 5.34 1.81
C LEU F 154 56.35 5.20 0.83
N GLU F 155 57.47 4.56 1.19
CA GLU F 155 58.59 4.42 0.27
C GLU F 155 58.30 3.41 -0.82
N VAL F 156 57.43 2.43 -0.54
CA VAL F 156 57.04 1.44 -1.54
C VAL F 156 56.12 2.07 -2.59
N LEU F 157 55.39 3.12 -2.22
CA LEU F 157 54.37 3.73 -3.05
C LEU F 157 54.91 4.63 -4.16
N MET F 158 56.22 4.60 -4.43
CA MET F 158 56.76 5.39 -5.53
C MET F 158 56.38 4.78 -6.88
N GLY F 159 56.81 3.55 -7.13
CA GLY F 159 56.46 2.85 -8.35
C GLY F 159 55.22 2.00 -8.21
N SER F 160 54.07 2.64 -8.04
CA SER F 160 52.81 1.94 -7.85
C SER F 160 51.68 2.86 -8.27
N PRO F 161 50.54 2.31 -8.72
CA PRO F 161 49.39 3.16 -9.02
C PRO F 161 48.80 3.77 -7.76
N LYS F 162 48.14 4.92 -7.93
CA LYS F 162 47.58 5.66 -6.82
C LYS F 162 46.24 5.11 -6.34
N LYS F 163 45.63 4.19 -7.09
CA LYS F 163 44.32 3.67 -6.72
C LYS F 163 44.38 2.58 -5.66
N GLU F 164 45.54 1.96 -5.46
CA GLU F 164 45.69 0.86 -4.53
C GLU F 164 46.89 1.12 -3.61
N ASN F 165 46.96 0.30 -2.55
CA ASN F 165 48.05 0.18 -1.56
C ASN F 165 48.21 1.42 -0.68
N PHE F 166 47.34 2.43 -0.82
CA PHE F 166 47.42 3.63 0.00
C PHE F 166 46.30 3.70 1.03
N GLU F 167 45.18 3.03 0.76
CA GLU F 167 44.01 3.08 1.64
C GLU F 167 44.30 2.42 2.98
N LYS F 168 45.24 1.47 3.01
CA LYS F 168 45.66 0.89 4.28
C LYS F 168 46.43 1.90 5.11
N PHE F 169 47.33 2.66 4.47
CA PHE F 169 48.03 3.75 5.14
C PHE F 169 47.08 4.86 5.54
N TYR F 170 46.07 5.12 4.70
CA TYR F 170 45.04 6.11 5.01
C TYR F 170 44.26 5.70 6.27
N ASP F 171 43.80 4.45 6.30
CA ASP F 171 43.02 3.96 7.43
C ASP F 171 43.86 3.87 8.68
N PHE F 172 45.14 3.54 8.58
CA PHE F 172 46.01 3.54 9.75
C PHE F 172 46.25 4.96 10.26
N LEU F 173 46.57 5.89 9.36
CA LEU F 173 46.88 7.27 9.72
C LEU F 173 45.69 7.97 10.34
N GLN F 174 44.48 7.59 9.94
CA GLN F 174 43.31 8.22 10.53
C GLN F 174 42.65 7.38 11.63
N ALA F 175 43.02 6.11 11.77
CA ALA F 175 42.64 5.36 12.96
C ALA F 175 43.56 5.66 14.14
N VAL F 176 44.76 6.19 13.87
CA VAL F 176 45.55 6.82 14.93
C VAL F 176 44.75 7.95 15.56
N VAL F 177 44.29 8.88 14.72
CA VAL F 177 43.60 10.06 15.22
C VAL F 177 42.20 9.70 15.71
N ALA F 178 41.59 8.67 15.10
CA ALA F 178 40.25 8.26 15.46
C ALA F 178 40.18 7.69 16.87
N TYR F 179 41.26 7.08 17.34
CA TYR F 179 41.35 6.63 18.71
C TYR F 179 42.24 7.53 19.55
N HIS F 180 42.69 8.67 19.02
CA HIS F 180 43.61 9.52 19.77
C HIS F 180 42.89 10.30 20.85
N LYS F 181 41.76 10.92 20.51
CA LYS F 181 41.06 11.76 21.46
C LYS F 181 40.34 10.93 22.52
N PHE F 182 39.91 9.71 22.17
CA PHE F 182 39.25 8.86 23.14
C PHE F 182 40.25 8.27 24.12
N PHE F 183 41.37 7.76 23.62
CA PHE F 183 42.38 7.14 24.46
C PHE F 183 43.45 8.12 24.95
N GLY F 184 43.23 9.42 24.74
CA GLY F 184 44.17 10.42 25.21
C GLY F 184 45.44 10.51 24.39
N MET I 2 -6.74 28.78 -11.35
CA MET I 2 -7.43 29.02 -12.61
C MET I 2 -6.57 29.82 -13.60
N ASP I 3 -6.53 29.33 -14.84
CA ASP I 3 -5.93 29.99 -16.01
C ASP I 3 -4.42 30.22 -15.87
N ARG I 4 -3.67 29.12 -15.88
CA ARG I 4 -2.22 29.19 -16.02
C ARG I 4 -1.86 29.18 -17.49
N ARG I 5 -1.00 30.11 -17.90
CA ARG I 5 -0.65 30.27 -19.30
C ARG I 5 0.86 30.31 -19.46
N PHE I 6 1.32 30.44 -20.71
CA PHE I 6 2.74 30.39 -21.01
C PHE I 6 3.04 31.30 -22.19
N TYR I 7 3.94 32.24 -22.01
CA TYR I 7 4.35 33.09 -23.11
C TYR I 7 5.82 32.95 -23.46
N GLY I 8 6.67 32.63 -22.50
CA GLY I 8 8.09 32.52 -22.77
C GLY I 8 8.84 32.30 -21.47
N LYS I 9 10.16 32.30 -21.58
CA LYS I 9 11.02 32.07 -20.42
C LYS I 9 12.18 33.06 -20.48
N ILE I 10 12.11 34.13 -19.70
CA ILE I 10 13.22 35.10 -19.66
C ILE I 10 14.38 34.52 -18.88
N VAL I 11 15.51 34.35 -19.55
CA VAL I 11 16.66 33.63 -19.01
C VAL I 11 17.73 34.63 -18.64
N ILE I 12 18.20 34.57 -17.41
CA ILE I 12 19.22 35.45 -16.88
C ILE I 12 20.45 34.59 -16.60
N LYS I 13 21.46 34.65 -17.45
CA LYS I 13 22.69 33.96 -17.15
C LYS I 13 23.69 34.95 -16.59
N GLY I 14 24.90 34.49 -16.39
CA GLY I 14 25.95 35.37 -15.92
C GLY I 14 26.87 34.63 -14.97
N LYS I 15 27.48 35.40 -14.08
CA LYS I 15 28.46 34.92 -13.13
C LYS I 15 28.22 35.60 -11.79
N ILE I 16 28.75 35.01 -10.72
CA ILE I 16 28.69 35.61 -9.39
C ILE I 16 30.12 35.76 -8.92
N LYS I 17 30.68 36.96 -9.05
CA LYS I 17 32.04 37.20 -8.60
C LYS I 17 31.97 37.51 -7.12
N ALA I 18 32.13 36.50 -6.28
CA ALA I 18 32.22 36.71 -4.85
C ALA I 18 33.50 37.46 -4.53
N VAL I 19 33.38 38.75 -4.21
CA VAL I 19 34.55 39.59 -4.03
C VAL I 19 35.26 39.26 -2.73
N THR I 20 34.50 38.91 -1.71
CA THR I 20 35.06 38.48 -0.45
C THR I 20 34.77 37.00 -0.27
N GLY I 21 35.67 36.31 0.44
CA GLY I 21 35.56 34.89 0.75
C GLY I 21 34.24 34.46 1.35
N LEU I 22 33.70 33.35 0.84
CA LEU I 22 32.32 32.96 1.06
C LEU I 22 32.29 31.59 1.70
N HIS I 23 31.18 31.28 2.38
CA HIS I 23 31.04 30.05 3.14
C HIS I 23 29.57 29.69 3.20
N ILE I 24 29.14 28.73 2.39
CA ILE I 24 27.76 28.27 2.54
C ILE I 24 27.75 27.20 3.62
N GLY I 25 28.41 26.10 3.39
CA GLY I 25 28.49 25.07 4.42
C GLY I 25 27.23 24.29 4.69
N ASN I 38 34.26 22.82 9.90
CA ASN I 38 33.31 23.65 9.17
C ASN I 38 33.37 23.41 7.66
N PRO I 39 32.73 22.34 7.20
CA PRO I 39 32.85 22.00 5.78
C PRO I 39 31.87 22.76 4.89
N VAL I 40 32.39 23.39 3.84
CA VAL I 40 31.52 23.93 2.79
C VAL I 40 30.88 22.77 2.06
N ILE I 41 29.59 22.87 1.76
CA ILE I 41 28.94 21.83 0.98
C ILE I 41 29.40 21.92 -0.46
N LYS I 42 29.81 20.79 -1.00
CA LYS I 42 30.48 20.71 -2.29
C LYS I 42 29.81 19.63 -3.12
N ASP I 43 30.12 19.64 -4.40
CA ASP I 43 29.61 18.61 -5.29
C ASP I 43 30.31 17.29 -5.02
N PRO I 44 29.59 16.20 -4.74
CA PRO I 44 30.27 14.93 -4.44
C PRO I 44 30.94 14.30 -5.63
N HIS I 45 30.56 14.68 -6.85
CA HIS I 45 31.14 14.02 -8.00
C HIS I 45 32.41 14.71 -8.49
N THR I 46 32.45 16.03 -8.46
CA THR I 46 33.61 16.76 -8.99
C THR I 46 34.38 17.48 -7.90
N GLY I 47 34.10 17.20 -6.63
CA GLY I 47 34.94 17.69 -5.55
C GLY I 47 34.74 19.14 -5.17
N LEU I 48 34.80 20.04 -6.16
CA LEU I 48 34.69 21.48 -6.10
C LEU I 48 33.50 21.95 -5.28
N PRO I 49 33.54 23.14 -4.69
CA PRO I 49 32.33 23.67 -4.06
C PRO I 49 31.31 24.10 -5.10
N TYR I 50 30.14 24.53 -4.64
CA TYR I 50 29.17 25.16 -5.52
C TYR I 50 28.29 26.03 -4.66
N ILE I 51 27.65 27.01 -5.31
CA ILE I 51 26.54 27.74 -4.71
C ILE I 51 25.26 26.97 -5.03
N PRO I 52 24.48 26.57 -4.04
CA PRO I 52 23.23 25.88 -4.32
C PRO I 52 22.20 26.85 -4.88
N GLY I 53 21.11 26.29 -5.39
CA GLY I 53 20.08 27.14 -5.94
C GLY I 53 19.12 27.55 -4.86
N SER I 54 18.89 26.67 -3.88
CA SER I 54 18.00 27.00 -2.78
C SER I 54 18.62 28.07 -1.90
N SER I 55 19.94 28.05 -1.79
CA SER I 55 20.65 29.01 -0.96
C SER I 55 20.60 30.42 -1.53
N LEU I 56 20.44 30.56 -2.84
CA LEU I 56 20.31 31.88 -3.44
C LEU I 56 18.86 32.35 -3.44
N LYS I 57 17.94 31.42 -3.70
CA LYS I 57 16.52 31.77 -3.74
C LYS I 57 16.01 32.15 -2.37
N GLY I 58 16.43 31.45 -1.31
CA GLY I 58 16.01 31.80 0.03
C GLY I 58 16.57 33.12 0.53
N ARG I 59 17.79 33.46 0.13
CA ARG I 59 18.37 34.74 0.50
C ARG I 59 17.79 35.87 -0.32
N LEU I 60 17.39 35.63 -1.56
CA LEU I 60 16.65 36.65 -2.28
C LEU I 60 15.25 36.82 -1.73
N ARG I 61 14.63 35.76 -1.21
CA ARG I 61 13.27 35.89 -0.69
C ARG I 61 13.26 36.56 0.67
N SER I 62 14.20 36.23 1.54
CA SER I 62 14.26 36.86 2.84
C SER I 62 14.83 38.27 2.81
N LEU I 63 15.50 38.67 1.73
CA LEU I 63 15.88 40.07 1.54
C LEU I 63 14.88 40.80 0.67
N PHE I 64 13.71 40.24 0.46
CA PHE I 64 12.70 40.93 -0.29
C PHE I 64 11.39 40.99 0.48
N GLU I 65 11.13 39.99 1.34
CA GLU I 65 10.03 40.13 2.28
C GLU I 65 10.27 41.25 3.27
N ILE I 66 11.53 41.56 3.55
CA ILE I 66 11.87 42.71 4.37
C ILE I 66 11.59 44.01 3.63
N LEU I 67 11.81 44.04 2.32
CA LEU I 67 11.51 45.25 1.55
C LEU I 67 10.01 45.48 1.48
N VAL I 68 9.23 44.41 1.38
CA VAL I 68 7.80 44.53 1.25
C VAL I 68 7.16 44.86 2.59
N ASN I 69 7.60 44.19 3.66
CA ASN I 69 6.87 44.23 4.93
C ASN I 69 6.97 45.59 5.58
N SER I 70 8.14 46.21 5.55
CA SER I 70 8.33 47.49 6.20
C SER I 70 7.88 48.66 5.35
N ARG I 71 7.55 48.45 4.09
CA ARG I 71 6.97 49.49 3.24
C ARG I 71 5.66 48.93 2.73
N LEU I 72 4.59 49.10 3.49
CA LEU I 72 3.27 48.70 3.03
C LEU I 72 2.43 49.89 2.59
N GLY I 73 3.07 50.99 2.23
CA GLY I 73 2.36 52.13 1.69
C GLY I 73 2.47 52.23 0.19
N GLU I 74 3.68 52.03 -0.33
CA GLU I 74 3.95 52.25 -1.76
C GLU I 74 3.61 51.04 -2.62
N TRP I 75 2.98 50.01 -2.08
CA TRP I 75 2.77 48.80 -2.85
C TRP I 75 1.31 48.36 -2.85
N ARG I 76 0.57 48.66 -1.79
CA ARG I 76 -0.75 48.06 -1.60
C ARG I 76 -1.80 48.59 -2.57
N GLU I 77 -1.62 49.81 -3.08
CA GLU I 77 -2.47 50.26 -4.18
C GLU I 77 -2.10 49.57 -5.46
N LYS I 78 -0.84 49.19 -5.61
CA LYS I 78 -0.34 48.58 -6.83
C LYS I 78 -0.49 47.07 -6.80
N TYR I 79 -0.37 46.48 -5.62
CA TYR I 79 -0.66 45.05 -5.41
C TYR I 79 -1.81 44.95 -4.43
N PRO I 80 -3.00 44.55 -4.88
CA PRO I 80 -4.07 44.23 -3.94
C PRO I 80 -3.75 42.99 -3.11
N SER I 81 -4.65 42.72 -2.17
CA SER I 81 -4.55 41.64 -1.17
C SER I 81 -3.31 41.75 -0.30
N LEU I 82 -2.70 42.93 -0.21
CA LEU I 82 -1.86 43.27 0.92
C LEU I 82 -2.64 43.96 2.01
N ALA I 83 -3.93 44.18 1.80
CA ALA I 83 -4.80 44.76 2.82
C ALA I 83 -5.15 43.78 3.92
N ASN I 84 -4.69 42.54 3.86
CA ASN I 84 -4.87 41.57 4.94
C ASN I 84 -3.70 41.55 5.89
N TYR I 85 -2.75 42.49 5.75
CA TYR I 85 -1.53 42.42 6.55
C TYR I 85 -1.25 43.78 7.19
N SER I 86 -0.18 43.80 7.97
CA SER I 86 0.29 44.91 8.78
C SER I 86 1.72 44.58 9.20
N PRO I 87 2.62 45.57 9.31
CA PRO I 87 4.03 45.27 9.61
C PRO I 87 4.27 44.64 10.96
N GLY I 88 4.71 43.39 10.95
CA GLY I 88 4.92 42.64 12.18
C GLY I 88 5.27 41.20 11.91
N SER I 89 4.79 40.30 12.77
CA SER I 89 5.11 38.89 12.76
C SER I 89 4.20 38.17 13.74
N CYS I 90 3.85 36.93 13.42
CA CYS I 90 3.09 36.10 14.34
C CYS I 90 3.97 35.37 15.35
N ARG I 91 5.20 35.83 15.58
CA ARG I 91 6.04 35.26 16.63
C ARG I 91 5.50 35.42 18.05
N PRO I 92 4.97 36.61 18.52
CA PRO I 92 4.41 36.63 19.88
C PRO I 92 3.19 35.74 20.08
N ASP I 93 2.13 35.95 19.31
CA ASP I 93 0.96 35.08 19.46
C ASP I 93 1.13 33.80 18.64
N ASN I 94 0.05 33.06 18.44
CA ASN I 94 0.15 31.74 17.86
C ASN I 94 -0.79 31.52 16.69
N GLN I 95 -1.44 32.56 16.20
CA GLN I 95 -2.32 32.41 15.05
C GLN I 95 -1.51 32.30 13.76
N GLU I 96 -2.01 31.47 12.86
CA GLU I 96 -1.42 31.34 11.53
C GLU I 96 -1.97 32.36 10.56
N ASN I 97 -3.09 32.98 10.89
CA ASN I 97 -3.73 33.95 9.98
C ASN I 97 -4.30 35.09 10.82
N CYS I 98 -3.60 36.22 10.80
CA CYS I 98 -4.06 37.44 11.44
C CYS I 98 -3.51 38.61 10.62
N GLY I 99 -3.49 39.79 11.23
CA GLY I 99 -2.97 40.95 10.55
C GLY I 99 -1.46 41.01 10.45
N LYS I 100 -0.75 40.15 11.17
CA LYS I 100 0.69 40.14 11.10
C LYS I 100 1.14 39.51 9.79
N PHE I 101 2.31 39.96 9.30
CA PHE I 101 2.70 39.65 7.92
C PHE I 101 3.21 38.23 7.79
N PHE I 102 4.20 37.86 8.62
CA PHE I 102 4.77 36.54 8.51
C PHE I 102 3.81 35.50 9.08
N ASN I 103 3.00 34.91 8.20
CA ASN I 103 1.86 34.13 8.63
C ASN I 103 2.11 32.64 8.74
N ARG I 104 3.06 32.06 8.02
CA ARG I 104 3.32 30.64 8.14
C ARG I 104 4.47 30.37 9.09
N LYS I 105 4.21 29.48 10.05
CA LYS I 105 5.27 28.90 10.86
C LYS I 105 5.78 27.67 10.13
N ILE I 106 7.10 27.56 9.99
CA ILE I 106 7.64 26.44 9.25
C ILE I 106 7.60 25.21 10.14
N ASN I 107 8.44 25.18 11.16
CA ASN I 107 8.16 24.40 12.35
C ASN I 107 8.57 25.10 13.62
N ARG I 108 9.55 26.02 13.56
CA ARG I 108 9.92 26.89 14.67
C ARG I 108 10.25 28.31 14.20
N GLY I 109 10.03 28.63 12.92
CA GLY I 109 10.31 29.96 12.42
C GLY I 109 9.21 30.43 11.49
N TRP I 110 9.10 31.75 11.37
CA TRP I 110 7.97 32.40 10.73
C TRP I 110 8.38 33.09 9.44
N ILE I 111 7.66 32.76 8.36
CA ILE I 111 7.97 33.19 6.99
C ILE I 111 6.64 33.51 6.31
N HIS I 112 6.62 34.62 5.56
CA HIS I 112 5.44 35.01 4.79
C HIS I 112 5.17 34.09 3.62
N VAL I 113 4.02 33.45 3.61
CA VAL I 113 3.48 32.72 2.47
C VAL I 113 1.98 32.96 2.43
N CYS I 114 1.46 33.43 1.31
CA CYS I 114 0.01 33.61 1.19
C CYS I 114 -0.69 32.27 1.15
N PRO I 115 -1.74 32.06 1.94
CA PRO I 115 -2.32 30.72 2.05
C PRO I 115 -3.40 30.44 1.01
N ASP I 116 -3.47 31.30 0.00
CA ASP I 116 -4.50 31.20 -1.02
C ASP I 116 -3.83 31.34 -2.39
N TYR I 117 -4.47 30.78 -3.41
CA TYR I 117 -4.03 30.97 -4.79
C TYR I 117 -4.18 32.43 -5.19
N GLU I 118 -5.42 32.93 -5.20
CA GLU I 118 -5.67 34.23 -5.80
C GLU I 118 -5.51 35.38 -4.83
N THR I 119 -4.97 35.14 -3.64
CA THR I 119 -4.29 36.21 -2.94
C THR I 119 -2.82 36.26 -3.29
N ALA I 120 -2.22 35.10 -3.56
CA ALA I 120 -0.84 35.07 -4.03
C ALA I 120 -0.73 35.55 -5.47
N LEU I 121 -1.82 35.47 -6.22
CA LEU I 121 -1.84 35.99 -7.58
C LEU I 121 -1.82 37.52 -7.60
N ALA I 122 -2.12 38.17 -6.48
CA ALA I 122 -1.97 39.61 -6.36
C ALA I 122 -0.86 40.03 -5.41
N CYS I 123 -0.31 39.12 -4.61
CA CYS I 123 0.78 39.46 -3.70
C CYS I 123 2.07 39.71 -4.49
N PRO I 124 2.90 40.65 -4.08
CA PRO I 124 4.17 40.89 -4.78
C PRO I 124 5.32 40.01 -4.35
N VAL I 125 5.13 39.18 -3.33
CA VAL I 125 6.12 38.19 -2.95
C VAL I 125 5.74 36.82 -3.45
N CYS I 126 4.54 36.37 -3.13
CA CYS I 126 4.11 35.04 -3.48
C CYS I 126 3.57 34.95 -4.89
N ARG I 127 3.86 35.93 -5.74
CA ARG I 127 3.44 35.84 -7.16
C ARG I 127 4.68 35.55 -8.01
N LEU I 128 5.87 35.74 -7.42
CA LEU I 128 7.17 35.54 -8.12
C LEU I 128 7.93 34.37 -7.49
N PHE I 129 8.02 34.33 -6.15
CA PHE I 129 8.81 33.29 -5.43
C PHE I 129 7.94 32.07 -5.08
N GLY I 130 6.66 32.08 -5.46
CA GLY I 130 5.80 30.95 -5.17
C GLY I 130 5.33 30.78 -3.75
N ALA I 131 4.34 29.92 -3.55
CA ALA I 131 3.67 29.83 -2.27
C ALA I 131 3.11 28.42 -2.09
N SER I 132 2.93 28.03 -0.85
CA SER I 132 2.36 26.73 -0.53
C SER I 132 0.85 26.89 -0.37
N GLY I 133 0.21 25.90 0.23
CA GLY I 133 -1.20 26.04 0.57
C GLY I 133 -1.80 24.68 0.85
N LYS I 134 -2.90 24.71 1.58
CA LYS I 134 -3.78 23.55 1.67
C LYS I 134 -4.70 23.66 0.46
N GLU I 135 -4.48 22.76 -0.51
CA GLU I 135 -5.16 22.66 -1.82
C GLU I 135 -5.25 24.00 -2.55
N SER I 136 -4.29 24.89 -2.32
CA SER I 136 -4.28 26.15 -3.05
C SER I 136 -3.02 26.35 -3.88
N ASN I 137 -1.84 26.34 -3.23
CA ASN I 137 -0.52 26.04 -3.79
C ASN I 137 -0.19 26.79 -5.09
N PHE I 138 0.08 28.08 -4.98
CA PHE I 138 0.59 28.83 -6.14
C PHE I 138 2.04 28.46 -6.43
N PRO I 139 2.35 27.80 -7.54
CA PRO I 139 3.74 27.47 -7.85
C PRO I 139 4.48 28.69 -8.37
N SER I 140 5.81 28.59 -8.34
CA SER I 140 6.65 29.77 -8.52
C SER I 140 6.66 30.24 -9.95
N ARG I 141 7.44 31.28 -10.18
CA ARG I 141 7.69 31.76 -11.52
C ARG I 141 9.16 31.96 -11.83
N ILE I 142 10.04 32.01 -10.85
CA ILE I 142 11.45 31.93 -11.11
C ILE I 142 11.97 30.57 -10.66
N ILE I 143 12.91 30.03 -11.42
CA ILE I 143 13.65 28.86 -10.98
C ILE I 143 15.12 29.23 -10.96
N VAL I 144 15.79 28.82 -9.91
CA VAL I 144 17.16 29.22 -9.60
C VAL I 144 17.98 27.95 -9.54
N ARG I 145 19.00 27.86 -10.38
CA ARG I 145 19.73 26.63 -10.53
C ARG I 145 21.05 26.70 -9.78
N ASP I 146 21.63 25.53 -9.50
CA ASP I 146 22.83 25.47 -8.66
C ASP I 146 24.02 25.99 -9.46
N ALA I 147 24.69 26.99 -8.91
CA ALA I 147 25.80 27.62 -9.60
C ALA I 147 27.08 26.87 -9.28
N PHE I 148 27.62 26.18 -10.28
CA PHE I 148 28.94 25.58 -10.14
C PHE I 148 29.98 26.65 -10.48
N LEU I 149 31.24 26.26 -10.60
CA LEU I 149 32.27 27.21 -10.95
C LEU I 149 32.19 27.56 -12.44
N THR I 150 33.03 28.47 -12.87
CA THR I 150 33.22 28.64 -14.29
C THR I 150 34.43 27.82 -14.76
N LYS I 151 34.52 27.65 -16.08
CA LYS I 151 35.59 26.83 -16.67
C LYS I 151 36.97 27.45 -16.47
N GLU I 152 37.04 28.75 -16.24
CA GLU I 152 38.25 29.45 -15.82
C GLU I 152 38.52 29.30 -14.32
N TRP I 153 37.80 28.39 -13.65
CA TRP I 153 38.22 27.84 -12.37
C TRP I 153 38.40 26.32 -12.42
N GLU I 154 37.82 25.64 -13.42
CA GLU I 154 38.29 24.32 -13.81
C GLU I 154 39.76 24.37 -14.20
N GLU I 155 40.13 25.35 -15.02
CA GLU I 155 41.52 25.48 -15.45
C GLU I 155 42.41 26.03 -14.35
N LYS I 156 41.86 26.68 -13.33
CA LYS I 156 42.62 27.04 -12.15
C LYS I 156 42.66 25.93 -11.10
N TRP I 157 41.82 24.91 -11.24
CA TRP I 157 41.89 23.77 -10.35
C TRP I 157 42.85 22.69 -10.84
N ARG I 158 43.08 22.60 -12.15
CA ARG I 158 44.09 21.67 -12.66
C ARG I 158 45.51 22.13 -12.34
N ALA I 159 45.70 23.42 -12.05
CA ALA I 159 46.96 23.92 -11.56
C ALA I 159 47.16 23.67 -10.06
N GLY I 160 46.23 22.99 -9.41
CA GLY I 160 46.35 22.65 -7.99
C GLY I 160 46.27 23.84 -7.07
N GLU I 161 45.37 24.77 -7.35
CA GLU I 161 45.34 26.02 -6.61
C GLU I 161 44.22 25.99 -5.56
N ALA I 162 44.32 26.92 -4.61
CA ALA I 162 43.44 26.92 -3.45
C ALA I 162 42.04 27.38 -3.82
N ILE I 163 41.14 26.43 -4.01
CA ILE I 163 39.75 26.77 -4.30
C ILE I 163 39.07 27.27 -3.04
N THR I 164 39.61 26.95 -1.86
CA THR I 164 39.13 27.43 -0.58
C THR I 164 40.32 27.93 0.22
N GLU I 165 40.09 28.25 1.49
CA GLU I 165 41.15 28.56 2.44
C GLU I 165 40.62 28.34 3.84
N ALA I 166 41.52 27.94 4.73
CA ALA I 166 41.18 27.71 6.13
C ALA I 166 41.56 28.95 6.92
N LYS I 167 40.55 29.71 7.32
CA LYS I 167 40.74 30.92 8.10
C LYS I 167 40.56 30.57 9.57
N ILE I 168 41.31 31.24 10.44
CA ILE I 168 41.34 30.91 11.86
C ILE I 168 40.86 32.14 12.61
N GLU I 169 39.68 32.04 13.22
CA GLU I 169 39.01 33.21 13.80
C GLU I 169 38.86 32.98 15.29
N VAL I 170 39.63 33.71 16.08
CA VAL I 170 39.82 33.39 17.48
C VAL I 170 38.62 33.88 18.30
N GLY I 171 38.35 33.20 19.41
CA GLY I 171 37.36 33.65 20.38
C GLY I 171 37.97 34.06 21.69
N ILE I 172 38.03 35.36 21.95
CA ILE I 172 38.72 35.91 23.12
C ILE I 172 37.77 35.96 24.30
N ASP I 173 38.22 35.43 25.44
CA ASP I 173 37.44 35.51 26.67
C ASP I 173 37.43 36.95 27.19
N ARG I 174 36.27 37.41 27.62
CA ARG I 174 36.08 38.77 28.11
C ARG I 174 36.47 38.94 29.56
N VAL I 175 36.74 37.84 30.28
CA VAL I 175 37.04 37.91 31.70
C VAL I 175 38.49 37.50 31.95
N THR I 176 38.83 36.28 31.55
CA THR I 176 40.15 35.73 31.80
C THR I 176 41.17 36.10 30.74
N SER I 177 40.77 36.89 29.72
CA SER I 177 41.60 37.27 28.57
C SER I 177 42.17 36.04 27.86
N GLN I 178 41.37 35.00 27.77
CA GLN I 178 41.77 33.73 27.19
C GLN I 178 41.33 33.63 25.74
N ALA I 179 42.20 33.09 24.90
CA ALA I 179 41.84 32.81 23.53
C ALA I 179 41.11 31.47 23.43
N ASN I 180 40.33 31.32 22.36
CA ASN I 180 39.70 30.04 22.02
C ASN I 180 39.55 29.98 20.51
N PRO I 181 40.64 29.74 19.79
CA PRO I 181 40.59 29.81 18.34
C PRO I 181 39.93 28.58 17.73
N ARG I 182 39.35 28.80 16.55
CA ARG I 182 38.84 27.69 15.74
C ARG I 182 39.06 28.03 14.28
N THR I 183 38.87 27.02 13.45
CA THR I 183 39.08 27.14 12.01
C THR I 183 37.75 27.09 11.29
N ASN I 184 37.48 28.13 10.51
CA ASN I 184 36.46 28.12 9.48
C ASN I 184 37.14 27.76 8.16
N GLU I 185 36.36 27.16 7.27
CA GLU I 185 36.84 26.76 5.95
C GLU I 185 35.93 27.42 4.93
N ARG I 186 36.49 28.31 4.12
CA ARG I 186 35.67 29.21 3.33
C ARG I 186 36.24 29.33 1.93
N VAL I 187 35.35 29.57 0.96
CA VAL I 187 35.74 29.65 -0.44
C VAL I 187 36.62 30.87 -0.65
N VAL I 188 37.58 30.75 -1.56
CA VAL I 188 38.54 31.83 -1.81
C VAL I 188 37.82 33.04 -2.43
N ALA I 189 38.34 34.22 -2.16
CA ALA I 189 37.82 35.43 -2.77
C ALA I 189 38.09 35.43 -4.27
N GLY I 190 37.18 36.05 -5.01
CA GLY I 190 37.27 36.05 -6.45
C GLY I 190 36.73 34.81 -7.13
N ALA I 191 36.32 33.79 -6.37
CA ALA I 191 35.79 32.56 -6.92
C ALA I 191 34.45 32.84 -7.58
N GLU I 192 34.39 32.68 -8.89
CA GLU I 192 33.32 33.24 -9.70
C GLU I 192 32.43 32.09 -10.16
N PHE I 193 31.29 31.94 -9.50
CA PHE I 193 30.32 30.90 -9.77
C PHE I 193 29.36 31.36 -10.85
N GLU I 194 28.78 30.40 -11.56
CA GLU I 194 28.01 30.69 -12.78
C GLU I 194 26.54 30.42 -12.55
N PHE I 195 25.73 31.48 -12.45
CA PHE I 195 24.33 31.33 -12.07
C PHE I 195 23.44 31.18 -13.29
N GLU I 196 22.15 30.99 -13.02
CA GLU I 196 21.11 30.77 -14.01
C GLU I 196 19.75 31.02 -13.38
N ILE I 197 19.04 32.08 -13.77
CA ILE I 197 17.74 32.37 -13.18
C ILE I 197 16.72 32.47 -14.30
N ILE I 198 15.69 31.66 -14.25
CA ILE I 198 14.70 31.61 -15.32
C ILE I 198 13.39 32.15 -14.78
N TYR I 199 12.95 33.30 -15.29
CA TYR I 199 11.60 33.77 -15.06
C TYR I 199 10.67 33.15 -16.09
N ASN I 200 9.50 32.73 -15.64
CA ASN I 200 8.57 31.91 -16.41
C ASN I 200 7.35 32.75 -16.70
N VAL I 201 7.24 33.32 -17.88
CA VAL I 201 6.24 34.35 -18.14
C VAL I 201 4.86 33.70 -18.21
N GLU I 202 4.03 33.93 -17.20
CA GLU I 202 2.69 33.38 -17.13
C GLU I 202 1.59 34.38 -17.44
N ASN I 203 1.94 35.66 -17.59
CA ASN I 203 0.97 36.71 -17.85
C ASN I 203 1.69 37.92 -18.43
N THR I 204 1.19 38.44 -19.54
CA THR I 204 1.85 39.53 -20.23
C THR I 204 1.54 40.89 -19.64
N THR I 205 0.60 40.97 -18.71
CA THR I 205 0.29 42.26 -18.09
C THR I 205 1.40 42.69 -17.15
N HIS I 206 1.75 41.86 -16.19
CA HIS I 206 2.69 42.22 -15.14
C HIS I 206 3.86 41.23 -15.10
N TRP I 207 4.81 41.45 -16.00
CA TRP I 207 6.14 40.92 -15.85
C TRP I 207 7.16 42.02 -15.68
N ARG I 208 6.79 43.27 -15.98
CA ARG I 208 7.62 44.41 -15.61
C ARG I 208 7.80 44.46 -14.11
N ASP I 209 6.73 44.17 -13.39
CA ASP I 209 6.73 44.23 -11.94
C ASP I 209 7.65 43.17 -11.36
N ASP I 210 7.58 41.95 -11.89
CA ASP I 210 8.40 40.88 -11.37
C ASP I 210 9.86 41.02 -11.74
N ILE I 211 10.17 41.49 -12.95
CA ILE I 211 11.57 41.61 -13.34
C ILE I 211 12.24 42.79 -12.64
N LYS I 212 11.54 43.93 -12.54
CA LYS I 212 12.06 45.01 -11.71
C LYS I 212 12.13 44.61 -10.24
N ASN I 213 11.23 43.73 -9.81
CA ASN I 213 11.18 43.29 -8.43
C ASN I 213 12.36 42.38 -8.11
N LEU I 214 12.70 41.49 -9.05
CA LEU I 214 13.85 40.59 -8.93
C LEU I 214 15.17 41.33 -9.02
N LEU I 215 15.24 42.37 -9.86
CA LEU I 215 16.46 43.17 -9.88
C LEU I 215 16.59 44.02 -8.61
N THR I 216 15.46 44.40 -8.01
CA THR I 216 15.49 45.03 -6.68
C THR I 216 16.06 44.07 -5.64
N ALA I 217 15.64 42.81 -5.72
CA ALA I 217 16.19 41.79 -4.83
C ALA I 217 17.68 41.57 -5.05
N MET I 218 18.15 41.66 -6.30
CA MET I 218 19.58 41.52 -6.56
C MET I 218 20.36 42.71 -6.04
N ALA I 219 19.80 43.92 -6.13
CA ALA I 219 20.46 45.09 -5.56
C ALA I 219 20.52 45.01 -4.04
N LEU I 220 19.44 44.56 -3.40
CA LEU I 220 19.48 44.34 -1.96
C LEU I 220 20.32 43.15 -1.56
N LEU I 221 20.65 42.26 -2.48
CA LEU I 221 21.60 41.19 -2.20
C LEU I 221 23.04 41.65 -2.32
N GLU I 222 23.36 42.46 -3.34
CA GLU I 222 24.71 42.98 -3.43
C GLU I 222 24.99 44.03 -2.36
N ASP I 223 23.94 44.67 -1.84
CA ASP I 223 24.08 45.47 -0.63
C ASP I 223 24.40 44.58 0.56
N SER I 224 23.71 43.46 0.68
CA SER I 224 23.83 42.56 1.81
C SER I 224 24.89 41.49 1.50
N TYR I 225 24.90 40.40 2.27
CA TYR I 225 25.84 39.31 2.11
C TYR I 225 25.10 38.06 1.63
N LEU I 226 25.84 36.95 1.48
CA LEU I 226 25.28 35.67 1.07
C LEU I 226 26.00 34.55 1.81
N GLY I 227 25.28 33.84 2.67
CA GLY I 227 25.82 32.66 3.32
C GLY I 227 26.87 32.89 4.38
N GLY I 228 27.01 31.98 5.33
CA GLY I 228 27.95 32.19 6.41
C GLY I 228 27.47 33.27 7.34
N SER I 229 28.38 33.76 8.17
CA SER I 229 28.03 34.86 9.06
C SER I 229 27.81 36.14 8.28
N GLY I 230 28.81 36.57 7.51
CA GLY I 230 28.63 37.73 6.65
C GLY I 230 28.84 39.05 7.34
N SER I 231 28.38 39.14 8.59
CA SER I 231 28.74 40.24 9.47
C SER I 231 30.25 40.29 9.70
N ARG I 232 30.91 39.14 9.67
CA ARG I 232 32.36 39.07 9.76
C ARG I 232 33.04 39.00 8.40
N GLY I 233 32.28 38.96 7.31
CA GLY I 233 32.84 39.10 5.98
C GLY I 233 32.50 38.00 5.00
N TYR I 234 31.63 37.06 5.38
CA TYR I 234 31.45 35.86 4.57
C TYR I 234 30.59 36.04 3.33
N GLY I 235 30.19 37.25 2.96
CA GLY I 235 29.33 37.40 1.81
C GLY I 235 29.94 38.16 0.66
N LYS I 236 29.45 39.38 0.44
CA LYS I 236 29.86 40.27 -0.64
C LYS I 236 29.71 39.57 -2.00
N VAL I 237 28.47 39.36 -2.34
CA VAL I 237 28.07 38.75 -3.59
C VAL I 237 27.85 39.84 -4.62
N LYS I 238 28.35 39.64 -5.84
CA LYS I 238 28.27 40.66 -6.88
C LYS I 238 28.03 39.98 -8.22
N PHE I 239 26.85 40.24 -8.80
CA PHE I 239 26.48 39.60 -10.05
C PHE I 239 27.13 40.28 -11.24
N ILE I 240 27.48 39.48 -12.26
CA ILE I 240 27.96 40.01 -13.53
C ILE I 240 27.17 39.33 -14.64
N PHE I 241 26.36 40.11 -15.36
CA PHE I 241 25.40 39.57 -16.31
C PHE I 241 26.04 39.25 -17.64
N ASP I 242 25.69 38.09 -18.21
CA ASP I 242 26.09 37.74 -19.57
C ASP I 242 25.01 38.10 -20.58
N SER I 243 23.81 37.55 -20.39
CA SER I 243 22.76 37.72 -21.40
C SER I 243 21.41 37.47 -20.75
N PHE I 244 20.63 38.53 -20.53
CA PHE I 244 19.20 38.38 -20.51
C PHE I 244 18.74 37.91 -21.89
N GLU I 245 17.76 37.01 -21.91
CA GLU I 245 17.13 36.61 -23.15
C GLU I 245 15.63 36.61 -22.97
N PHE I 246 14.91 36.26 -24.01
CA PHE I 246 13.47 36.11 -23.80
C PHE I 246 12.94 34.73 -24.10
N ARG I 247 13.37 34.05 -25.18
CA ARG I 247 12.85 32.75 -25.60
C ARG I 247 11.34 32.72 -25.69
N PRO I 248 10.71 33.26 -26.73
CA PRO I 248 9.24 33.15 -26.82
C PRO I 248 8.73 31.73 -26.98
N LEU I 249 7.41 31.59 -27.06
CA LEU I 249 6.79 30.31 -27.31
C LEU I 249 7.22 29.74 -28.65
N ASP I 250 7.39 30.62 -29.65
CA ASP I 250 7.79 30.22 -30.99
C ASP I 250 9.21 29.68 -31.04
N TYR I 251 10.01 29.90 -30.01
CA TYR I 251 11.30 29.23 -29.96
C TYR I 251 11.16 27.74 -29.73
N TYR I 252 10.16 27.31 -28.96
CA TYR I 252 10.09 25.91 -28.59
C TYR I 252 9.40 25.08 -29.66
N ARG I 253 9.04 25.70 -30.77
CA ARG I 253 8.39 25.03 -31.88
C ARG I 253 9.21 25.07 -33.17
N THR I 254 10.09 26.05 -33.33
CA THR I 254 11.02 26.07 -34.45
C THR I 254 12.44 25.75 -34.05
N GLY I 255 12.87 26.14 -32.86
CA GLY I 255 14.22 25.88 -32.46
C GLY I 255 15.26 26.76 -33.11
N LYS I 256 14.85 27.83 -33.78
CA LYS I 256 15.75 28.70 -34.52
C LYS I 256 16.46 29.66 -33.56
N ASP I 257 17.12 30.68 -34.09
CA ASP I 257 17.49 31.84 -33.29
C ASP I 257 16.44 32.93 -33.50
N GLU I 258 15.28 32.65 -32.90
CA GLU I 258 14.11 33.53 -32.92
C GLU I 258 13.78 33.93 -31.49
N ASP I 259 14.80 34.29 -30.73
CA ASP I 259 14.63 34.69 -29.34
C ASP I 259 15.26 36.04 -29.09
N ILE I 260 14.56 36.86 -28.33
CA ILE I 260 14.96 38.24 -28.09
C ILE I 260 16.06 38.27 -27.04
N VAL I 261 17.16 38.93 -27.37
CA VAL I 261 18.35 38.93 -26.52
C VAL I 261 18.62 40.36 -26.07
N SER I 262 18.59 40.59 -24.77
CA SER I 262 19.05 41.85 -24.22
C SER I 262 20.56 41.76 -24.03
N ILE I 263 21.28 42.78 -24.48
CA ILE I 263 22.73 42.78 -24.45
C ILE I 263 23.17 43.74 -23.35
N ASP I 264 23.65 43.19 -22.25
CA ASP I 264 24.16 43.98 -21.12
C ASP I 264 25.42 43.32 -20.54
N ALA I 265 26.37 42.98 -21.42
CA ALA I 265 27.55 42.22 -21.02
C ALA I 265 28.48 42.97 -20.09
N ARG I 266 28.34 44.30 -19.98
CA ARG I 266 29.12 45.07 -19.03
C ARG I 266 28.31 45.67 -17.90
N GLU I 267 26.99 45.77 -18.05
CA GLU I 267 26.21 46.62 -17.16
C GLU I 267 25.99 45.94 -15.80
N LYS I 268 25.47 46.72 -14.86
CA LYS I 268 25.41 46.37 -13.46
C LYS I 268 23.95 46.14 -13.07
N SER I 269 23.74 45.41 -11.96
CA SER I 269 22.39 45.11 -11.49
C SER I 269 21.64 46.34 -11.05
N VAL I 270 22.35 47.37 -10.59
CA VAL I 270 21.68 48.64 -10.38
C VAL I 270 21.52 49.39 -11.69
N SER I 271 22.41 49.15 -12.65
CA SER I 271 22.32 49.87 -13.92
C SER I 271 21.26 49.26 -14.82
N ASP I 272 20.97 47.97 -14.67
CA ASP I 272 19.90 47.36 -15.46
C ASP I 272 18.54 47.78 -14.95
N ILE I 273 18.42 47.91 -13.64
CA ILE I 273 17.13 48.38 -13.02
C ILE I 273 17.04 49.90 -13.21
N LEU I 274 18.15 50.54 -13.61
CA LEU I 274 18.26 52.01 -13.80
C LEU I 274 17.50 52.48 -15.04
N SER I 275 17.16 53.78 -15.09
CA SER I 275 16.44 54.40 -16.18
C SER I 275 16.99 53.92 -17.52
N GLY I 276 16.18 53.10 -18.19
CA GLY I 276 16.67 52.25 -19.25
C GLY I 276 16.32 50.79 -19.09
N PHE I 277 15.57 50.43 -18.03
CA PHE I 277 14.88 49.15 -18.04
C PHE I 277 13.86 49.12 -19.17
N ASP I 278 13.08 50.19 -19.33
CA ASP I 278 12.08 50.22 -20.38
C ASP I 278 12.71 50.48 -21.74
N SER I 279 13.99 50.88 -21.77
CA SER I 279 14.70 51.03 -23.02
C SER I 279 15.34 49.73 -23.49
N LEU I 280 15.78 48.87 -22.57
CA LEU I 280 16.41 47.62 -22.97
C LEU I 280 15.41 46.51 -23.24
N PHE I 281 14.33 46.47 -22.47
CA PHE I 281 13.31 45.45 -22.60
C PHE I 281 12.27 45.75 -23.66
N SER I 282 12.50 46.76 -24.50
CA SER I 282 11.48 47.21 -25.46
C SER I 282 11.23 46.20 -26.56
N GLU I 283 12.19 45.34 -26.87
CA GLU I 283 11.92 44.27 -27.82
C GLU I 283 11.04 43.20 -27.21
N VAL I 284 11.22 42.94 -25.91
CA VAL I 284 10.34 42.03 -25.19
C VAL I 284 8.94 42.62 -25.12
N GLU I 285 8.87 43.94 -24.99
CA GLU I 285 7.59 44.64 -25.03
C GLU I 285 6.95 44.55 -26.41
N GLY I 286 7.77 44.55 -27.46
CA GLY I 286 7.24 44.37 -28.81
C GLY I 286 6.76 42.95 -29.06
N LYS I 287 7.35 41.97 -28.40
CA LYS I 287 6.94 40.58 -28.57
C LYS I 287 5.92 40.12 -27.53
N LEU I 288 5.86 40.81 -26.39
CA LEU I 288 5.01 40.49 -25.21
C LEU I 288 5.28 39.12 -24.63
N MET K 1 27.74 54.45 6.30
CA MET K 1 27.93 54.79 4.89
C MET K 1 28.68 53.64 4.19
N THR K 2 29.82 54.00 3.60
CA THR K 2 30.71 53.05 2.96
C THR K 2 32.10 53.69 2.83
N GLU K 3 33.10 52.82 2.72
CA GLU K 3 34.49 53.16 2.34
C GLU K 3 35.09 54.17 3.30
N ARG K 4 35.26 53.73 4.54
CA ARG K 4 36.02 54.49 5.52
C ARG K 4 37.42 53.89 5.55
N THR K 5 38.40 54.70 5.16
CA THR K 5 39.75 54.21 5.03
C THR K 5 40.45 54.22 6.38
N LEU K 6 41.34 53.25 6.56
CA LEU K 6 42.10 53.10 7.78
C LEU K 6 43.59 53.20 7.48
N LYS K 7 44.28 53.90 8.38
CA LYS K 7 45.73 54.03 8.38
C LYS K 7 46.29 53.39 9.64
N VAL K 8 47.55 52.97 9.56
CA VAL K 8 48.22 52.28 10.66
C VAL K 8 49.47 53.08 11.04
N LEU K 9 49.60 53.39 12.32
CA LEU K 9 50.72 54.17 12.84
C LEU K 9 51.63 53.36 13.76
N SER K 10 51.72 52.06 13.53
CA SER K 10 52.42 51.14 14.43
C SER K 10 52.72 49.85 13.68
N PRO K 11 53.47 48.90 14.24
CA PRO K 11 53.44 47.54 13.68
C PRO K 11 52.09 46.89 13.90
N LEU K 12 51.59 46.24 12.85
CA LEU K 12 50.28 45.58 12.91
C LEU K 12 50.47 44.12 12.52
N HIS K 13 50.25 43.24 13.49
CA HIS K 13 50.40 41.80 13.31
C HIS K 13 49.11 41.13 13.73
N ILE K 14 48.60 40.24 12.88
CA ILE K 14 47.44 39.41 13.20
C ILE K 14 47.95 37.98 13.38
N GLY K 15 47.75 37.42 14.56
CA GLY K 15 48.17 36.07 14.83
C GLY K 15 47.22 35.03 14.28
N THR K 16 47.81 33.97 13.74
CA THR K 16 47.05 32.84 13.20
C THR K 16 47.58 31.49 13.68
N GLY K 17 48.72 31.47 14.37
CA GLY K 17 49.30 30.23 14.83
C GLY K 17 50.10 29.48 13.79
N ASN K 18 51.12 30.13 13.23
CA ASN K 18 52.02 29.50 12.28
C ASN K 18 53.37 30.20 12.37
N GLU K 19 54.44 29.43 12.59
CA GLU K 19 55.77 29.97 12.74
C GLU K 19 56.66 29.55 11.58
N LEU K 20 57.55 30.46 11.17
CA LEU K 20 58.51 30.19 10.10
C LEU K 20 59.72 29.46 10.70
N THR K 21 59.97 28.25 10.20
CA THR K 21 61.11 27.47 10.63
C THR K 21 62.41 28.06 10.09
N PRO K 22 63.54 27.80 10.75
CA PRO K 22 64.83 28.27 10.21
C PRO K 22 65.26 27.63 8.90
N VAL K 23 64.68 26.48 8.52
CA VAL K 23 64.99 25.90 7.22
C VAL K 23 64.28 26.66 6.09
N ASP K 24 63.24 27.43 6.41
CA ASP K 24 62.53 28.23 5.42
C ASP K 24 63.14 29.61 5.21
N ILE K 25 64.10 30.01 6.04
CA ILE K 25 64.63 31.37 6.04
C ILE K 25 66.13 31.30 5.79
N TYR K 26 66.61 32.10 4.85
CA TYR K 26 68.05 32.27 4.62
C TYR K 26 68.30 33.72 4.19
N PRO K 27 68.54 34.63 5.14
CA PRO K 27 68.84 36.02 4.76
C PRO K 27 70.22 36.19 4.16
N ARG K 28 70.27 36.56 2.87
CA ARG K 28 71.54 36.78 2.20
C ARG K 28 72.17 38.09 2.64
N GLU K 29 71.36 39.04 3.09
CA GLU K 29 71.80 40.38 3.46
C GLU K 29 71.06 40.76 4.75
N ASN K 30 71.01 42.07 5.04
CA ASN K 30 70.13 42.57 6.08
C ASN K 30 68.66 42.31 5.74
N ILE K 31 68.33 42.25 4.45
CA ILE K 31 67.01 41.80 4.01
C ILE K 31 66.88 40.31 4.32
N ILE K 32 65.66 39.83 4.52
CA ILE K 32 65.41 38.41 4.73
C ILE K 32 64.62 37.86 3.54
N HIS K 33 64.58 36.54 3.44
CA HIS K 33 63.93 35.87 2.33
C HIS K 33 63.19 34.64 2.83
N VAL K 34 62.06 34.35 2.19
CA VAL K 34 61.28 33.15 2.45
C VAL K 34 61.56 32.16 1.31
N LEU K 35 62.16 31.03 1.65
CA LEU K 35 62.56 30.06 0.63
C LEU K 35 61.37 29.27 0.12
N ASP K 36 61.37 29.02 -1.19
CA ASP K 36 60.34 28.21 -1.84
C ASP K 36 60.76 26.74 -1.72
N THR K 37 60.47 26.15 -0.55
CA THR K 37 60.86 24.77 -0.28
C THR K 37 60.04 23.76 -1.07
N GLU K 38 58.88 24.16 -1.60
CA GLU K 38 58.15 23.30 -2.51
C GLU K 38 58.74 23.32 -3.92
N ARG K 39 59.61 24.28 -4.22
CA ARG K 39 60.25 24.37 -5.52
C ARG K 39 61.72 23.97 -5.43
N UNK K 40 62.36 24.30 -4.31
CA UNK K 40 63.77 24.00 -4.09
C UNK K 40 64.01 22.50 -3.89
N UNK K 41 62.98 21.79 -3.46
CA UNK K 41 63.05 20.34 -3.32
C UNK K 41 62.75 19.66 -4.66
N UNK K 42 62.24 20.46 -5.60
CA UNK K 42 61.94 19.96 -6.94
C UNK K 42 63.02 20.38 -7.93
N UNK K 43 63.67 21.51 -7.66
CA UNK K 43 64.74 22.01 -8.52
C UNK K 43 66.04 21.25 -8.25
N UNK K 44 66.15 20.69 -7.05
CA UNK K 44 67.32 19.91 -6.67
C UNK K 44 67.09 18.43 -6.97
N UNK K 45 65.91 18.11 -7.50
CA UNK K 45 65.58 16.74 -7.85
C UNK K 45 66.13 16.38 -9.23
N UNK K 46 66.51 17.40 -9.99
CA UNK K 46 67.08 17.20 -11.31
C UNK K 46 68.55 16.82 -11.20
N UNK K 47 69.17 17.18 -10.08
CA UNK K 47 70.58 16.87 -9.85
C UNK K 47 70.72 15.81 -8.76
N UNK K 48 69.64 15.60 -8.00
CA UNK K 48 69.64 14.62 -6.92
C UNK K 48 69.95 15.28 -5.58
N UNK K 49 66.84 13.52 -3.46
CA UNK K 49 67.01 12.29 -2.72
C UNK K 49 66.31 12.36 -1.36
N UNK K 50 66.76 11.53 -0.43
CA UNK K 50 66.17 11.51 0.91
C UNK K 50 67.05 12.28 1.90
N UNK K 51 67.90 13.15 1.37
CA UNK K 51 68.78 13.96 2.20
C UNK K 51 68.01 15.10 2.85
N UNK K 52 66.95 15.55 2.19
CA UNK K 52 66.14 16.66 2.67
C UNK K 52 65.33 16.25 3.91
N UNK K 53 64.78 15.04 3.87
CA UNK K 53 63.95 14.54 4.96
C UNK K 53 64.78 14.18 6.20
N UNK K 54 66.09 14.01 6.00
CA UNK K 54 67.00 13.77 7.11
C UNK K 54 67.55 15.09 7.63
N UNK K 55 67.74 16.06 6.72
CA UNK K 55 68.25 17.37 7.09
C UNK K 55 67.21 18.19 7.83
N UNK K 56 65.94 17.95 7.51
CA UNK K 56 64.86 18.61 8.20
C UNK K 56 64.58 17.88 9.51
N UNK K 57 64.92 16.60 9.56
CA UNK K 57 64.71 15.78 10.75
C UNK K 57 65.74 16.07 11.82
N UNK K 58 66.98 16.33 11.40
CA UNK K 58 68.07 16.56 12.32
C UNK K 58 67.97 17.94 12.97
N UNK K 59 67.77 18.96 12.15
CA UNK K 59 67.68 20.37 12.55
C UNK K 59 68.88 20.83 13.36
N UNK K 60 70.08 20.50 12.89
CA UNK K 60 71.31 20.86 13.57
C UNK K 60 71.82 22.23 13.11
N UNK K 61 73.08 22.52 13.40
CA UNK K 61 73.68 23.79 13.03
C UNK K 61 74.12 23.78 11.56
N UNK K 62 68.89 25.59 9.28
CA UNK K 62 69.25 26.58 10.28
C UNK K 62 70.42 27.42 9.81
N UNK K 63 71.64 27.02 10.20
CA UNK K 63 72.84 27.75 9.84
C UNK K 63 73.55 27.09 8.67
N UNK K 64 73.74 25.77 8.76
CA UNK K 64 74.43 25.02 7.72
C UNK K 64 73.45 24.23 6.87
N UNK K 65 72.19 24.19 7.29
CA UNK K 65 71.16 23.45 6.57
C UNK K 65 70.48 24.37 5.55
N UNK K 66 70.79 25.65 5.61
CA UNK K 66 70.22 26.63 4.69
C UNK K 66 71.32 27.26 3.83
N UNK K 67 72.57 27.06 4.23
CA UNK K 67 73.70 27.58 3.50
C UNK K 67 74.33 26.51 2.61
N UNK K 68 73.73 25.32 2.62
CA UNK K 68 74.22 24.21 1.81
C UNK K 68 73.56 24.20 0.44
N UNK K 69 72.60 25.11 0.25
CA UNK K 69 71.90 25.21 -1.03
C UNK K 69 72.45 26.36 -1.86
N UNK K 70 73.65 26.81 -1.51
CA UNK K 70 74.32 27.88 -2.24
C UNK K 70 75.12 27.32 -3.41
N UNK K 71 75.43 26.04 -3.34
CA UNK K 71 76.19 25.37 -4.40
C UNK K 71 75.28 25.03 -5.57
N UNK K 72 75.55 25.65 -6.72
CA UNK K 72 74.83 25.47 -7.99
C UNK K 72 73.33 25.73 -7.88
N UNK K 73 72.95 26.66 -7.02
CA UNK K 73 71.54 27.02 -6.81
C UNK K 73 71.44 28.43 -6.22
N UNK K 74 70.69 29.30 -6.88
CA UNK K 74 70.52 30.67 -6.42
C UNK K 74 69.17 31.23 -6.84
N UNK K 75 68.80 32.36 -6.22
CA UNK K 75 67.55 33.10 -6.47
C UNK K 75 66.30 32.24 -6.30
N UNK K 76 65.82 32.14 -5.07
CA UNK K 76 64.62 31.36 -4.77
C UNK K 76 63.88 31.94 -3.56
N UNK K 77 63.33 33.14 -3.72
CA UNK K 77 62.61 33.81 -2.64
C UNK K 77 61.10 33.79 -2.89
N UNK K 78 60.36 34.41 -1.98
CA UNK K 78 58.90 34.46 -2.09
C UNK K 78 58.37 35.85 -1.75
N UNK K 79 58.17 36.10 -0.47
CA UNK K 79 57.64 37.38 -0.01
C UNK K 79 58.77 38.39 0.20
N UNK K 80 59.82 37.94 0.90
CA UNK K 80 61.02 38.73 1.22
C UNK K 80 60.73 40.04 1.94
N UNK K 81 60.57 39.94 3.26
CA UNK K 81 60.34 41.13 4.08
C UNK K 81 61.67 41.73 4.55
N UNK K 82 61.60 42.76 5.40
CA UNK K 82 62.81 43.44 5.86
C UNK K 82 62.94 43.36 7.37
N UNK K 83 64.13 42.99 7.86
CA UNK K 83 64.37 42.80 9.29
C UNK K 83 64.35 44.12 10.05
N UNK K 84 64.65 45.22 9.34
CA UNK K 84 64.41 46.59 9.79
C UNK K 84 65.02 47.02 11.13
N UNK K 85 66.14 46.39 11.52
CA UNK K 85 66.77 46.74 12.78
C UNK K 85 67.86 45.75 13.20
N UNK K 86 68.13 45.69 14.49
CA UNK K 86 69.18 44.84 15.03
C UNK K 86 68.64 43.50 15.50
N UNK K 87 68.59 42.55 14.58
CA UNK K 87 68.17 41.18 14.90
C UNK K 87 68.73 40.22 13.88
N UNK K 88 69.83 39.56 14.23
CA UNK K 88 70.50 38.64 13.32
C UNK K 88 71.17 39.39 12.18
N ARG K 89 73.25 30.16 13.62
CA ARG K 89 73.15 31.23 14.61
C ARG K 89 71.83 31.98 14.50
N LYS K 90 70.86 31.36 13.83
CA LYS K 90 69.54 31.95 13.66
C LYS K 90 68.82 32.06 14.99
N SER K 91 68.48 30.91 15.57
CA SER K 91 67.83 30.76 16.89
C SER K 91 66.57 31.61 17.02
N MET K 92 65.66 31.43 16.06
CA MET K 92 64.52 32.33 15.93
C MET K 92 63.28 31.56 15.53
N GLN K 93 62.11 32.18 15.77
CA GLN K 93 60.80 31.68 15.37
C GLN K 93 59.97 32.85 14.88
N ILE K 94 59.87 33.02 13.57
CA ILE K 94 59.07 34.12 12.99
C ILE K 94 57.64 33.65 12.80
N LYS K 95 56.70 34.25 13.53
CA LYS K 95 55.29 34.05 13.25
C LYS K 95 54.88 34.80 11.99
N GLU K 96 53.86 34.30 11.30
CA GLU K 96 53.47 34.90 10.03
C GLU K 96 52.26 35.80 10.19
N PHE K 97 52.17 36.79 9.30
CA PHE K 97 50.99 37.61 9.16
C PHE K 97 50.04 36.97 8.15
N ILE K 98 48.74 37.19 8.34
CA ILE K 98 47.73 36.53 7.50
C ILE K 98 47.69 37.17 6.12
N LYS K 99 47.92 36.35 5.10
CA LYS K 99 47.81 36.77 3.67
C LYS K 99 47.08 35.66 2.91
N LEU K 100 45.94 35.97 2.27
CA LEU K 100 45.19 34.92 1.54
C LEU K 100 46.02 34.36 0.37
N ASN K 101 46.63 35.25 -0.41
CA ASN K 101 47.49 34.88 -1.57
C ASN K 101 48.64 35.89 -1.65
N GLY K 102 49.61 35.79 -0.74
CA GLY K 102 50.67 36.76 -0.71
C GLY K 102 50.20 38.19 -0.61
N ARG K 103 48.89 38.43 -0.62
CA ARG K 103 48.34 39.76 -0.41
C ARG K 103 47.78 39.87 1.00
N PRO K 104 48.36 40.72 1.85
CA PRO K 104 47.90 40.79 3.25
C PRO K 104 46.64 41.63 3.38
N TYR K 105 45.57 41.00 3.86
CA TYR K 105 44.34 41.73 4.13
C TYR K 105 44.07 41.68 5.61
N ILE K 106 43.18 42.56 6.04
CA ILE K 106 42.73 42.60 7.43
C ILE K 106 41.38 41.89 7.48
N PRO K 107 41.22 40.87 8.32
CA PRO K 107 39.93 40.18 8.41
C PRO K 107 38.88 41.07 9.06
N GLY K 108 37.62 40.74 8.80
CA GLY K 108 36.53 41.53 9.33
C GLY K 108 36.19 41.17 10.75
N SER K 109 36.39 39.91 11.13
CA SER K 109 36.15 39.49 12.51
C SER K 109 37.06 40.19 13.50
N SER K 110 38.30 40.44 13.09
CA SER K 110 39.26 41.18 13.90
C SER K 110 38.80 42.59 14.21
N LEU K 111 38.24 43.29 13.22
CA LEU K 111 37.78 44.64 13.43
C LEU K 111 36.44 44.69 14.14
N LYS K 112 35.56 43.72 13.87
CA LYS K 112 34.27 43.66 14.57
C LYS K 112 34.44 43.42 16.05
N GLY K 113 35.36 42.53 16.44
CA GLY K 113 35.63 42.34 17.86
C GLY K 113 36.26 43.56 18.52
N ALA K 114 37.11 44.29 17.78
CA ALA K 114 37.70 45.51 18.33
C ALA K 114 36.64 46.59 18.55
N ILE K 115 35.62 46.61 17.71
CA ILE K 115 34.44 47.43 17.95
C ILE K 115 33.65 46.91 19.16
N ARG K 116 33.43 45.60 19.23
CA ARG K 116 32.52 44.99 20.19
C ARG K 116 33.03 45.11 21.62
N THR K 117 34.34 44.97 21.83
CA THR K 117 34.89 45.09 23.17
C THR K 117 34.79 46.54 23.68
N ALA K 118 34.98 47.51 22.79
CA ALA K 118 34.79 48.93 23.13
C ALA K 118 33.34 49.24 23.48
N VAL K 119 32.41 48.76 22.64
CA VAL K 119 30.98 48.90 22.90
C VAL K 119 30.59 48.24 24.21
N LEU K 120 31.21 47.10 24.52
CA LEU K 120 30.91 46.37 25.75
C LEU K 120 31.41 47.10 26.99
N TYR K 121 32.63 47.65 26.92
CA TYR K 121 33.16 48.47 28.01
C TYR K 121 32.33 49.72 28.25
N LYS K 122 32.02 50.46 27.19
CA LYS K 122 31.27 51.70 27.34
C LYS K 122 29.82 51.43 27.75
N ALA K 123 29.27 50.27 27.40
CA ALA K 123 27.95 49.89 27.86
C ALA K 123 27.96 49.42 29.31
N LEU K 124 29.07 48.86 29.80
CA LEU K 124 29.27 48.70 31.22
C LEU K 124 29.37 50.02 31.97
N LYS K 125 29.93 51.06 31.34
CA LYS K 125 30.02 52.38 31.97
C LYS K 125 28.67 53.05 32.16
N GLU K 126 27.70 52.84 31.25
CA GLU K 126 26.53 53.70 31.18
C GLU K 126 25.50 53.40 32.27
N CYS K 127 24.88 52.22 32.23
CA CYS K 127 23.70 51.98 33.06
C CYS K 127 24.01 51.11 34.27
N UNK K 128 23.39 49.71 38.09
CA UNK K 128 22.91 49.27 39.39
C UNK K 128 21.39 49.38 39.46
N UNK K 129 20.89 50.62 39.44
CA UNK K 129 19.46 50.87 39.47
C UNK K 129 18.84 50.51 38.12
N UNK K 130 19.62 50.68 37.07
CA UNK K 130 19.19 50.35 35.72
C UNK K 130 19.53 48.91 35.34
N UNK K 131 20.43 48.31 36.11
CA UNK K 131 21.01 47.01 35.77
C UNK K 131 20.06 45.82 35.88
N UNK K 132 18.90 46.02 36.49
CA UNK K 132 17.96 44.94 36.68
C UNK K 132 16.72 45.19 35.84
N UNK K 133 16.81 46.15 34.93
CA UNK K 133 15.70 46.44 34.02
C UNK K 133 15.72 45.46 32.85
N UNK K 134 16.82 44.73 32.73
CA UNK K 134 16.98 43.70 31.72
C UNK K 134 16.93 42.32 32.34
N UNK K 135 17.50 42.19 33.53
CA UNK K 135 17.51 40.91 34.23
C UNK K 135 16.34 40.82 35.20
N UNK K 136 15.26 41.52 34.89
CA UNK K 136 14.04 41.47 35.70
C UNK K 136 13.34 40.12 35.55
N UNK K 137 17.58 40.41 41.47
CA UNK K 137 17.71 40.73 42.88
C UNK K 137 19.16 40.60 43.34
N UNK K 138 19.91 39.75 42.64
CA UNK K 138 21.32 39.56 42.95
C UNK K 138 22.18 40.59 42.22
N UNK K 139 21.57 41.30 41.28
CA UNK K 139 22.26 42.31 40.50
C UNK K 139 21.89 43.71 40.98
N UNK K 140 21.44 43.80 42.24
CA UNK K 140 21.06 45.07 42.82
C UNK K 140 21.37 45.10 44.32
N UNK K 141 21.56 43.92 44.90
CA UNK K 141 21.88 43.80 46.32
C UNK K 141 23.35 44.12 46.57
N UNK K 142 24.21 43.69 45.66
CA UNK K 142 25.64 43.93 45.79
C UNK K 142 26.04 45.21 45.05
N UNK K 143 25.24 45.58 44.05
CA UNK K 143 25.42 46.76 43.20
C UNK K 143 26.81 46.83 42.55
N UNK K 144 25.08 48.44 35.89
CA UNK K 144 26.44 47.91 35.88
C UNK K 144 26.67 46.97 37.06
N UNK K 145 26.35 45.70 36.86
CA UNK K 145 26.52 44.70 37.90
C UNK K 145 27.87 44.01 37.79
N UNK K 146 28.92 44.81 37.57
CA UNK K 146 30.28 44.30 37.45
C UNK K 146 30.80 43.84 38.81
N UNK K 147 30.35 44.53 39.86
CA UNK K 147 30.72 44.19 41.23
C UNK K 147 30.06 42.89 41.65
N UNK K 148 28.87 42.63 41.10
CA UNK K 148 28.20 41.35 41.32
C UNK K 148 28.87 40.28 40.46
N UNK K 149 29.38 40.70 39.30
CA UNK K 149 30.06 39.80 38.39
C UNK K 149 31.40 39.34 38.95
N UNK K 150 31.99 40.16 39.81
CA UNK K 150 33.26 39.81 40.46
C UNK K 150 33.05 38.69 41.48
N UNK K 151 31.86 38.66 42.07
CA UNK K 151 31.51 37.59 43.00
C UNK K 151 31.01 36.37 42.23
N UNK K 152 30.45 36.63 41.05
CA UNK K 152 30.00 35.56 40.16
C UNK K 152 31.19 34.80 39.59
N UNK K 153 32.27 35.53 39.33
CA UNK K 153 33.51 34.96 38.81
C UNK K 153 34.28 34.27 39.93
N UNK K 154 34.58 35.06 40.96
CA UNK K 154 35.32 34.56 42.12
C UNK K 154 34.37 34.13 43.22
N UNK K 155 37.41 27.27 26.48
CA UNK K 155 38.30 27.11 27.61
C UNK K 155 37.62 27.54 28.90
N UNK K 156 37.09 28.76 28.90
CA UNK K 156 36.40 29.31 30.06
C UNK K 156 35.05 29.89 29.67
N UNK K 157 34.03 29.58 30.47
CA UNK K 157 32.68 30.05 30.20
C UNK K 157 32.24 31.04 31.28
N UNK K 158 33.20 31.76 31.83
CA UNK K 158 32.90 32.78 32.84
C UNK K 158 32.63 34.14 32.17
N UNK K 159 32.90 34.22 30.87
CA UNK K 159 32.65 35.45 30.13
C UNK K 159 31.44 35.33 29.23
N UNK K 160 30.63 34.31 29.47
CA UNK K 160 29.34 34.20 28.81
C UNK K 160 28.30 34.83 29.71
N UNK K 161 28.67 35.02 30.99
CA UNK K 161 27.77 35.60 31.98
C UNK K 161 27.71 37.12 31.82
N UNK K 162 28.86 37.74 31.61
CA UNK K 162 28.93 39.17 31.34
C UNK K 162 28.26 39.50 30.02
N UNK K 163 28.46 38.63 29.03
CA UNK K 163 27.85 38.75 27.73
C UNK K 163 26.32 38.58 27.82
N UNK K 164 25.89 37.66 28.66
CA UNK K 164 24.47 37.40 28.88
C UNK K 164 23.80 38.57 29.61
N UNK K 165 24.54 39.20 30.50
CA UNK K 165 24.06 40.39 31.21
C UNK K 165 24.23 41.65 30.36
N UNK K 166 24.83 41.49 29.19
CA UNK K 166 24.94 42.58 28.23
C UNK K 166 24.14 42.37 26.94
N UNK K 167 23.97 41.12 26.51
CA UNK K 167 23.29 40.90 25.23
C UNK K 167 21.98 40.12 25.34
N UNK K 168 22.06 38.85 25.73
CA UNK K 168 20.88 38.00 25.68
C UNK K 168 20.47 37.45 27.03
N UNK K 169 19.21 37.66 27.38
CA UNK K 169 18.63 37.02 28.55
C UNK K 169 17.66 35.95 28.09
N UNK K 170 18.06 34.69 28.23
CA UNK K 170 17.30 33.56 27.70
C UNK K 170 16.10 33.21 28.55
N UNK K 171 15.44 32.12 28.18
CA UNK K 171 14.27 31.64 28.91
C UNK K 171 14.70 30.94 30.20
N ILE K 172 21.75 33.24 33.70
CA ILE K 172 21.19 33.16 32.35
C ILE K 172 22.27 32.78 31.34
N ARG K 173 21.82 32.01 30.34
CA ARG K 173 22.65 31.53 29.21
C ARG K 173 22.75 32.63 28.14
N TYR K 174 23.69 32.47 27.21
CA TYR K 174 23.89 33.44 26.14
C TYR K 174 23.28 32.93 24.84
N GLU K 175 22.23 33.63 24.39
CA GLU K 175 21.64 33.36 23.10
C GLU K 175 22.36 34.18 22.05
N PRO K 176 22.64 33.60 20.89
CA PRO K 176 23.29 34.40 19.83
C PRO K 176 22.38 35.43 19.22
N LYS K 177 21.07 35.22 19.24
CA LYS K 177 20.12 35.98 18.42
C LYS K 177 19.71 37.30 19.03
N ARG K 178 19.86 37.47 20.34
CA ARG K 178 19.55 38.71 21.02
C ARG K 178 20.85 39.49 21.17
N ASP K 179 21.28 40.10 20.07
CA ASP K 179 22.51 40.88 20.04
C ASP K 179 22.33 42.05 19.07
N PRO K 180 22.50 43.30 19.52
CA PRO K 180 22.54 44.43 18.58
C PRO K 180 23.76 44.43 17.69
N MET K 181 24.76 43.60 17.96
CA MET K 181 25.90 43.46 17.07
C MET K 181 25.72 42.37 16.03
N LYS K 182 24.50 41.85 15.85
CA LYS K 182 24.26 40.96 14.73
C LYS K 182 23.99 41.71 13.44
N ALA K 183 23.65 42.98 13.50
CA ALA K 183 23.30 43.76 12.33
C ALA K 183 24.44 44.63 11.84
N LEU K 184 25.51 44.77 12.62
CA LEU K 184 26.64 45.61 12.27
C LEU K 184 27.55 44.82 11.34
N ILE K 185 27.50 45.10 10.05
CA ILE K 185 28.26 44.32 9.07
C ILE K 185 29.54 45.08 8.74
N VAL K 186 30.67 44.50 9.14
CA VAL K 186 32.00 44.88 8.69
C VAL K 186 32.43 43.87 7.65
N ARG K 187 33.40 44.26 6.83
CA ARG K 187 33.83 43.38 5.75
C ARG K 187 35.35 43.35 5.67
N ASP K 188 35.86 42.26 5.10
CA ASP K 188 37.28 42.08 4.92
C ASP K 188 37.81 43.11 3.93
N SER K 189 38.69 43.98 4.40
CA SER K 189 39.09 45.14 3.63
C SER K 189 40.02 44.75 2.47
N LYS K 190 40.50 45.78 1.79
CA LYS K 190 41.37 45.59 0.63
C LYS K 190 42.71 45.01 1.06
N PRO K 191 43.39 44.30 0.17
CA PRO K 191 44.75 43.86 0.47
C PRO K 191 45.72 45.03 0.47
N VAL K 192 46.81 44.88 1.20
CA VAL K 192 47.80 45.95 1.29
C VAL K 192 48.82 45.83 0.17
N GLY K 193 49.57 44.73 0.15
CA GLY K 193 50.65 44.57 -0.80
C GLY K 193 51.96 44.17 -0.15
N ARG K 194 52.92 43.72 -0.97
CA ARG K 194 54.19 43.21 -0.45
C ARG K 194 55.10 44.31 0.09
N LYS K 195 54.87 45.56 -0.30
CA LYS K 195 55.79 46.64 0.06
C LYS K 195 55.67 47.07 1.52
N HIS K 196 54.61 46.67 2.22
CA HIS K 196 54.36 47.14 3.57
C HIS K 196 54.47 46.06 4.63
N LEU K 197 54.97 44.88 4.26
CA LEU K 197 55.12 43.76 5.19
C LEU K 197 56.60 43.64 5.56
N ALA K 198 56.90 43.70 6.86
CA ALA K 198 58.29 43.78 7.31
C ALA K 198 58.49 43.04 8.64
N VAL K 199 59.73 42.60 8.87
CA VAL K 199 60.08 41.86 10.08
C VAL K 199 60.52 42.83 11.18
N TYR K 200 60.02 42.61 12.39
CA TYR K 200 60.33 43.40 13.56
C TYR K 200 60.74 42.50 14.72
N HIS K 201 61.31 43.16 15.75
CA HIS K 201 62.05 42.53 16.84
C HIS K 201 61.39 42.95 18.16
N VAL K 202 60.38 42.19 18.58
CA VAL K 202 59.65 42.52 19.81
C VAL K 202 60.50 42.16 21.01
N GLU K 203 60.78 43.14 21.85
CA GLU K 203 61.54 42.91 23.08
C GLU K 203 60.58 42.92 24.27
N VAL K 204 60.71 41.92 25.14
CA VAL K 204 59.82 41.79 26.29
C VAL K 204 60.42 42.56 27.47
N ILE K 205 59.68 43.56 27.95
CA ILE K 205 60.08 44.36 29.11
C ILE K 205 59.14 44.04 30.26
N GLY K 206 59.71 43.74 31.42
CA GLY K 206 58.95 43.34 32.59
C GLY K 206 59.68 42.33 33.45
N ASN K 207 60.67 41.67 32.86
CA ASN K 207 61.64 40.86 33.58
C ASN K 207 62.99 41.57 33.58
N PRO K 208 63.90 41.25 34.51
CA PRO K 208 65.24 41.86 34.47
C PRO K 208 66.09 41.40 33.28
N GLN K 209 65.72 40.33 32.58
CA GLN K 209 66.47 39.87 31.43
C GLN K 209 65.55 39.86 30.21
N PRO K 210 65.63 40.86 29.32
CA PRO K 210 64.64 40.99 28.24
C PRO K 210 64.86 39.95 27.14
N ILE K 211 63.76 39.36 26.69
CA ILE K 211 63.82 38.26 25.72
C ILE K 211 63.22 38.72 24.39
N PRO K 212 63.73 38.21 23.26
CA PRO K 212 63.23 38.63 21.94
C PRO K 212 62.15 37.73 21.36
N ILE K 213 61.39 38.31 20.43
CA ILE K 213 60.45 37.62 19.55
C ILE K 213 60.58 38.19 18.15
N TRP K 214 60.97 37.36 17.19
CA TRP K 214 61.02 37.73 15.79
C TRP K 214 59.62 37.58 15.19
N VAL K 215 59.08 38.65 14.60
CA VAL K 215 57.72 38.57 14.07
C VAL K 215 57.60 39.49 12.88
N GLU K 216 56.81 39.07 11.88
CA GLU K 216 56.52 39.92 10.73
C GLU K 216 55.17 40.61 10.93
N ALA K 217 55.05 41.81 10.37
CA ALA K 217 53.90 42.67 10.61
C ALA K 217 53.80 43.70 9.49
N ILE K 218 52.87 44.64 9.65
CA ILE K 218 52.72 45.74 8.70
C ILE K 218 53.50 46.94 9.21
N GLU K 219 54.30 47.55 8.33
CA GLU K 219 55.00 48.77 8.69
C GLU K 219 54.01 49.94 8.82
N PRO K 220 54.31 50.93 9.64
CA PRO K 220 53.45 52.12 9.70
C PRO K 220 53.55 52.96 8.43
N GLY K 221 52.40 53.47 7.99
CA GLY K 221 52.29 54.20 6.75
C GLY K 221 51.42 53.54 5.71
N ALA K 222 51.07 52.26 5.90
CA ALA K 222 50.17 51.59 4.98
C ALA K 222 48.73 52.03 5.20
N ALA K 223 47.88 51.78 4.21
CA ALA K 223 46.50 52.25 4.27
C ALA K 223 45.61 51.32 3.45
N THR K 224 44.47 50.94 4.03
CA THR K 224 43.42 50.25 3.30
C THR K 224 42.08 50.94 3.57
N ASP K 225 40.99 50.30 3.16
CA ASP K 225 39.66 50.88 3.32
C ASP K 225 38.65 49.81 3.65
N VAL K 226 37.95 49.98 4.77
CA VAL K 226 36.94 49.03 5.22
C VAL K 226 35.59 49.67 4.94
N GLU K 227 34.59 48.84 4.64
CA GLU K 227 33.22 49.33 4.54
C GLU K 227 32.36 48.63 5.57
N ILE K 228 31.62 49.43 6.33
CA ILE K 228 30.80 48.99 7.45
C ILE K 228 29.43 49.62 7.26
N HIS K 229 28.36 48.86 7.51
CA HIS K 229 27.08 49.54 7.67
C HIS K 229 26.23 48.88 8.74
N VAL K 230 25.40 49.72 9.36
CA VAL K 230 24.37 49.29 10.30
C VAL K 230 23.12 48.97 9.48
N ASP K 231 22.66 47.74 9.56
CA ASP K 231 21.45 47.33 8.84
C ASP K 231 20.26 47.92 9.60
N THR K 232 19.76 49.05 9.09
CA THR K 232 18.74 49.85 9.76
C THR K 232 17.42 49.13 9.92
N GLU K 233 17.16 48.09 9.13
CA GLU K 233 15.94 47.30 9.27
C GLU K 233 16.06 46.25 10.37
N ALA K 234 17.24 45.65 10.53
CA ALA K 234 17.40 44.57 11.49
C ALA K 234 17.36 45.08 12.93
N LEU K 235 17.59 46.38 13.13
CA LEU K 235 17.31 46.98 14.42
C LEU K 235 15.82 47.26 14.60
N ARG K 236 15.13 47.60 13.50
CA ARG K 236 13.68 47.84 13.58
C ARG K 236 12.92 46.56 13.90
N LEU K 237 13.37 45.43 13.36
CA LEU K 237 12.57 44.21 13.45
C LEU K 237 12.68 43.55 14.81
N ASN K 238 13.60 44.02 15.67
CA ASN K 238 13.79 43.48 17.01
C ASN K 238 13.68 44.55 18.09
N ALA K 239 12.63 45.38 18.04
CA ALA K 239 12.42 46.35 19.11
C ALA K 239 11.99 45.68 20.40
N ASP K 240 11.32 44.52 20.30
CA ASP K 240 10.92 43.70 21.44
C ASP K 240 11.93 42.62 21.77
N TYR K 241 12.52 41.98 20.76
CA TYR K 241 13.27 40.75 20.96
C TYR K 241 14.68 40.99 21.49
N PHE K 242 15.26 42.16 21.23
CA PHE K 242 16.56 42.47 21.82
C PHE K 242 16.39 42.75 23.31
N ASN K 243 16.95 41.88 24.13
CA ASN K 243 16.57 41.73 25.53
C ASN K 243 17.85 41.77 26.37
N GLY K 244 18.26 42.97 26.78
CA GLY K 244 19.47 43.11 27.55
C GLY K 244 19.74 44.56 27.87
N LEU K 245 20.83 44.79 28.61
CA LEU K 245 21.20 46.14 29.01
C LEU K 245 21.86 46.93 27.89
N LEU K 246 22.11 46.31 26.73
CA LEU K 246 22.64 47.08 25.60
C LEU K 246 21.50 47.63 24.74
N TRP K 247 20.36 46.94 24.73
CA TRP K 247 19.19 47.45 24.02
C TRP K 247 18.47 48.53 24.84
N GLU K 248 18.76 48.60 26.14
CA GLU K 248 18.30 49.71 26.97
C GLU K 248 19.24 50.90 26.93
N CYS K 249 20.11 50.98 25.92
CA CYS K 249 20.96 52.13 25.68
C CYS K 249 20.70 52.79 24.33
N LEU K 250 19.97 52.10 23.45
CA LEU K 250 19.63 52.65 22.14
C LEU K 250 18.30 53.39 22.13
N LYS K 251 17.38 53.02 23.02
CA LYS K 251 16.05 53.63 23.06
C LYS K 251 16.01 54.94 23.83
N GLU K 252 17.16 55.47 24.25
CA GLU K 252 17.24 56.64 25.10
C GLU K 252 17.99 57.79 24.46
N ARG K 253 18.72 57.57 23.37
CA ARG K 253 19.30 58.65 22.59
C ARG K 253 18.33 59.19 21.53
N GLY K 254 17.29 58.45 21.22
CA GLY K 254 16.38 58.79 20.13
C GLY K 254 15.69 57.52 19.64
N GLU K 255 15.40 57.49 18.34
CA GLU K 255 14.80 56.30 17.73
C GLU K 255 15.85 55.21 17.66
N PRO K 256 15.62 54.05 18.31
CA PRO K 256 16.68 53.05 18.48
C PRO K 256 17.11 52.36 17.20
N GLY K 257 16.41 52.57 16.10
CA GLY K 257 16.88 52.14 14.81
C GLY K 257 17.56 53.25 14.04
N GLU K 258 18.06 54.27 14.76
CA GLU K 258 18.77 55.35 14.08
C GLU K 258 20.08 55.75 14.76
N VAL K 259 20.22 55.57 16.07
CA VAL K 259 21.34 56.20 16.78
C VAL K 259 22.29 55.08 17.22
N PHE K 260 22.38 54.02 16.41
CA PHE K 260 23.40 53.01 16.65
C PHE K 260 24.73 53.41 16.02
N GLU K 261 24.69 54.27 15.00
CA GLU K 261 25.91 54.85 14.44
C GLU K 261 26.61 55.76 15.43
N ASP K 262 25.86 56.64 16.09
CA ASP K 262 26.45 57.50 17.10
C ASP K 262 26.90 56.70 18.31
N PHE K 263 26.15 55.65 18.66
CA PHE K 263 26.54 54.76 19.75
C PHE K 263 27.80 53.96 19.42
N LEU K 264 28.08 53.77 18.13
CA LEU K 264 29.25 53.00 17.73
C LEU K 264 30.53 53.80 17.97
N TRP K 265 30.68 54.93 17.28
CA TRP K 265 31.94 55.65 17.22
C TRP K 265 32.28 56.38 18.51
N GLU K 266 31.26 56.75 19.30
CA GLU K 266 31.53 57.27 20.63
C GLU K 266 32.17 56.21 21.52
N ALA K 267 31.69 54.97 21.44
CA ALA K 267 32.33 53.88 22.16
C ALA K 267 33.74 53.61 21.63
N VAL K 268 33.92 53.75 20.31
CA VAL K 268 35.22 53.57 19.68
C VAL K 268 36.23 54.59 20.20
N ASP K 269 35.83 55.85 20.30
CA ASP K 269 36.76 56.86 20.80
C ASP K 269 36.84 56.91 22.33
N GLU K 270 35.89 56.36 23.06
CA GLU K 270 35.92 56.45 24.51
C GLU K 270 36.35 55.17 25.21
N PHE K 271 36.66 54.10 24.49
CA PHE K 271 37.41 53.02 25.12
C PHE K 271 38.91 53.13 24.90
N TYR K 272 39.34 53.24 23.64
CA TYR K 272 40.74 53.08 23.28
C TYR K 272 41.61 54.28 23.60
N THR K 273 41.01 55.43 23.88
CA THR K 273 41.77 56.60 24.32
C THR K 273 41.83 56.72 25.84
N ALA K 274 40.93 56.04 26.56
CA ALA K 274 41.04 55.97 28.01
C ALA K 274 42.19 55.08 28.45
N VAL K 275 42.57 54.10 27.63
CA VAL K 275 43.77 53.30 27.89
C VAL K 275 45.01 53.98 27.30
N MET K 276 44.83 54.97 26.40
CA MET K 276 45.95 55.75 25.90
C MET K 276 46.56 56.60 27.00
N LYS K 277 45.72 57.26 27.80
CA LYS K 277 46.23 58.09 28.88
C LYS K 277 46.57 57.26 30.12
N TYR K 278 46.05 56.04 30.21
CA TYR K 278 46.34 55.18 31.36
C TYR K 278 47.76 54.62 31.29
N GLU K 279 48.27 54.38 30.08
CA GLU K 279 49.61 53.85 29.91
C GLU K 279 50.69 54.92 30.04
N THR K 280 50.31 56.20 30.13
CA THR K 280 51.29 57.27 30.28
C THR K 280 51.81 57.37 31.72
N ILE K 281 51.13 56.76 32.69
CA ILE K 281 51.60 56.78 34.06
C ILE K 281 52.80 55.87 34.23
N GLU K 282 52.69 54.62 33.73
CA GLU K 282 53.80 53.68 33.83
C GLU K 282 54.92 54.06 32.85
N VAL K 283 56.14 54.11 33.37
CA VAL K 283 57.30 54.50 32.58
C VAL K 283 58.31 53.36 32.56
N GLN K 284 57.82 52.13 32.72
CA GLN K 284 58.69 50.97 32.72
C GLN K 284 59.16 50.59 31.32
N LYS K 285 58.45 51.02 30.28
CA LYS K 285 58.85 50.71 28.92
C LYS K 285 60.02 51.60 28.49
N PHE K 286 60.96 51.01 27.75
CA PHE K 286 62.17 51.64 27.22
C PHE K 286 63.02 52.32 28.30
N SER K 291 60.22 59.39 27.78
CA SER K 291 61.15 58.83 26.81
C SER K 291 60.51 58.76 25.42
N GLN K 292 60.82 57.68 24.68
CA GLN K 292 60.25 57.51 23.35
C GLN K 292 58.79 57.09 23.41
N VAL K 293 58.41 56.31 24.43
CA VAL K 293 57.03 55.85 24.56
C VAL K 293 56.10 57.01 24.94
N ARG K 294 56.57 57.87 25.86
CA ARG K 294 55.78 59.04 26.24
C ARG K 294 55.69 60.06 25.10
N SER K 295 56.76 60.20 24.32
CA SER K 295 56.72 61.08 23.16
C SER K 295 55.87 60.51 22.02
N PHE K 296 55.72 59.19 21.97
CA PHE K 296 54.83 58.57 20.99
C PHE K 296 53.37 58.64 21.41
N TYR K 297 53.10 58.55 22.71
CA TYR K 297 51.73 58.71 23.20
C TYR K 297 51.26 60.15 23.09
N ALA K 298 52.17 61.11 23.18
CA ALA K 298 51.80 62.51 23.01
C ALA K 298 51.53 62.84 21.55
N SER K 299 52.11 62.08 20.62
CA SER K 299 51.88 62.29 19.21
C SER K 299 50.61 61.63 18.71
N LEU K 300 49.98 60.77 19.51
CA LEU K 300 48.72 60.16 19.11
C LEU K 300 47.56 61.15 19.17
N GLU K 301 47.67 62.20 19.97
CA GLU K 301 46.66 63.24 20.02
C GLU K 301 46.87 64.21 18.86
N ASP K 302 45.91 65.13 18.71
CA ASP K 302 45.83 66.10 17.60
C ASP K 302 45.84 65.39 16.25
N HIS K 303 44.98 64.38 16.12
CA HIS K 303 44.92 63.54 14.92
C HIS K 303 43.46 63.22 14.64
N SER K 304 42.97 63.60 13.47
CA SER K 304 41.59 63.32 13.09
C SER K 304 41.41 61.84 12.80
N GLY K 305 40.29 61.30 13.24
CA GLY K 305 39.98 59.89 13.05
C GLY K 305 39.65 59.21 14.37
N HIS K 306 39.47 57.90 14.28
CA HIS K 306 39.11 57.08 15.42
C HIS K 306 40.22 56.08 15.69
N VAL K 307 40.68 56.03 16.94
CA VAL K 307 41.85 55.25 17.35
C VAL K 307 41.36 53.95 17.97
N LEU K 308 41.98 52.83 17.59
CA LEU K 308 41.69 51.55 18.23
C LEU K 308 42.88 50.60 18.12
N ARG K 309 42.75 49.44 18.77
CA ARG K 309 43.78 48.43 18.86
C ARG K 309 43.38 47.17 18.07
N LEU K 310 44.38 46.50 17.50
CA LEU K 310 44.16 45.29 16.73
C LEU K 310 45.32 44.33 16.85
N GLY K 311 45.00 43.04 16.96
CA GLY K 311 45.98 42.00 16.72
C GLY K 311 46.46 41.28 17.96
N TRP K 312 47.67 40.72 17.85
CA TRP K 312 48.33 40.05 18.97
C TRP K 312 48.94 41.02 19.97
N GLY K 313 49.43 42.17 19.49
CA GLY K 313 50.17 43.11 20.32
C GLY K 313 49.34 43.79 21.40
N SER K 314 48.02 43.77 21.24
CA SER K 314 47.10 44.28 22.26
C SER K 314 47.09 43.31 23.43
N GLY K 315 47.58 43.76 24.58
CA GLY K 315 47.68 42.90 25.75
C GLY K 315 46.41 42.77 26.55
N TRP K 316 46.54 42.76 27.88
CA TRP K 316 45.40 42.58 28.76
C TRP K 316 44.53 43.84 28.84
N LEU K 317 45.11 45.02 28.66
CA LEU K 317 44.38 46.26 28.81
C LEU K 317 43.63 46.70 27.56
N ALA K 318 43.76 45.96 26.44
CA ALA K 318 43.13 46.36 25.19
C ALA K 318 42.27 45.26 24.57
N MET K 319 41.99 44.19 25.31
CA MET K 319 41.16 43.09 24.82
C MET K 319 40.09 42.71 25.81
N THR K 320 40.08 43.32 27.00
CA THR K 320 39.34 42.83 28.15
C THR K 320 38.72 44.02 28.87
N ILE K 321 37.56 43.80 29.50
CA ILE K 321 36.86 44.83 30.27
C ILE K 321 37.67 45.25 31.51
N GLY K 322 38.60 44.41 31.96
CA GLY K 322 39.36 44.57 33.20
C GLY K 322 40.11 45.86 33.48
N LEU K 323 40.18 46.77 32.50
CA LEU K 323 40.59 48.14 32.78
C LEU K 323 39.61 48.83 33.73
N LEU K 324 38.33 48.47 33.65
CA LEU K 324 37.34 48.92 34.63
C LEU K 324 37.58 48.33 36.02
N LEU K 325 38.25 47.18 36.10
CA LEU K 325 38.49 46.48 37.36
C LEU K 325 39.73 46.98 38.10
N VAL K 326 40.31 48.09 37.67
CA VAL K 326 41.51 48.62 38.31
C VAL K 326 41.17 49.40 39.57
N GLU K 327 40.09 50.18 39.54
CA GLU K 327 39.73 51.04 40.66
C GLU K 327 39.13 50.28 41.84
N LYS K 328 38.83 48.98 41.70
CA LYS K 328 38.30 48.22 42.81
C LYS K 328 39.38 47.91 43.85
N GLY K 329 40.61 47.68 43.42
CA GLY K 329 41.70 47.43 44.33
C GLY K 329 41.85 45.98 44.75
N TYR K 330 41.45 45.66 45.97
CA TYR K 330 41.60 44.30 46.49
C TYR K 330 40.53 43.35 45.99
N LYS K 331 39.36 43.87 45.57
CA LYS K 331 38.29 43.02 45.08
C LYS K 331 38.62 42.39 43.74
N TRP K 332 39.49 43.01 42.94
CA TRP K 332 40.02 42.39 41.74
C TRP K 332 41.35 41.70 41.94
N GLU K 333 42.14 42.14 42.93
CA GLU K 333 43.39 41.45 43.25
C GLU K 333 43.14 40.09 43.88
N ASN K 334 42.01 39.90 44.56
CA ASN K 334 41.65 38.58 45.08
C ASN K 334 41.02 37.69 44.00
N VAL K 335 40.65 38.26 42.86
CA VAL K 335 40.06 37.49 41.77
C VAL K 335 41.15 37.13 40.77
N ARG K 336 42.19 37.97 40.70
CA ARG K 336 43.32 37.68 39.82
C ARG K 336 44.14 36.50 40.31
N LYS K 337 44.24 36.32 41.63
CA LYS K 337 44.93 35.16 42.18
C LYS K 337 44.11 33.88 42.06
N LYS K 338 42.79 34.00 41.93
CA LYS K 338 41.93 32.82 41.78
C LYS K 338 41.77 32.40 40.33
N LEU K 339 41.70 33.36 39.41
CA LEU K 339 41.59 33.02 37.99
C LEU K 339 42.94 32.56 37.44
N GLY K 340 43.96 33.39 37.57
CA GLY K 340 45.30 33.00 37.18
C GLY K 340 46.02 34.02 36.33
N LEU K 341 47.19 34.46 36.80
CA LEU K 341 48.01 35.43 36.09
C LEU K 341 49.43 35.31 36.60
N GLY K 342 50.39 35.16 35.69
CA GLY K 342 51.79 35.00 36.07
C GLY K 342 52.15 33.55 36.33
N LYS K 343 53.10 33.02 35.58
CA LYS K 343 53.52 31.63 35.72
C LYS K 343 54.97 31.53 35.27
N LYS K 344 55.51 30.30 35.35
CA LYS K 344 56.90 29.94 35.05
C LYS K 344 57.91 30.77 35.83
N ARG K 352 51.67 43.07 40.90
CA ARG K 352 51.53 43.33 39.48
C ARG K 352 51.98 42.12 38.65
N GLU K 353 51.17 41.06 38.66
CA GLU K 353 51.50 39.88 37.87
C GLU K 353 51.04 40.03 36.43
N PHE K 354 49.84 40.56 36.23
CA PHE K 354 49.32 40.77 34.89
C PHE K 354 49.86 42.03 34.19
N PRO K 355 50.04 43.22 34.86
CA PRO K 355 50.74 44.31 34.17
C PRO K 355 52.26 44.21 34.23
N LYS K 356 52.78 43.04 34.58
CA LYS K 356 54.21 42.77 34.49
C LYS K 356 54.67 42.74 33.03
N THR K 357 53.92 42.07 32.16
CA THR K 357 54.34 41.83 30.79
C THR K 357 54.16 43.09 29.95
N ARG K 358 55.21 43.48 29.21
CA ARG K 358 55.15 44.57 28.24
C ARG K 358 55.78 44.09 26.94
N ARG K 359 55.00 44.11 25.85
CA ARG K 359 55.44 43.64 24.54
C ARG K 359 55.40 44.81 23.55
N LEU K 360 56.56 45.15 22.97
CA LEU K 360 56.65 46.17 21.93
C LEU K 360 57.93 45.96 21.12
N ALA K 361 57.94 46.49 19.90
CA ALA K 361 59.05 46.33 18.98
C ALA K 361 59.65 47.69 18.63
N ASP K 362 61.00 47.75 18.63
CA ASP K 362 61.78 48.91 18.18
C ASP K 362 61.48 50.18 18.98
N GLY K 363 61.11 50.00 20.25
CA GLY K 363 60.76 51.13 21.09
C GLY K 363 59.45 51.80 20.74
N MET K 364 58.55 51.11 20.05
CA MET K 364 57.27 51.66 19.64
C MET K 364 56.16 50.70 20.03
N PRO K 365 55.10 51.19 20.68
CA PRO K 365 53.93 50.34 20.95
C PRO K 365 53.21 49.98 19.66
N MET K 366 52.93 48.69 19.48
CA MET K 366 52.41 48.17 18.23
C MET K 366 50.91 47.96 18.30
N GLY K 367 50.25 48.09 17.15
CA GLY K 367 48.84 47.77 17.02
C GLY K 367 47.89 48.94 17.17
N TRP K 368 48.17 50.07 16.52
CA TRP K 368 47.35 51.27 16.61
C TRP K 368 46.79 51.60 15.23
N VAL K 369 45.46 51.61 15.09
CA VAL K 369 44.79 51.79 13.80
C VAL K 369 43.82 52.96 13.91
N VAL K 370 43.86 53.86 12.92
CA VAL K 370 42.99 55.03 12.87
C VAL K 370 42.05 54.90 11.67
N LEU K 371 40.76 54.95 11.95
CA LEU K 371 39.68 54.88 10.97
C LEU K 371 39.16 56.28 10.63
N GLU K 372 38.85 56.47 9.35
CA GLU K 372 38.11 57.67 8.93
C GLU K 372 37.29 57.37 7.68
ZN ZN L . -35.21 -19.86 -16.57
ZN ZN M . -9.80 -14.33 -39.17
ZN ZN N . -7.39 16.63 -25.39
ZN ZN O . 2.48 36.48 -0.27
#